data_6PCE
# 
_entry.id   6PCE 
# 
_audit_conform.dict_name       mmcif_pdbx.dic 
_audit_conform.dict_version    5.399 
_audit_conform.dict_location   http://mmcif.pdb.org/dictionaries/ascii/mmcif_pdbx.dic 
# 
loop_
_database_2.database_id 
_database_2.database_code 
_database_2.pdbx_database_accession 
_database_2.pdbx_DOI 
PDB   6PCE         pdb_00006pce 10.2210/pdb6pce/pdb 
WWPDB D_1000242317 ?            ?                   
# 
loop_
_pdbx_audit_revision_history.ordinal 
_pdbx_audit_revision_history.data_content_type 
_pdbx_audit_revision_history.major_revision 
_pdbx_audit_revision_history.minor_revision 
_pdbx_audit_revision_history.revision_date 
1 'Structure model' 1 0 2019-10-02 
2 'Structure model' 1 1 2020-01-01 
3 'Structure model' 1 2 2024-11-20 
# 
_pdbx_audit_revision_details.ordinal             1 
_pdbx_audit_revision_details.revision_ordinal    1 
_pdbx_audit_revision_details.data_content_type   'Structure model' 
_pdbx_audit_revision_details.provider            repository 
_pdbx_audit_revision_details.type                'Initial release' 
_pdbx_audit_revision_details.description         ? 
_pdbx_audit_revision_details.details             ? 
# 
loop_
_pdbx_audit_revision_group.ordinal 
_pdbx_audit_revision_group.revision_ordinal 
_pdbx_audit_revision_group.data_content_type 
_pdbx_audit_revision_group.group 
1 2 'Structure model' 'Author supporting evidence' 
2 3 'Structure model' 'Data collection'            
3 3 'Structure model' 'Database references'        
4 3 'Structure model' 'Structure summary'          
# 
loop_
_pdbx_audit_revision_category.ordinal 
_pdbx_audit_revision_category.revision_ordinal 
_pdbx_audit_revision_category.data_content_type 
_pdbx_audit_revision_category.category 
1 2 'Structure model' pdbx_audit_support        
2 3 'Structure model' chem_comp_atom            
3 3 'Structure model' chem_comp_bond            
4 3 'Structure model' database_2                
5 3 'Structure model' pdbx_entry_details        
6 3 'Structure model' pdbx_modification_feature 
# 
loop_
_pdbx_audit_revision_item.ordinal 
_pdbx_audit_revision_item.revision_ordinal 
_pdbx_audit_revision_item.data_content_type 
_pdbx_audit_revision_item.item 
1 2 'Structure model' '_pdbx_audit_support.funding_organization'     
2 3 'Structure model' '_database_2.pdbx_DOI'                         
3 3 'Structure model' '_database_2.pdbx_database_accession'          
4 3 'Structure model' '_pdbx_entry_details.has_protein_modification' 
# 
_pdbx_database_status.status_code                     REL 
_pdbx_database_status.status_code_sf                  REL 
_pdbx_database_status.status_code_mr                  ? 
_pdbx_database_status.entry_id                        6PCE 
_pdbx_database_status.recvd_initial_deposition_date   2019-06-17 
_pdbx_database_status.SG_entry                        N 
_pdbx_database_status.deposit_site                    RCSB 
_pdbx_database_status.process_site                    RCSB 
_pdbx_database_status.status_code_cs                  ? 
_pdbx_database_status.methods_development_category    ? 
_pdbx_database_status.pdb_format_compatible           Y 
_pdbx_database_status.status_code_nmr_data            ? 
# 
loop_
_audit_author.name 
_audit_author.pdbx_ordinal 
_audit_author.identifier_ORCID 
'Maher, M.J.' 1 0000-0003-0848-9640 
'Maghool, S.' 2 0000-0001-7788-9061 
# 
_citation.abstract                  ? 
_citation.abstract_id_CAS           ? 
_citation.book_id_ISBN              ? 
_citation.book_publisher            ? 
_citation.book_publisher_city       ? 
_citation.book_title                ? 
_citation.coordinate_linkage        ? 
_citation.country                   US 
_citation.database_id_Medline       ? 
_citation.details                   ? 
_citation.id                        primary 
_citation.journal_abbrev            'Life Sci Alliance' 
_citation.journal_id_ASTM           ? 
_citation.journal_id_CSD            ? 
_citation.journal_id_ISSN           2575-1077 
_citation.journal_full              ? 
_citation.journal_issue             ? 
_citation.journal_volume            2 
_citation.language                  ? 
_citation.page_first                ? 
_citation.page_last                 ? 
_citation.title                     
'Structural and functional characterization of the mitochondrial complex IV assembly factor Coa6.' 
_citation.year                      2019 
_citation.database_id_CSD           ? 
_citation.pdbx_database_id_DOI      10.26508/lsa.201900458 
_citation.pdbx_database_id_PubMed   31515291 
_citation.unpublished_flag          ? 
# 
loop_
_citation_author.citation_id 
_citation_author.name 
_citation_author.ordinal 
_citation_author.identifier_ORCID 
primary 'Maghool, S.'    1 0000-0001-7788-9061 
primary 'Cooray, N.D.G.' 2 ?                   
primary 'Stroud, D.A.'   3 0000-0002-2048-3383 
primary 'Aragao, D.'     4 0000-0002-6551-4657 
primary 'Ryan, M.T.'     5 0000-0003-2586-8829 
primary 'Maher, M.J.'    6 0000-0003-0848-9640 
# 
loop_
_entity.id 
_entity.type 
_entity.src_method 
_entity.pdbx_description 
_entity.formula_weight 
_entity.pdbx_number_of_molecules 
_entity.pdbx_ec 
_entity.pdbx_mutation 
_entity.pdbx_fragment 
_entity.details 
1 polymer     man 'Cytochrome c oxidase assembly factor 6 homolog' 8550.630 2  ? ? ? ? 
2 non-polymer syn 'SULFATE ION'                                    96.063   1  ? ? ? ? 
3 water       nat water                                            18.015   53 ? ? ? ? 
# 
_entity_poly.entity_id                      1 
_entity_poly.type                           'polypeptide(L)' 
_entity_poly.nstd_linkage                   no 
_entity_poly.nstd_monomer                   no 
_entity_poly.pdbx_seq_one_letter_code       PSMKERQVCWGARDEYWKCLDENLEDASQCKKLRSSFESSCPQQWIKYFDKRRDYLKFKEKFEAGQFEPS 
_entity_poly.pdbx_seq_one_letter_code_can   PSMKERQVCWGARDEYWKCLDENLEDASQCKKLRSSFESSCPQQWIKYFDKRRDYLKFKEKFEAGQFEPS 
_entity_poly.pdbx_strand_id                 A,B 
_entity_poly.pdbx_target_identifier         ? 
# 
loop_
_pdbx_entity_nonpoly.entity_id 
_pdbx_entity_nonpoly.name 
_pdbx_entity_nonpoly.comp_id 
2 'SULFATE ION' SO4 
3 water         HOH 
# 
loop_
_entity_poly_seq.entity_id 
_entity_poly_seq.num 
_entity_poly_seq.mon_id 
_entity_poly_seq.hetero 
1 1  PRO n 
1 2  SER n 
1 3  MET n 
1 4  LYS n 
1 5  GLU n 
1 6  ARG n 
1 7  GLN n 
1 8  VAL n 
1 9  CYS n 
1 10 TRP n 
1 11 GLY n 
1 12 ALA n 
1 13 ARG n 
1 14 ASP n 
1 15 GLU n 
1 16 TYR n 
1 17 TRP n 
1 18 LYS n 
1 19 CYS n 
1 20 LEU n 
1 21 ASP n 
1 22 GLU n 
1 23 ASN n 
1 24 LEU n 
1 25 GLU n 
1 26 ASP n 
1 27 ALA n 
1 28 SER n 
1 29 GLN n 
1 30 CYS n 
1 31 LYS n 
1 32 LYS n 
1 33 LEU n 
1 34 ARG n 
1 35 SER n 
1 36 SER n 
1 37 PHE n 
1 38 GLU n 
1 39 SER n 
1 40 SER n 
1 41 CYS n 
1 42 PRO n 
1 43 GLN n 
1 44 GLN n 
1 45 TRP n 
1 46 ILE n 
1 47 LYS n 
1 48 TYR n 
1 49 PHE n 
1 50 ASP n 
1 51 LYS n 
1 52 ARG n 
1 53 ARG n 
1 54 ASP n 
1 55 TYR n 
1 56 LEU n 
1 57 LYS n 
1 58 PHE n 
1 59 LYS n 
1 60 GLU n 
1 61 LYS n 
1 62 PHE n 
1 63 GLU n 
1 64 ALA n 
1 65 GLY n 
1 66 GLN n 
1 67 PHE n 
1 68 GLU n 
1 69 PRO n 
1 70 SER n 
# 
_entity_src_gen.entity_id                          1 
_entity_src_gen.pdbx_src_id                        1 
_entity_src_gen.pdbx_alt_source_flag               sample 
_entity_src_gen.pdbx_seq_type                      'Biological sequence' 
_entity_src_gen.pdbx_beg_seq_num                   1 
_entity_src_gen.pdbx_end_seq_num                   70 
_entity_src_gen.gene_src_common_name               Human 
_entity_src_gen.gene_src_genus                     ? 
_entity_src_gen.pdbx_gene_src_gene                 'COA6, C1orf31' 
_entity_src_gen.gene_src_species                   ? 
_entity_src_gen.gene_src_strain                    ? 
_entity_src_gen.gene_src_tissue                    ? 
_entity_src_gen.gene_src_tissue_fraction           ? 
_entity_src_gen.gene_src_details                   ? 
_entity_src_gen.pdbx_gene_src_fragment             ? 
_entity_src_gen.pdbx_gene_src_scientific_name      'Homo sapiens' 
_entity_src_gen.pdbx_gene_src_ncbi_taxonomy_id     9606 
_entity_src_gen.pdbx_gene_src_variant              ? 
_entity_src_gen.pdbx_gene_src_cell_line            ? 
_entity_src_gen.pdbx_gene_src_atcc                 ? 
_entity_src_gen.pdbx_gene_src_organ                ? 
_entity_src_gen.pdbx_gene_src_organelle            ? 
_entity_src_gen.pdbx_gene_src_cell                 ? 
_entity_src_gen.pdbx_gene_src_cellular_location    ? 
_entity_src_gen.host_org_common_name               ? 
_entity_src_gen.pdbx_host_org_scientific_name      'Escherichia coli' 
_entity_src_gen.pdbx_host_org_ncbi_taxonomy_id     562 
_entity_src_gen.host_org_genus                     ? 
_entity_src_gen.pdbx_host_org_gene                 ? 
_entity_src_gen.pdbx_host_org_organ                ? 
_entity_src_gen.host_org_species                   ? 
_entity_src_gen.pdbx_host_org_tissue               ? 
_entity_src_gen.pdbx_host_org_tissue_fraction      ? 
_entity_src_gen.pdbx_host_org_strain               ? 
_entity_src_gen.pdbx_host_org_variant              ? 
_entity_src_gen.pdbx_host_org_cell_line            ? 
_entity_src_gen.pdbx_host_org_atcc                 ? 
_entity_src_gen.pdbx_host_org_culture_collection   ? 
_entity_src_gen.pdbx_host_org_cell                 ? 
_entity_src_gen.pdbx_host_org_organelle            ? 
_entity_src_gen.pdbx_host_org_cellular_location    ? 
_entity_src_gen.pdbx_host_org_vector_type          ? 
_entity_src_gen.pdbx_host_org_vector               ? 
_entity_src_gen.host_org_details                   ? 
_entity_src_gen.expression_system_id               ? 
_entity_src_gen.plasmid_name                       ? 
_entity_src_gen.plasmid_details                    ? 
_entity_src_gen.pdbx_description                   ? 
# 
loop_
_chem_comp.id 
_chem_comp.type 
_chem_comp.mon_nstd_flag 
_chem_comp.name 
_chem_comp.pdbx_synonyms 
_chem_comp.formula 
_chem_comp.formula_weight 
ALA 'L-peptide linking' y ALANINE         ? 'C3 H7 N O2'     89.093  
ARG 'L-peptide linking' y ARGININE        ? 'C6 H15 N4 O2 1' 175.209 
ASN 'L-peptide linking' y ASPARAGINE      ? 'C4 H8 N2 O3'    132.118 
ASP 'L-peptide linking' y 'ASPARTIC ACID' ? 'C4 H7 N O4'     133.103 
CYS 'L-peptide linking' y CYSTEINE        ? 'C3 H7 N O2 S'   121.158 
GLN 'L-peptide linking' y GLUTAMINE       ? 'C5 H10 N2 O3'   146.144 
GLU 'L-peptide linking' y 'GLUTAMIC ACID' ? 'C5 H9 N O4'     147.129 
GLY 'peptide linking'   y GLYCINE         ? 'C2 H5 N O2'     75.067  
HOH non-polymer         . WATER           ? 'H2 O'           18.015  
ILE 'L-peptide linking' y ISOLEUCINE      ? 'C6 H13 N O2'    131.173 
LEU 'L-peptide linking' y LEUCINE         ? 'C6 H13 N O2'    131.173 
LYS 'L-peptide linking' y LYSINE          ? 'C6 H15 N2 O2 1' 147.195 
MET 'L-peptide linking' y METHIONINE      ? 'C5 H11 N O2 S'  149.211 
PHE 'L-peptide linking' y PHENYLALANINE   ? 'C9 H11 N O2'    165.189 
PRO 'L-peptide linking' y PROLINE         ? 'C5 H9 N O2'     115.130 
SER 'L-peptide linking' y SERINE          ? 'C3 H7 N O3'     105.093 
SO4 non-polymer         . 'SULFATE ION'   ? 'O4 S -2'        96.063  
TRP 'L-peptide linking' y TRYPTOPHAN      ? 'C11 H12 N2 O2'  204.225 
TYR 'L-peptide linking' y TYROSINE        ? 'C9 H11 N O3'    181.189 
VAL 'L-peptide linking' y VALINE          ? 'C5 H11 N O2'    117.146 
# 
loop_
_pdbx_poly_seq_scheme.asym_id 
_pdbx_poly_seq_scheme.entity_id 
_pdbx_poly_seq_scheme.seq_id 
_pdbx_poly_seq_scheme.mon_id 
_pdbx_poly_seq_scheme.ndb_seq_num 
_pdbx_poly_seq_scheme.pdb_seq_num 
_pdbx_poly_seq_scheme.auth_seq_num 
_pdbx_poly_seq_scheme.pdb_mon_id 
_pdbx_poly_seq_scheme.auth_mon_id 
_pdbx_poly_seq_scheme.pdb_strand_id 
_pdbx_poly_seq_scheme.pdb_ins_code 
_pdbx_poly_seq_scheme.hetero 
A 1 1  PRO 1  50  ?   ?   ?   A . n 
A 1 2  SER 2  51  ?   ?   ?   A . n 
A 1 3  MET 3  52  52  MET MET A . n 
A 1 4  LYS 4  53  53  LYS LYS A . n 
A 1 5  GLU 5  54  54  GLU GLU A . n 
A 1 6  ARG 6  55  55  ARG ARG A . n 
A 1 7  GLN 7  56  56  GLN GLN A . n 
A 1 8  VAL 8  57  57  VAL VAL A . n 
A 1 9  CYS 9  58  58  CYS CYS A . n 
A 1 10 TRP 10 59  59  TRP TRP A . n 
A 1 11 GLY 11 60  60  GLY GLY A . n 
A 1 12 ALA 12 61  61  ALA ALA A . n 
A 1 13 ARG 13 62  62  ARG ARG A . n 
A 1 14 ASP 14 63  63  ASP ASP A . n 
A 1 15 GLU 15 64  64  GLU GLU A . n 
A 1 16 TYR 16 65  65  TYR TYR A . n 
A 1 17 TRP 17 66  66  TRP TRP A . n 
A 1 18 LYS 18 67  67  LYS LYS A . n 
A 1 19 CYS 19 68  68  CYS CYS A . n 
A 1 20 LEU 20 69  69  LEU LEU A . n 
A 1 21 ASP 21 70  70  ASP ASP A . n 
A 1 22 GLU 22 71  71  GLU GLU A . n 
A 1 23 ASN 23 72  72  ASN ASN A . n 
A 1 24 LEU 24 73  73  LEU LEU A . n 
A 1 25 GLU 25 74  74  GLU GLU A . n 
A 1 26 ASP 26 75  75  ASP ASP A . n 
A 1 27 ALA 27 76  76  ALA ALA A . n 
A 1 28 SER 28 77  77  SER SER A . n 
A 1 29 GLN 29 78  78  GLN GLN A . n 
A 1 30 CYS 30 79  79  CYS CYS A . n 
A 1 31 LYS 31 80  80  LYS LYS A . n 
A 1 32 LYS 32 81  81  LYS LYS A . n 
A 1 33 LEU 33 82  82  LEU LEU A . n 
A 1 34 ARG 34 83  83  ARG ARG A . n 
A 1 35 SER 35 84  84  SER SER A . n 
A 1 36 SER 36 85  85  SER SER A . n 
A 1 37 PHE 37 86  86  PHE PHE A . n 
A 1 38 GLU 38 87  87  GLU GLU A . n 
A 1 39 SER 39 88  88  SER SER A . n 
A 1 40 SER 40 89  89  SER SER A . n 
A 1 41 CYS 41 90  90  CYS CYS A . n 
A 1 42 PRO 42 91  91  PRO PRO A . n 
A 1 43 GLN 43 92  92  GLN GLN A . n 
A 1 44 GLN 44 93  93  GLN GLN A . n 
A 1 45 TRP 45 94  94  TRP TRP A . n 
A 1 46 ILE 46 95  95  ILE ILE A . n 
A 1 47 LYS 47 96  96  LYS LYS A . n 
A 1 48 TYR 48 97  97  TYR TYR A . n 
A 1 49 PHE 49 98  98  PHE PHE A . n 
A 1 50 ASP 50 99  99  ASP ASP A . n 
A 1 51 LYS 51 100 100 LYS LYS A . n 
A 1 52 ARG 52 101 101 ARG ARG A . n 
A 1 53 ARG 53 102 102 ARG ARG A . n 
A 1 54 ASP 54 103 103 ASP ASP A . n 
A 1 55 TYR 55 104 104 TYR TYR A . n 
A 1 56 LEU 56 105 105 LEU LEU A . n 
A 1 57 LYS 57 106 106 LYS LYS A . n 
A 1 58 PHE 58 107 107 PHE PHE A . n 
A 1 59 LYS 59 108 108 LYS LYS A . n 
A 1 60 GLU 60 109 109 GLU GLU A . n 
A 1 61 LYS 61 110 110 LYS LYS A . n 
A 1 62 PHE 62 111 111 PHE PHE A . n 
A 1 63 GLU 63 112 ?   ?   ?   A . n 
A 1 64 ALA 64 113 ?   ?   ?   A . n 
A 1 65 GLY 65 114 ?   ?   ?   A . n 
A 1 66 GLN 66 115 ?   ?   ?   A . n 
A 1 67 PHE 67 116 ?   ?   ?   A . n 
A 1 68 GLU 68 117 ?   ?   ?   A . n 
A 1 69 PRO 69 118 ?   ?   ?   A . n 
A 1 70 SER 70 119 ?   ?   ?   A . n 
B 1 1  PRO 1  50  50  PRO PRO B . n 
B 1 2  SER 2  51  51  SER SER B . n 
B 1 3  MET 3  52  52  MET MET B . n 
B 1 4  LYS 4  53  53  LYS LYS B . n 
B 1 5  GLU 5  54  54  GLU GLU B . n 
B 1 6  ARG 6  55  55  ARG ARG B . n 
B 1 7  GLN 7  56  56  GLN GLN B . n 
B 1 8  VAL 8  57  57  VAL VAL B . n 
B 1 9  CYS 9  58  58  CYS CYS B . n 
B 1 10 TRP 10 59  59  TRP TRP B . n 
B 1 11 GLY 11 60  60  GLY GLY B . n 
B 1 12 ALA 12 61  61  ALA ALA B . n 
B 1 13 ARG 13 62  62  ARG ARG B . n 
B 1 14 ASP 14 63  63  ASP ASP B . n 
B 1 15 GLU 15 64  64  GLU GLU B . n 
B 1 16 TYR 16 65  65  TYR TYR B . n 
B 1 17 TRP 17 66  66  TRP TRP B . n 
B 1 18 LYS 18 67  67  LYS LYS B . n 
B 1 19 CYS 19 68  68  CYS CYS B . n 
B 1 20 LEU 20 69  69  LEU LEU B . n 
B 1 21 ASP 21 70  70  ASP ASP B . n 
B 1 22 GLU 22 71  71  GLU GLU B . n 
B 1 23 ASN 23 72  72  ASN ASN B . n 
B 1 24 LEU 24 73  73  LEU LEU B . n 
B 1 25 GLU 25 74  74  GLU GLU B . n 
B 1 26 ASP 26 75  75  ASP ASP B . n 
B 1 27 ALA 27 76  76  ALA ALA B . n 
B 1 28 SER 28 77  77  SER SER B . n 
B 1 29 GLN 29 78  78  GLN GLN B . n 
B 1 30 CYS 30 79  79  CYS CYS B . n 
B 1 31 LYS 31 80  80  LYS LYS B . n 
B 1 32 LYS 32 81  81  LYS LYS B . n 
B 1 33 LEU 33 82  82  LEU LEU B . n 
B 1 34 ARG 34 83  83  ARG ARG B . n 
B 1 35 SER 35 84  84  SER SER B . n 
B 1 36 SER 36 85  85  SER SER B . n 
B 1 37 PHE 37 86  86  PHE PHE B . n 
B 1 38 GLU 38 87  87  GLU GLU B . n 
B 1 39 SER 39 88  88  SER SER B . n 
B 1 40 SER 40 89  89  SER SER B . n 
B 1 41 CYS 41 90  90  CYS CYS B . n 
B 1 42 PRO 42 91  91  PRO PRO B . n 
B 1 43 GLN 43 92  92  GLN GLN B . n 
B 1 44 GLN 44 93  93  GLN GLN B . n 
B 1 45 TRP 45 94  94  TRP TRP B . n 
B 1 46 ILE 46 95  95  ILE ILE B . n 
B 1 47 LYS 47 96  96  LYS LYS B . n 
B 1 48 TYR 48 97  97  TYR TYR B . n 
B 1 49 PHE 49 98  98  PHE PHE B . n 
B 1 50 ASP 50 99  99  ASP ASP B . n 
B 1 51 LYS 51 100 100 LYS LYS B . n 
B 1 52 ARG 52 101 101 ARG ARG B . n 
B 1 53 ARG 53 102 102 ARG ARG B . n 
B 1 54 ASP 54 103 103 ASP ASP B . n 
B 1 55 TYR 55 104 104 TYR TYR B . n 
B 1 56 LEU 56 105 105 LEU LEU B . n 
B 1 57 LYS 57 106 106 LYS LYS B . n 
B 1 58 PHE 58 107 107 PHE PHE B . n 
B 1 59 LYS 59 108 108 LYS LYS B . n 
B 1 60 GLU 60 109 109 GLU GLU B . n 
B 1 61 LYS 61 110 110 LYS LYS B . n 
B 1 62 PHE 62 111 111 PHE PHE B . n 
B 1 63 GLU 63 112 112 GLU GLU B . n 
B 1 64 ALA 64 113 113 ALA ALA B . n 
B 1 65 GLY 65 114 114 GLY GLY B . n 
B 1 66 GLN 66 115 115 GLN GLN B . n 
B 1 67 PHE 67 116 116 PHE PHE B . n 
B 1 68 GLU 68 117 117 GLU GLU B . n 
B 1 69 PRO 69 118 118 PRO PRO B . n 
B 1 70 SER 70 119 119 SER SER B . n 
# 
loop_
_pdbx_nonpoly_scheme.asym_id 
_pdbx_nonpoly_scheme.entity_id 
_pdbx_nonpoly_scheme.mon_id 
_pdbx_nonpoly_scheme.ndb_seq_num 
_pdbx_nonpoly_scheme.pdb_seq_num 
_pdbx_nonpoly_scheme.auth_seq_num 
_pdbx_nonpoly_scheme.pdb_mon_id 
_pdbx_nonpoly_scheme.auth_mon_id 
_pdbx_nonpoly_scheme.pdb_strand_id 
_pdbx_nonpoly_scheme.pdb_ins_code 
C 2 SO4 1  201 134 SO4 SO4 A . 
D 3 HOH 1  301 23  HOH HOH A . 
D 3 HOH 2  302 10  HOH HOH A . 
D 3 HOH 3  303 53  HOH HOH A . 
D 3 HOH 4  304 15  HOH HOH A . 
D 3 HOH 5  305 26  HOH HOH A . 
D 3 HOH 6  306 37  HOH HOH A . 
D 3 HOH 7  307 14  HOH HOH A . 
D 3 HOH 8  308 41  HOH HOH A . 
D 3 HOH 9  309 58  HOH HOH A . 
D 3 HOH 10 310 42  HOH HOH A . 
D 3 HOH 11 311 57  HOH HOH A . 
D 3 HOH 12 312 64  HOH HOH A . 
D 3 HOH 13 313 5   HOH HOH A . 
D 3 HOH 14 314 21  HOH HOH A . 
D 3 HOH 15 315 38  HOH HOH A . 
D 3 HOH 16 316 1   HOH HOH A . 
D 3 HOH 17 317 20  HOH HOH A . 
D 3 HOH 18 318 47  HOH HOH A . 
D 3 HOH 19 319 40  HOH HOH A . 
D 3 HOH 20 320 4   HOH HOH A . 
D 3 HOH 21 321 7   HOH HOH A . 
D 3 HOH 22 322 13  HOH HOH A . 
D 3 HOH 23 323 2   HOH HOH A . 
D 3 HOH 24 324 9   HOH HOH A . 
D 3 HOH 25 325 11  HOH HOH A . 
D 3 HOH 26 326 16  HOH HOH A . 
D 3 HOH 27 327 25  HOH HOH A . 
D 3 HOH 28 328 27  HOH HOH A . 
D 3 HOH 29 329 6   HOH HOH A . 
D 3 HOH 30 330 17  HOH HOH A . 
D 3 HOH 31 331 49  HOH HOH A . 
D 3 HOH 32 332 3   HOH HOH A . 
D 3 HOH 33 333 35  HOH HOH A . 
D 3 HOH 34 334 43  HOH HOH A . 
D 3 HOH 35 335 83  HOH HOH A . 
D 3 HOH 36 336 28  HOH HOH A . 
D 3 HOH 37 337 24  HOH HOH A . 
E 3 HOH 1  201 8   HOH HOH B . 
E 3 HOH 2  202 33  HOH HOH B . 
E 3 HOH 3  203 56  HOH HOH B . 
E 3 HOH 4  204 19  HOH HOH B . 
E 3 HOH 5  205 85  HOH HOH B . 
E 3 HOH 6  206 12  HOH HOH B . 
E 3 HOH 7  207 52  HOH HOH B . 
E 3 HOH 8  208 22  HOH HOH B . 
E 3 HOH 9  209 29  HOH HOH B . 
E 3 HOH 10 210 46  HOH HOH B . 
E 3 HOH 11 211 145 HOH HOH B . 
E 3 HOH 12 212 30  HOH HOH B . 
E 3 HOH 13 213 32  HOH HOH B . 
E 3 HOH 14 214 86  HOH HOH B . 
E 3 HOH 15 215 50  HOH HOH B . 
E 3 HOH 16 216 36  HOH HOH B . 
# 
loop_
_pdbx_unobs_or_zero_occ_atoms.id 
_pdbx_unobs_or_zero_occ_atoms.PDB_model_num 
_pdbx_unobs_or_zero_occ_atoms.polymer_flag 
_pdbx_unobs_or_zero_occ_atoms.occupancy_flag 
_pdbx_unobs_or_zero_occ_atoms.auth_asym_id 
_pdbx_unobs_or_zero_occ_atoms.auth_comp_id 
_pdbx_unobs_or_zero_occ_atoms.auth_seq_id 
_pdbx_unobs_or_zero_occ_atoms.PDB_ins_code 
_pdbx_unobs_or_zero_occ_atoms.auth_atom_id 
_pdbx_unobs_or_zero_occ_atoms.label_alt_id 
_pdbx_unobs_or_zero_occ_atoms.label_asym_id 
_pdbx_unobs_or_zero_occ_atoms.label_comp_id 
_pdbx_unobs_or_zero_occ_atoms.label_seq_id 
_pdbx_unobs_or_zero_occ_atoms.label_atom_id 
1  1 Y 1 A LYS 53 ? CG  ? A LYS 4  CG  
2  1 Y 1 A LYS 53 ? CD  ? A LYS 4  CD  
3  1 Y 1 A LYS 53 ? CE  ? A LYS 4  CE  
4  1 Y 1 A LYS 53 ? NZ  ? A LYS 4  NZ  
5  1 Y 1 A GLU 54 ? CG  ? A GLU 5  CG  
6  1 Y 1 A GLU 54 ? CD  ? A GLU 5  CD  
7  1 Y 1 A GLU 54 ? OE1 ? A GLU 5  OE1 
8  1 Y 1 A GLU 54 ? OE2 ? A GLU 5  OE2 
9  1 Y 1 A LYS 96 ? CG  ? A LYS 47 CG  
10 1 Y 1 A LYS 96 ? CD  ? A LYS 47 CD  
11 1 Y 1 A LYS 96 ? CE  ? A LYS 47 CE  
12 1 Y 1 A LYS 96 ? NZ  ? A LYS 47 NZ  
13 1 Y 1 B LYS 67 ? CG  ? B LYS 18 CG  
14 1 Y 1 B LYS 67 ? CD  ? B LYS 18 CD  
15 1 Y 1 B LYS 67 ? CE  ? B LYS 18 CE  
16 1 Y 1 B LYS 67 ? NZ  ? B LYS 18 NZ  
17 1 Y 1 B GLU 71 ? CG  ? B GLU 22 CG  
18 1 Y 1 B GLU 71 ? CD  ? B GLU 22 CD  
19 1 Y 1 B GLU 71 ? OE1 ? B GLU 22 OE1 
20 1 Y 1 B GLU 71 ? OE2 ? B GLU 22 OE2 
21 1 Y 1 B LYS 80 ? CG  ? B LYS 31 CG  
22 1 Y 1 B LYS 80 ? CD  ? B LYS 31 CD  
23 1 Y 1 B LYS 80 ? CE  ? B LYS 31 CE  
24 1 Y 1 B LYS 80 ? NZ  ? B LYS 31 NZ  
25 1 Y 1 B LYS 81 ? CG  ? B LYS 32 CG  
26 1 Y 1 B LYS 81 ? CD  ? B LYS 32 CD  
27 1 Y 1 B LYS 81 ? CE  ? B LYS 32 CE  
28 1 Y 1 B LYS 81 ? NZ  ? B LYS 32 NZ  
# 
loop_
_software.citation_id 
_software.classification 
_software.compiler_name 
_software.compiler_version 
_software.contact_author 
_software.contact_author_email 
_software.date 
_software.description 
_software.dependencies 
_software.hardware 
_software.language 
_software.location 
_software.mods 
_software.name 
_software.os 
_software.os_version 
_software.type 
_software.version 
_software.pdbx_ordinal 
? 'data reduction' ? ? ? ? ? ? ? ? ? ? ? HKL-2000  ? ? ? .        1 
? 'data scaling'   ? ? ? ? ? ? ? ? ? ? ? SCALEPACK ? ? ? .        2 
? phasing          ? ? ? ? ? ? ? ? ? ? ? SHELXDE   ? ? ? .        3 
? refinement       ? ? ? ? ? ? ? ? ? ? ? REFMAC    ? ? ? 5.8.0238 4 
# 
_cell.angle_alpha                  90.00 
_cell.angle_alpha_esd              ? 
_cell.angle_beta                   90.00 
_cell.angle_beta_esd               ? 
_cell.angle_gamma                  90.00 
_cell.angle_gamma_esd              ? 
_cell.entry_id                     6PCE 
_cell.details                      ? 
_cell.formula_units_Z              ? 
_cell.length_a                     31.950 
_cell.length_a_esd                 ? 
_cell.length_b                     52.409 
_cell.length_b_esd                 ? 
_cell.length_c                     78.296 
_cell.length_c_esd                 ? 
_cell.volume                       ? 
_cell.volume_esd                   ? 
_cell.Z_PDB                        8 
_cell.reciprocal_angle_alpha       ? 
_cell.reciprocal_angle_beta        ? 
_cell.reciprocal_angle_gamma       ? 
_cell.reciprocal_angle_alpha_esd   ? 
_cell.reciprocal_angle_beta_esd    ? 
_cell.reciprocal_angle_gamma_esd   ? 
_cell.reciprocal_length_a          ? 
_cell.reciprocal_length_b          ? 
_cell.reciprocal_length_c          ? 
_cell.reciprocal_length_a_esd      ? 
_cell.reciprocal_length_b_esd      ? 
_cell.reciprocal_length_c_esd      ? 
_cell.pdbx_unique_axis             ? 
# 
_symmetry.entry_id                         6PCE 
_symmetry.cell_setting                     ? 
_symmetry.Int_Tables_number                19 
_symmetry.space_group_name_Hall            ? 
_symmetry.space_group_name_H-M             'P 21 21 21' 
_symmetry.pdbx_full_space_group_name_H-M   ? 
# 
_exptl.absorpt_coefficient_mu     ? 
_exptl.absorpt_correction_T_max   ? 
_exptl.absorpt_correction_T_min   ? 
_exptl.absorpt_correction_type    ? 
_exptl.absorpt_process_details    ? 
_exptl.entry_id                   6PCE 
_exptl.crystals_number            1 
_exptl.details                    ? 
_exptl.method                     'X-RAY DIFFRACTION' 
_exptl.method_details             ? 
# 
_exptl_crystal.colour                      ? 
_exptl_crystal.density_diffrn              ? 
_exptl_crystal.density_Matthews            2.04 
_exptl_crystal.density_method              ? 
_exptl_crystal.density_percent_sol         39.69 
_exptl_crystal.description                 ? 
_exptl_crystal.F_000                       ? 
_exptl_crystal.id                          1 
_exptl_crystal.preparation                 ? 
_exptl_crystal.size_max                    ? 
_exptl_crystal.size_mid                    ? 
_exptl_crystal.size_min                    ? 
_exptl_crystal.size_rad                    ? 
_exptl_crystal.colour_lustre               ? 
_exptl_crystal.colour_modifier             ? 
_exptl_crystal.colour_primary              ? 
_exptl_crystal.density_meas                ? 
_exptl_crystal.density_meas_esd            ? 
_exptl_crystal.density_meas_gt             ? 
_exptl_crystal.density_meas_lt             ? 
_exptl_crystal.density_meas_temp           ? 
_exptl_crystal.density_meas_temp_esd       ? 
_exptl_crystal.density_meas_temp_gt        ? 
_exptl_crystal.density_meas_temp_lt        ? 
_exptl_crystal.pdbx_crystal_image_url      ? 
_exptl_crystal.pdbx_crystal_image_format   ? 
_exptl_crystal.pdbx_mosaicity              ? 
_exptl_crystal.pdbx_mosaicity_esd          ? 
# 
_exptl_crystal_grow.apparatus       ? 
_exptl_crystal_grow.atmosphere      ? 
_exptl_crystal_grow.crystal_id      1 
_exptl_crystal_grow.details         ? 
_exptl_crystal_grow.method          'VAPOR DIFFUSION, HANGING DROP' 
_exptl_crystal_grow.method_ref      ? 
_exptl_crystal_grow.pH              ? 
_exptl_crystal_grow.pressure        ? 
_exptl_crystal_grow.pressure_esd    ? 
_exptl_crystal_grow.seeding         ? 
_exptl_crystal_grow.seeding_ref     ? 
_exptl_crystal_grow.temp            293 
_exptl_crystal_grow.temp_details    ? 
_exptl_crystal_grow.temp_esd        ? 
_exptl_crystal_grow.time            ? 
_exptl_crystal_grow.pdbx_details    '0.1 M HEPES, pH 7.6, 29% (w/v) PEG 3350' 
_exptl_crystal_grow.pdbx_pH_range   ? 
# 
_diffrn.ambient_environment              ? 
_diffrn.ambient_temp                     100 
_diffrn.ambient_temp_details             ? 
_diffrn.ambient_temp_esd                 ? 
_diffrn.crystal_id                       1 
_diffrn.crystal_support                  ? 
_diffrn.crystal_treatment                ? 
_diffrn.details                          ? 
_diffrn.id                               1 
_diffrn.ambient_pressure                 ? 
_diffrn.ambient_pressure_esd             ? 
_diffrn.ambient_pressure_gt              ? 
_diffrn.ambient_pressure_lt              ? 
_diffrn.ambient_temp_gt                  ? 
_diffrn.ambient_temp_lt                  ? 
_diffrn.pdbx_serial_crystal_experiment   N 
# 
_diffrn_detector.details                      ? 
_diffrn_detector.detector                     CCD 
_diffrn_detector.diffrn_id                    1 
_diffrn_detector.type                         'ADSC QUANTUM 315r' 
_diffrn_detector.area_resol_mean              ? 
_diffrn_detector.dtime                        ? 
_diffrn_detector.pdbx_frames_total            ? 
_diffrn_detector.pdbx_collection_time_total   ? 
_diffrn_detector.pdbx_collection_date         2016-06-01 
_diffrn_detector.pdbx_frequency               ? 
# 
_diffrn_radiation.collimation                      ? 
_diffrn_radiation.diffrn_id                        1 
_diffrn_radiation.filter_edge                      ? 
_diffrn_radiation.inhomogeneity                    ? 
_diffrn_radiation.monochromator                    ? 
_diffrn_radiation.polarisn_norm                    ? 
_diffrn_radiation.polarisn_ratio                   ? 
_diffrn_radiation.probe                            ? 
_diffrn_radiation.type                             ? 
_diffrn_radiation.xray_symbol                      ? 
_diffrn_radiation.wavelength_id                    1 
_diffrn_radiation.pdbx_monochromatic_or_laue_m_l   M 
_diffrn_radiation.pdbx_wavelength_list             ? 
_diffrn_radiation.pdbx_wavelength                  ? 
_diffrn_radiation.pdbx_diffrn_protocol             'SINGLE WAVELENGTH' 
_diffrn_radiation.pdbx_analyzer                    ? 
_diffrn_radiation.pdbx_scattering_type             x-ray 
# 
_diffrn_radiation_wavelength.id           1 
_diffrn_radiation_wavelength.wavelength   0.9918 
_diffrn_radiation_wavelength.wt           1.0 
# 
_diffrn_source.current                     ? 
_diffrn_source.details                     ? 
_diffrn_source.diffrn_id                   1 
_diffrn_source.power                       ? 
_diffrn_source.size                        ? 
_diffrn_source.source                      SYNCHROTRON 
_diffrn_source.target                      ? 
_diffrn_source.type                        'AUSTRALIAN SYNCHROTRON BEAMLINE MX2' 
_diffrn_source.voltage                     ? 
_diffrn_source.take-off_angle              ? 
_diffrn_source.pdbx_wavelength_list        0.9918 
_diffrn_source.pdbx_wavelength             ? 
_diffrn_source.pdbx_synchrotron_beamline   MX2 
_diffrn_source.pdbx_synchrotron_site       'Australian Synchrotron' 
# 
_reflns.B_iso_Wilson_estimate            ? 
_reflns.entry_id                         6PCE 
_reflns.data_reduction_details           ? 
_reflns.data_reduction_method            ? 
_reflns.d_resolution_high                1.65 
_reflns.d_resolution_low                 50 
_reflns.details                          ? 
_reflns.limit_h_max                      ? 
_reflns.limit_h_min                      ? 
_reflns.limit_k_max                      ? 
_reflns.limit_k_min                      ? 
_reflns.limit_l_max                      ? 
_reflns.limit_l_min                      ? 
_reflns.number_all                       ? 
_reflns.number_obs                       16393 
_reflns.observed_criterion               ? 
_reflns.observed_criterion_F_max         ? 
_reflns.observed_criterion_F_min         ? 
_reflns.observed_criterion_I_max         ? 
_reflns.observed_criterion_I_min         ? 
_reflns.observed_criterion_sigma_F       ? 
_reflns.observed_criterion_sigma_I       ? 
_reflns.percent_possible_obs             99.8 
_reflns.R_free_details                   ? 
_reflns.Rmerge_F_all                     ? 
_reflns.Rmerge_F_obs                     ? 
_reflns.Friedel_coverage                 ? 
_reflns.number_gt                        ? 
_reflns.threshold_expression             ? 
_reflns.pdbx_redundancy                  4.9 
_reflns.pdbx_Rmerge_I_obs                ? 
_reflns.pdbx_Rmerge_I_all                ? 
_reflns.pdbx_Rsym_value                  ? 
_reflns.pdbx_netI_over_av_sigmaI         ? 
_reflns.pdbx_netI_over_sigmaI            29.9 
_reflns.pdbx_res_netI_over_av_sigmaI_2   ? 
_reflns.pdbx_res_netI_over_sigmaI_2      ? 
_reflns.pdbx_chi_squared                 ? 
_reflns.pdbx_scaling_rejects             ? 
_reflns.pdbx_d_res_high_opt              ? 
_reflns.pdbx_d_res_low_opt               ? 
_reflns.pdbx_d_res_opt_method            ? 
_reflns.phase_calculation_details        ? 
_reflns.pdbx_Rrim_I_all                  ? 
_reflns.pdbx_Rpim_I_all                  ? 
_reflns.pdbx_d_opt                       ? 
_reflns.pdbx_number_measured_all         ? 
_reflns.pdbx_diffrn_id                   1 
_reflns.pdbx_ordinal                     1 
_reflns.pdbx_CC_half                     ? 
_reflns.pdbx_R_split                     ? 
# 
_reflns_shell.d_res_high                  1.65 
_reflns_shell.d_res_low                   1.71 
_reflns_shell.meanI_over_sigI_all         ? 
_reflns_shell.meanI_over_sigI_obs         ? 
_reflns_shell.number_measured_all         ? 
_reflns_shell.number_measured_obs         ? 
_reflns_shell.number_possible             ? 
_reflns_shell.number_unique_all           ? 
_reflns_shell.number_unique_obs           1602 
_reflns_shell.percent_possible_all        ? 
_reflns_shell.percent_possible_obs        ? 
_reflns_shell.Rmerge_F_all                ? 
_reflns_shell.Rmerge_F_obs                ? 
_reflns_shell.Rmerge_I_all                ? 
_reflns_shell.Rmerge_I_obs                ? 
_reflns_shell.meanI_over_sigI_gt          ? 
_reflns_shell.meanI_over_uI_all           ? 
_reflns_shell.meanI_over_uI_gt            ? 
_reflns_shell.number_measured_gt          ? 
_reflns_shell.number_unique_gt            ? 
_reflns_shell.percent_possible_gt         ? 
_reflns_shell.Rmerge_F_gt                 ? 
_reflns_shell.Rmerge_I_gt                 ? 
_reflns_shell.pdbx_redundancy             ? 
_reflns_shell.pdbx_Rsym_value             ? 
_reflns_shell.pdbx_chi_squared            ? 
_reflns_shell.pdbx_netI_over_sigmaI_all   ? 
_reflns_shell.pdbx_netI_over_sigmaI_obs   ? 
_reflns_shell.pdbx_Rrim_I_all             ? 
_reflns_shell.pdbx_Rpim_I_all             ? 
_reflns_shell.pdbx_rejects                ? 
_reflns_shell.pdbx_ordinal                1 
_reflns_shell.pdbx_diffrn_id              1 
_reflns_shell.pdbx_CC_half                ? 
_reflns_shell.pdbx_R_split                ? 
# 
_refine.aniso_B[1][1]                            1.16 
_refine.aniso_B[1][2]                            0.00 
_refine.aniso_B[1][3]                            0.00 
_refine.aniso_B[2][2]                            -0.38 
_refine.aniso_B[2][3]                            0.00 
_refine.aniso_B[3][3]                            -0.78 
_refine.B_iso_max                                ? 
_refine.B_iso_mean                               29.561 
_refine.B_iso_min                                ? 
_refine.correlation_coeff_Fo_to_Fc               0.964 
_refine.correlation_coeff_Fo_to_Fc_free          0.946 
_refine.details                                  'HYDROGENS HAVE BEEN ADDED IN THE RIDING POSITIONS' 
_refine.diff_density_max                         ? 
_refine.diff_density_max_esd                     ? 
_refine.diff_density_min                         ? 
_refine.diff_density_min_esd                     ? 
_refine.diff_density_rms                         ? 
_refine.diff_density_rms_esd                     ? 
_refine.entry_id                                 6PCE 
_refine.pdbx_refine_id                           'X-RAY DIFFRACTION' 
_refine.ls_abs_structure_details                 ? 
_refine.ls_abs_structure_Flack                   ? 
_refine.ls_abs_structure_Flack_esd               ? 
_refine.ls_abs_structure_Rogers                  ? 
_refine.ls_abs_structure_Rogers_esd              ? 
_refine.ls_d_res_high                            1.65 
_refine.ls_d_res_low                             43.55 
_refine.ls_extinction_coef                       ? 
_refine.ls_extinction_coef_esd                   ? 
_refine.ls_extinction_expression                 ? 
_refine.ls_extinction_method                     ? 
_refine.ls_goodness_of_fit_all                   ? 
_refine.ls_goodness_of_fit_all_esd               ? 
_refine.ls_goodness_of_fit_obs                   ? 
_refine.ls_goodness_of_fit_obs_esd               ? 
_refine.ls_hydrogen_treatment                    ? 
_refine.ls_matrix_type                           ? 
_refine.ls_number_constraints                    ? 
_refine.ls_number_parameters                     ? 
_refine.ls_number_reflns_all                     ? 
_refine.ls_number_reflns_obs                     14716 
_refine.ls_number_reflns_R_free                  1632 
_refine.ls_number_reflns_R_work                  ? 
_refine.ls_number_restraints                     ? 
_refine.ls_percent_reflns_obs                    99.59 
_refine.ls_percent_reflns_R_free                 10.0 
_refine.ls_R_factor_all                          ? 
_refine.ls_R_factor_obs                          0.19234 
_refine.ls_R_factor_R_free                       0.22912 
_refine.ls_R_factor_R_free_error                 ? 
_refine.ls_R_factor_R_free_error_details         ? 
_refine.ls_R_factor_R_work                       0.18832 
_refine.ls_R_Fsqd_factor_obs                     ? 
_refine.ls_R_I_factor_obs                        ? 
_refine.ls_redundancy_reflns_all                 ? 
_refine.ls_redundancy_reflns_obs                 ? 
_refine.ls_restrained_S_all                      ? 
_refine.ls_restrained_S_obs                      ? 
_refine.ls_shift_over_esd_max                    ? 
_refine.ls_shift_over_esd_mean                   ? 
_refine.ls_structure_factor_coef                 ? 
_refine.ls_weighting_details                     ? 
_refine.ls_weighting_scheme                      ? 
_refine.ls_wR_factor_all                         ? 
_refine.ls_wR_factor_obs                         ? 
_refine.ls_wR_factor_R_free                      ? 
_refine.ls_wR_factor_R_work                      ? 
_refine.occupancy_max                            ? 
_refine.occupancy_min                            ? 
_refine.solvent_model_details                    ? 
_refine.solvent_model_param_bsol                 ? 
_refine.solvent_model_param_ksol                 ? 
_refine.ls_R_factor_gt                           ? 
_refine.ls_goodness_of_fit_gt                    ? 
_refine.ls_goodness_of_fit_ref                   ? 
_refine.ls_shift_over_su_max                     ? 
_refine.ls_shift_over_su_max_lt                  ? 
_refine.ls_shift_over_su_mean                    ? 
_refine.ls_shift_over_su_mean_lt                 ? 
_refine.pdbx_ls_sigma_I                          ? 
_refine.pdbx_ls_sigma_F                          ? 
_refine.pdbx_ls_sigma_Fsqd                       ? 
_refine.pdbx_data_cutoff_high_absF               ? 
_refine.pdbx_data_cutoff_high_rms_absF           ? 
_refine.pdbx_data_cutoff_low_absF                ? 
_refine.pdbx_isotropic_thermal_model             ? 
_refine.pdbx_ls_cross_valid_method               THROUGHOUT 
_refine.pdbx_method_to_determine_struct          SAD 
_refine.pdbx_starting_model                      ? 
_refine.pdbx_stereochemistry_target_values       ? 
_refine.pdbx_R_Free_selection_details            RANDOM 
_refine.pdbx_stereochem_target_val_spec_case     ? 
_refine.pdbx_overall_ESU_R                       0.111 
_refine.pdbx_overall_ESU_R_Free                  0.111 
_refine.pdbx_solvent_vdw_probe_radii             1.20 
_refine.pdbx_solvent_ion_probe_radii             0.80 
_refine.pdbx_solvent_shrinkage_radii             0.80 
_refine.pdbx_real_space_R                        ? 
_refine.pdbx_density_correlation                 ? 
_refine.pdbx_pd_number_of_powder_patterns        ? 
_refine.pdbx_pd_number_of_points                 ? 
_refine.pdbx_pd_meas_number_of_points            ? 
_refine.pdbx_pd_proc_ls_prof_R_factor            ? 
_refine.pdbx_pd_proc_ls_prof_wR_factor           ? 
_refine.pdbx_pd_Marquardt_correlation_coeff      ? 
_refine.pdbx_pd_Fsqrd_R_factor                   ? 
_refine.pdbx_pd_ls_matrix_band_width             ? 
_refine.pdbx_overall_phase_error                 ? 
_refine.pdbx_overall_SU_R_free_Cruickshank_DPI   ? 
_refine.pdbx_overall_SU_R_free_Blow_DPI          ? 
_refine.pdbx_overall_SU_R_Blow_DPI               ? 
_refine.pdbx_TLS_residual_ADP_flag               ? 
_refine.pdbx_diffrn_id                           1 
_refine.overall_SU_B                             2.764 
_refine.overall_SU_ML                            0.076 
_refine.overall_SU_R_Cruickshank_DPI             ? 
_refine.overall_SU_R_free                        ? 
_refine.overall_FOM_free_R_set                   ? 
_refine.overall_FOM_work_R_set                   ? 
_refine.pdbx_average_fsc_overall                 ? 
_refine.pdbx_average_fsc_work                    ? 
_refine.pdbx_average_fsc_free                    ? 
# 
_refine_hist.pdbx_refine_id                   'X-RAY DIFFRACTION' 
_refine_hist.cycle_id                         1 
_refine_hist.details                          ? 
_refine_hist.d_res_high                       1.65 
_refine_hist.d_res_low                        43.55 
_refine_hist.number_atoms_solvent             53 
_refine_hist.number_atoms_total               1155 
_refine_hist.number_reflns_all                ? 
_refine_hist.number_reflns_obs                ? 
_refine_hist.number_reflns_R_free             ? 
_refine_hist.number_reflns_R_work             ? 
_refine_hist.R_factor_all                     ? 
_refine_hist.R_factor_obs                     ? 
_refine_hist.R_factor_R_free                  ? 
_refine_hist.R_factor_R_work                  ? 
_refine_hist.pdbx_number_residues_total       ? 
_refine_hist.pdbx_B_iso_mean_ligand           ? 
_refine_hist.pdbx_B_iso_mean_solvent          ? 
_refine_hist.pdbx_number_atoms_protein        1097 
_refine_hist.pdbx_number_atoms_nucleic_acid   0 
_refine_hist.pdbx_number_atoms_ligand         5 
_refine_hist.pdbx_number_atoms_lipid          ? 
_refine_hist.pdbx_number_atoms_carb           ? 
_refine_hist.pdbx_pseudo_atom_details         ? 
# 
loop_
_refine_ls_restr.pdbx_refine_id 
_refine_ls_restr.criterion 
_refine_ls_restr.dev_ideal 
_refine_ls_restr.dev_ideal_target 
_refine_ls_restr.number 
_refine_ls_restr.rejects 
_refine_ls_restr.type 
_refine_ls_restr.weight 
_refine_ls_restr.pdbx_restraint_function 
'X-RAY DIFFRACTION' ? 0.012  0.013  1170 ? r_bond_refined_d             ? ? 
'X-RAY DIFFRACTION' ? 0.001  0.018  1007 ? r_bond_other_d               ? ? 
'X-RAY DIFFRACTION' ? 1.749  1.654  1581 ? r_angle_refined_deg          ? ? 
'X-RAY DIFFRACTION' ? 1.525  1.601  2350 ? r_angle_other_deg            ? ? 
'X-RAY DIFFRACTION' ? 5.180  5.000  142  ? r_dihedral_angle_1_deg       ? ? 
'X-RAY DIFFRACTION' ? 37.223 21.667 78   ? r_dihedral_angle_2_deg       ? ? 
'X-RAY DIFFRACTION' ? 15.545 15.000 213  ? r_dihedral_angle_3_deg       ? ? 
'X-RAY DIFFRACTION' ? 7.297  15.000 11   ? r_dihedral_angle_4_deg       ? ? 
'X-RAY DIFFRACTION' ? 0.088  0.200  136  ? r_chiral_restr               ? ? 
'X-RAY DIFFRACTION' ? 0.011  0.020  1325 ? r_gen_planes_refined         ? ? 
'X-RAY DIFFRACTION' ? 0.001  0.020  292  ? r_gen_planes_other           ? ? 
'X-RAY DIFFRACTION' ? ?      ?      ?    ? r_nbd_refined                ? ? 
'X-RAY DIFFRACTION' ? ?      ?      ?    ? r_nbd_other                  ? ? 
'X-RAY DIFFRACTION' ? ?      ?      ?    ? r_nbtor_refined              ? ? 
'X-RAY DIFFRACTION' ? ?      ?      ?    ? r_nbtor_other                ? ? 
'X-RAY DIFFRACTION' ? ?      ?      ?    ? r_xyhbond_nbd_refined        ? ? 
'X-RAY DIFFRACTION' ? ?      ?      ?    ? r_xyhbond_nbd_other          ? ? 
'X-RAY DIFFRACTION' ? ?      ?      ?    ? r_metal_ion_refined          ? ? 
'X-RAY DIFFRACTION' ? ?      ?      ?    ? r_metal_ion_other            ? ? 
'X-RAY DIFFRACTION' ? ?      ?      ?    ? r_symmetry_vdw_refined       ? ? 
'X-RAY DIFFRACTION' ? ?      ?      ?    ? r_symmetry_vdw_other         ? ? 
'X-RAY DIFFRACTION' ? ?      ?      ?    ? r_symmetry_hbond_refined     ? ? 
'X-RAY DIFFRACTION' ? ?      ?      ?    ? r_symmetry_hbond_other       ? ? 
'X-RAY DIFFRACTION' ? ?      ?      ?    ? r_symmetry_metal_ion_refined ? ? 
'X-RAY DIFFRACTION' ? ?      ?      ?    ? r_symmetry_metal_ion_other   ? ? 
'X-RAY DIFFRACTION' ? 5.717  2.147  532  ? r_mcbond_it                  ? ? 
'X-RAY DIFFRACTION' ? 5.677  2.140  531  ? r_mcbond_other               ? ? 
'X-RAY DIFFRACTION' ? 6.303  3.188  665  ? r_mcangle_it                 ? ? 
'X-RAY DIFFRACTION' ? 6.303  3.198  666  ? r_mcangle_other              ? ? 
'X-RAY DIFFRACTION' ? 11.059 2.874  638  ? r_scbond_it                  ? ? 
'X-RAY DIFFRACTION' ? 11.048 2.874  638  ? r_scbond_other               ? ? 
'X-RAY DIFFRACTION' ? ?      ?      ?    ? r_scangle_it                 ? ? 
'X-RAY DIFFRACTION' ? 12.580 3.987  910  ? r_scangle_other              ? ? 
'X-RAY DIFFRACTION' ? 12.573 25.464 1431 ? r_long_range_B_refined       ? ? 
'X-RAY DIFFRACTION' ? 12.564 25.299 1423 ? r_long_range_B_other         ? ? 
'X-RAY DIFFRACTION' ? ?      ?      ?    ? r_rigid_bond_restr           ? ? 
'X-RAY DIFFRACTION' ? ?      ?      ?    ? r_sphericity_free            ? ? 
'X-RAY DIFFRACTION' ? ?      ?      ?    ? r_sphericity_bonded          ? ? 
# 
_refine_ls_shell.pdbx_refine_id                   'X-RAY DIFFRACTION' 
_refine_ls_shell.d_res_high                       1.651 
_refine_ls_shell.d_res_low                        1.694 
_refine_ls_shell.number_reflns_all                ? 
_refine_ls_shell.number_reflns_obs                ? 
_refine_ls_shell.number_reflns_R_free             121 
_refine_ls_shell.number_reflns_R_work             1034 
_refine_ls_shell.percent_reflns_obs               97.30 
_refine_ls_shell.percent_reflns_R_free            ? 
_refine_ls_shell.R_factor_all                     ? 
_refine_ls_shell.R_factor_obs                     ? 
_refine_ls_shell.R_factor_R_free                  0.334 
_refine_ls_shell.R_factor_R_free_error            ? 
_refine_ls_shell.R_factor_R_work                  0.275 
_refine_ls_shell.redundancy_reflns_all            ? 
_refine_ls_shell.redundancy_reflns_obs            ? 
_refine_ls_shell.wR_factor_all                    ? 
_refine_ls_shell.wR_factor_obs                    ? 
_refine_ls_shell.wR_factor_R_free                 ? 
_refine_ls_shell.wR_factor_R_work                 ? 
_refine_ls_shell.pdbx_total_number_of_bins_used   20 
_refine_ls_shell.pdbx_phase_error                 ? 
_refine_ls_shell.pdbx_fsc_work                    ? 
_refine_ls_shell.pdbx_fsc_free                    ? 
# 
_struct.entry_id                     6PCE 
_struct.title                        'Human Coa6' 
_struct.pdbx_model_details           ? 
_struct.pdbx_formula_weight          ? 
_struct.pdbx_formula_weight_method   ? 
_struct.pdbx_model_type_details      ? 
_struct.pdbx_CASP_flag               N 
# 
_struct_keywords.entry_id        6PCE 
_struct_keywords.text            'Coa6 copper Cytochrome c oxidase mitochondria structure, METAL BINDING PROTEIN' 
_struct_keywords.pdbx_keywords   'METAL BINDING PROTEIN' 
# 
loop_
_struct_asym.id 
_struct_asym.pdbx_blank_PDB_chainid_flag 
_struct_asym.pdbx_modified 
_struct_asym.entity_id 
_struct_asym.details 
A N N 1 ? 
B N N 1 ? 
C N N 2 ? 
D N N 3 ? 
E N N 3 ? 
# 
_struct_ref.id                         1 
_struct_ref.db_name                    UNP 
_struct_ref.db_code                    COA6_HUMAN 
_struct_ref.pdbx_db_accession          Q5JTJ3 
_struct_ref.pdbx_db_isoform            ? 
_struct_ref.entity_id                  1 
_struct_ref.pdbx_seq_one_letter_code   PSMKERQVCWGARDEYWKCLDENLEDASQCKKLRSSFESSCPQQWIKYFDKRRDYLKFKEKFEAGQFEPS 
_struct_ref.pdbx_align_begin           50 
# 
loop_
_struct_ref_seq.align_id 
_struct_ref_seq.ref_id 
_struct_ref_seq.pdbx_PDB_id_code 
_struct_ref_seq.pdbx_strand_id 
_struct_ref_seq.seq_align_beg 
_struct_ref_seq.pdbx_seq_align_beg_ins_code 
_struct_ref_seq.seq_align_end 
_struct_ref_seq.pdbx_seq_align_end_ins_code 
_struct_ref_seq.pdbx_db_accession 
_struct_ref_seq.db_align_beg 
_struct_ref_seq.pdbx_db_align_beg_ins_code 
_struct_ref_seq.db_align_end 
_struct_ref_seq.pdbx_db_align_end_ins_code 
_struct_ref_seq.pdbx_auth_seq_align_beg 
_struct_ref_seq.pdbx_auth_seq_align_end 
1 1 6PCE A 1 ? 70 ? Q5JTJ3 50 ? 119 ? 50 119 
2 1 6PCE B 1 ? 70 ? Q5JTJ3 50 ? 119 ? 50 119 
# 
_pdbx_struct_assembly.id                   1 
_pdbx_struct_assembly.details              author_and_software_defined_assembly 
_pdbx_struct_assembly.method_details       PISA 
_pdbx_struct_assembly.oligomeric_details   dimeric 
_pdbx_struct_assembly.oligomeric_count     2 
# 
loop_
_pdbx_struct_assembly_prop.biol_id 
_pdbx_struct_assembly_prop.type 
_pdbx_struct_assembly_prop.value 
_pdbx_struct_assembly_prop.details 
1 'ABSA (A^2)' 1550 ? 
1 MORE         -22  ? 
1 'SSA (A^2)'  8660 ? 
# 
_pdbx_struct_assembly_gen.assembly_id       1 
_pdbx_struct_assembly_gen.oper_expression   1 
_pdbx_struct_assembly_gen.asym_id_list      A,B,C,D,E 
# 
_pdbx_struct_assembly_auth_evidence.id                     1 
_pdbx_struct_assembly_auth_evidence.assembly_id            1 
_pdbx_struct_assembly_auth_evidence.experimental_support   'gel filtration' 
_pdbx_struct_assembly_auth_evidence.details                ? 
# 
_pdbx_struct_oper_list.id                   1 
_pdbx_struct_oper_list.type                 'identity operation' 
_pdbx_struct_oper_list.name                 1_555 
_pdbx_struct_oper_list.symmetry_operation   x,y,z 
_pdbx_struct_oper_list.matrix[1][1]         1.0000000000 
_pdbx_struct_oper_list.matrix[1][2]         0.0000000000 
_pdbx_struct_oper_list.matrix[1][3]         0.0000000000 
_pdbx_struct_oper_list.vector[1]            0.0000000000 
_pdbx_struct_oper_list.matrix[2][1]         0.0000000000 
_pdbx_struct_oper_list.matrix[2][2]         1.0000000000 
_pdbx_struct_oper_list.matrix[2][3]         0.0000000000 
_pdbx_struct_oper_list.vector[2]            0.0000000000 
_pdbx_struct_oper_list.matrix[3][1]         0.0000000000 
_pdbx_struct_oper_list.matrix[3][2]         0.0000000000 
_pdbx_struct_oper_list.matrix[3][3]         1.0000000000 
_pdbx_struct_oper_list.vector[3]            0.0000000000 
# 
loop_
_struct_conf.conf_type_id 
_struct_conf.id 
_struct_conf.pdbx_PDB_helix_id 
_struct_conf.beg_label_comp_id 
_struct_conf.beg_label_asym_id 
_struct_conf.beg_label_seq_id 
_struct_conf.pdbx_beg_PDB_ins_code 
_struct_conf.end_label_comp_id 
_struct_conf.end_label_asym_id 
_struct_conf.end_label_seq_id 
_struct_conf.pdbx_end_PDB_ins_code 
_struct_conf.beg_auth_comp_id 
_struct_conf.beg_auth_asym_id 
_struct_conf.beg_auth_seq_id 
_struct_conf.end_auth_comp_id 
_struct_conf.end_auth_asym_id 
_struct_conf.end_auth_seq_id 
_struct_conf.pdbx_PDB_helix_class 
_struct_conf.details 
_struct_conf.pdbx_PDB_helix_length 
HELX_P HELX_P1 AA1 MET A 3  ? ASN A 23 ? MET A 52 ASN A 72  1 ? 21 
HELX_P HELX_P2 AA2 ASP A 26 ? GLN A 29 ? ASP A 75 GLN A 78  5 ? 4  
HELX_P HELX_P3 AA3 CYS A 30 ? CYS A 41 ? CYS A 79 CYS A 90  1 ? 12 
HELX_P HELX_P4 AA4 PRO A 42 ? GLU A 60 ? PRO A 91 GLU A 109 1 ? 19 
HELX_P HELX_P5 AA5 SER B 2  ? ASN B 23 ? SER B 51 ASN B 72  1 ? 22 
HELX_P HELX_P6 AA6 CYS B 30 ? CYS B 41 ? CYS B 79 CYS B 90  1 ? 12 
HELX_P HELX_P7 AA7 PRO B 42 ? GLU B 68 ? PRO B 91 GLU B 117 1 ? 27 
# 
_struct_conf_type.id          HELX_P 
_struct_conf_type.criteria    ? 
_struct_conf_type.reference   ? 
# 
loop_
_struct_conn.id 
_struct_conn.conn_type_id 
_struct_conn.pdbx_leaving_atom_flag 
_struct_conn.pdbx_PDB_id 
_struct_conn.ptnr1_label_asym_id 
_struct_conn.ptnr1_label_comp_id 
_struct_conn.ptnr1_label_seq_id 
_struct_conn.ptnr1_label_atom_id 
_struct_conn.pdbx_ptnr1_label_alt_id 
_struct_conn.pdbx_ptnr1_PDB_ins_code 
_struct_conn.pdbx_ptnr1_standard_comp_id 
_struct_conn.ptnr1_symmetry 
_struct_conn.ptnr2_label_asym_id 
_struct_conn.ptnr2_label_comp_id 
_struct_conn.ptnr2_label_seq_id 
_struct_conn.ptnr2_label_atom_id 
_struct_conn.pdbx_ptnr2_label_alt_id 
_struct_conn.pdbx_ptnr2_PDB_ins_code 
_struct_conn.ptnr1_auth_asym_id 
_struct_conn.ptnr1_auth_comp_id 
_struct_conn.ptnr1_auth_seq_id 
_struct_conn.ptnr2_auth_asym_id 
_struct_conn.ptnr2_auth_comp_id 
_struct_conn.ptnr2_auth_seq_id 
_struct_conn.ptnr2_symmetry 
_struct_conn.pdbx_ptnr3_label_atom_id 
_struct_conn.pdbx_ptnr3_label_seq_id 
_struct_conn.pdbx_ptnr3_label_comp_id 
_struct_conn.pdbx_ptnr3_label_asym_id 
_struct_conn.pdbx_ptnr3_label_alt_id 
_struct_conn.pdbx_ptnr3_PDB_ins_code 
_struct_conn.details 
_struct_conn.pdbx_dist_value 
_struct_conn.pdbx_value_order 
_struct_conn.pdbx_role 
disulf1 disulf ? ? A CYS 9  SG ? ? ? 1_555 A CYS 41 SG ? ? A CYS 58 A CYS 90 1_555 ? ? ? ? ? ? ? 2.057 ? ? 
disulf2 disulf ? ? A CYS 19 SG ? ? ? 1_555 A CYS 30 SG ? ? A CYS 68 A CYS 79 1_555 ? ? ? ? ? ? ? 2.040 ? ? 
disulf3 disulf ? ? B CYS 9  SG ? ? ? 1_555 B CYS 41 SG ? ? B CYS 58 B CYS 90 1_555 ? ? ? ? ? ? ? 2.041 ? ? 
disulf4 disulf ? ? B CYS 19 SG ? ? ? 1_555 B CYS 30 SG ? ? B CYS 68 B CYS 79 1_555 ? ? ? ? ? ? ? 2.002 ? ? 
# 
_struct_conn_type.id          disulf 
_struct_conn_type.criteria    ? 
_struct_conn_type.reference   ? 
# 
loop_
_pdbx_modification_feature.ordinal 
_pdbx_modification_feature.label_comp_id 
_pdbx_modification_feature.label_asym_id 
_pdbx_modification_feature.label_seq_id 
_pdbx_modification_feature.label_alt_id 
_pdbx_modification_feature.modified_residue_label_comp_id 
_pdbx_modification_feature.modified_residue_label_asym_id 
_pdbx_modification_feature.modified_residue_label_seq_id 
_pdbx_modification_feature.modified_residue_label_alt_id 
_pdbx_modification_feature.auth_comp_id 
_pdbx_modification_feature.auth_asym_id 
_pdbx_modification_feature.auth_seq_id 
_pdbx_modification_feature.PDB_ins_code 
_pdbx_modification_feature.symmetry 
_pdbx_modification_feature.modified_residue_auth_comp_id 
_pdbx_modification_feature.modified_residue_auth_asym_id 
_pdbx_modification_feature.modified_residue_auth_seq_id 
_pdbx_modification_feature.modified_residue_PDB_ins_code 
_pdbx_modification_feature.modified_residue_symmetry 
_pdbx_modification_feature.comp_id_linking_atom 
_pdbx_modification_feature.modified_residue_id_linking_atom 
_pdbx_modification_feature.modified_residue_id 
_pdbx_modification_feature.ref_pcm_id 
_pdbx_modification_feature.ref_comp_id 
_pdbx_modification_feature.type 
_pdbx_modification_feature.category 
1 CYS A 9  ? CYS A 41 ? CYS A 58 ? 1_555 CYS A 90 ? 1_555 SG SG . . . None 'Disulfide bridge' 
2 CYS A 19 ? CYS A 30 ? CYS A 68 ? 1_555 CYS A 79 ? 1_555 SG SG . . . None 'Disulfide bridge' 
3 CYS B 9  ? CYS B 41 ? CYS B 58 ? 1_555 CYS B 90 ? 1_555 SG SG . . . None 'Disulfide bridge' 
4 CYS B 19 ? CYS B 30 ? CYS B 68 ? 1_555 CYS B 79 ? 1_555 SG SG . . . None 'Disulfide bridge' 
# 
_struct_site.id                   AC1 
_struct_site.pdbx_evidence_code   Software 
_struct_site.pdbx_auth_asym_id    A 
_struct_site.pdbx_auth_comp_id    SO4 
_struct_site.pdbx_auth_seq_id     201 
_struct_site.pdbx_auth_ins_code   ? 
_struct_site.pdbx_num_residues    4 
_struct_site.details              'binding site for residue SO4 A 201' 
# 
loop_
_struct_site_gen.id 
_struct_site_gen.site_id 
_struct_site_gen.pdbx_num_res 
_struct_site_gen.label_comp_id 
_struct_site_gen.label_asym_id 
_struct_site_gen.label_seq_id 
_struct_site_gen.pdbx_auth_ins_code 
_struct_site_gen.auth_comp_id 
_struct_site_gen.auth_asym_id 
_struct_site_gen.auth_seq_id 
_struct_site_gen.label_atom_id 
_struct_site_gen.label_alt_id 
_struct_site_gen.symmetry 
_struct_site_gen.details 
1 AC1 4 GLN A 29 ? GLN A 78  . ? 1_555 ? 
2 AC1 4 ARG A 52 ? ARG A 101 . ? 4_555 ? 
3 AC1 4 ARG B 52 ? ARG B 101 . ? 4_555 ? 
4 AC1 4 TYR B 55 ? TYR B 104 . ? 4_555 ? 
# 
_pdbx_entry_details.entry_id                   6PCE 
_pdbx_entry_details.has_ligand_of_interest     N 
_pdbx_entry_details.compound_details           ? 
_pdbx_entry_details.source_details             ? 
_pdbx_entry_details.nonpolymer_details         ? 
_pdbx_entry_details.sequence_details           ? 
_pdbx_entry_details.has_protein_modification   Y 
# 
loop_
_pdbx_refine_tls.pdbx_refine_id 
_pdbx_refine_tls.id 
_pdbx_refine_tls.details 
_pdbx_refine_tls.method 
_pdbx_refine_tls.origin_x 
_pdbx_refine_tls.origin_y 
_pdbx_refine_tls.origin_z 
_pdbx_refine_tls.T[1][1] 
_pdbx_refine_tls.T[2][2] 
_pdbx_refine_tls.T[3][3] 
_pdbx_refine_tls.T[1][2] 
_pdbx_refine_tls.T[1][3] 
_pdbx_refine_tls.T[2][3] 
_pdbx_refine_tls.L[1][1] 
_pdbx_refine_tls.L[2][2] 
_pdbx_refine_tls.L[3][3] 
_pdbx_refine_tls.L[1][2] 
_pdbx_refine_tls.L[1][3] 
_pdbx_refine_tls.L[2][3] 
_pdbx_refine_tls.S[1][1] 
_pdbx_refine_tls.S[2][2] 
_pdbx_refine_tls.S[3][3] 
_pdbx_refine_tls.S[1][2] 
_pdbx_refine_tls.S[1][3] 
_pdbx_refine_tls.S[2][3] 
_pdbx_refine_tls.S[2][1] 
_pdbx_refine_tls.S[3][1] 
_pdbx_refine_tls.S[3][2] 
'X-RAY DIFFRACTION' 1 ? refined 9.5772   13.1366  -16.6698 0.1342 0.1492 0.1460 -0.0085 -0.0124 0.0346  8.0349 0.3780 2.8734 -1.3218 3.0877 0.0093  -0.1128 -0.0492 0.1620  0.2256  0.2383  -0.0250 -0.0367 -0.2047 0.0960  
'X-RAY DIFFRACTION' 2 ? refined 15.9659  1.2120   -3.4807  0.0145 0.0348 0.0038 -0.0017 0.0006  -0.0100 5.0774 5.3186 5.9854 -1.3889 2.3516 -3.8475 0.0395  0.0314  -0.0710 0.3450  -0.0998 -0.0016 -0.2660 0.2255  0.2298  
'X-RAY DIFFRACTION' 3 ? refined -13.9655 -21.6157 3.3300   0.0967 0.0883 0.0944 -0.0208 -0.0056 0.0004  9.1818 7.2724 2.3393 -1.2707 0.1630 0.2697  -0.0877 -0.0373 0.1250  -0.0316 -0.1406 -0.1498 0.0379  0.1727  0.0745  
'X-RAY DIFFRACTION' 4 ? refined -15.0909 -3.3897  4.7602   0.1442 0.1374 0.1611 0.0709  0.0426  -0.0248 2.5255 8.4758 2.9239 1.5702  0.9102 -1.8045 0.0467  -0.0485 0.0017  -0.0478 0.4075  0.7670  0.3667  -0.5385 -0.4255  
# 
loop_
_pdbx_refine_tls_group.pdbx_refine_id 
_pdbx_refine_tls_group.id 
_pdbx_refine_tls_group.refine_tls_id 
_pdbx_refine_tls_group.beg_auth_asym_id 
_pdbx_refine_tls_group.beg_auth_seq_id 
_pdbx_refine_tls_group.end_auth_asym_id 
_pdbx_refine_tls_group.end_auth_seq_id 
_pdbx_refine_tls_group.selection_details 
_pdbx_refine_tls_group.beg_label_asym_id 
_pdbx_refine_tls_group.beg_label_seq_id 
_pdbx_refine_tls_group.end_label_asym_id 
_pdbx_refine_tls_group.end_label_seq_id 
_pdbx_refine_tls_group.selection 
'X-RAY DIFFRACTION' 1 1 A 52 A 55 ? ? ? ? ? ? 
'X-RAY DIFFRACTION' 2 2 A 56 A 78 ? ? ? ? ? ? 
'X-RAY DIFFRACTION' 3 3 B 50 B 55 ? ? ? ? ? ? 
'X-RAY DIFFRACTION' 4 4 B 56 B 86 ? ? ? ? ? ? 
# 
loop_
_pdbx_unobs_or_zero_occ_residues.id 
_pdbx_unobs_or_zero_occ_residues.PDB_model_num 
_pdbx_unobs_or_zero_occ_residues.polymer_flag 
_pdbx_unobs_or_zero_occ_residues.occupancy_flag 
_pdbx_unobs_or_zero_occ_residues.auth_asym_id 
_pdbx_unobs_or_zero_occ_residues.auth_comp_id 
_pdbx_unobs_or_zero_occ_residues.auth_seq_id 
_pdbx_unobs_or_zero_occ_residues.PDB_ins_code 
_pdbx_unobs_or_zero_occ_residues.label_asym_id 
_pdbx_unobs_or_zero_occ_residues.label_comp_id 
_pdbx_unobs_or_zero_occ_residues.label_seq_id 
1  1 Y 1 A PRO 50  ? A PRO 1  
2  1 Y 1 A SER 51  ? A SER 2  
3  1 Y 1 A GLU 112 ? A GLU 63 
4  1 Y 1 A ALA 113 ? A ALA 64 
5  1 Y 1 A GLY 114 ? A GLY 65 
6  1 Y 1 A GLN 115 ? A GLN 66 
7  1 Y 1 A PHE 116 ? A PHE 67 
8  1 Y 1 A GLU 117 ? A GLU 68 
9  1 Y 1 A PRO 118 ? A PRO 69 
10 1 Y 1 A SER 119 ? A SER 70 
# 
loop_
_chem_comp_atom.comp_id 
_chem_comp_atom.atom_id 
_chem_comp_atom.type_symbol 
_chem_comp_atom.pdbx_aromatic_flag 
_chem_comp_atom.pdbx_stereo_config 
_chem_comp_atom.pdbx_ordinal 
ALA N    N N N 1   
ALA CA   C N S 2   
ALA C    C N N 3   
ALA O    O N N 4   
ALA CB   C N N 5   
ALA OXT  O N N 6   
ALA H    H N N 7   
ALA H2   H N N 8   
ALA HA   H N N 9   
ALA HB1  H N N 10  
ALA HB2  H N N 11  
ALA HB3  H N N 12  
ALA HXT  H N N 13  
ARG N    N N N 14  
ARG CA   C N S 15  
ARG C    C N N 16  
ARG O    O N N 17  
ARG CB   C N N 18  
ARG CG   C N N 19  
ARG CD   C N N 20  
ARG NE   N N N 21  
ARG CZ   C N N 22  
ARG NH1  N N N 23  
ARG NH2  N N N 24  
ARG OXT  O N N 25  
ARG H    H N N 26  
ARG H2   H N N 27  
ARG HA   H N N 28  
ARG HB2  H N N 29  
ARG HB3  H N N 30  
ARG HG2  H N N 31  
ARG HG3  H N N 32  
ARG HD2  H N N 33  
ARG HD3  H N N 34  
ARG HE   H N N 35  
ARG HH11 H N N 36  
ARG HH12 H N N 37  
ARG HH21 H N N 38  
ARG HH22 H N N 39  
ARG HXT  H N N 40  
ASN N    N N N 41  
ASN CA   C N S 42  
ASN C    C N N 43  
ASN O    O N N 44  
ASN CB   C N N 45  
ASN CG   C N N 46  
ASN OD1  O N N 47  
ASN ND2  N N N 48  
ASN OXT  O N N 49  
ASN H    H N N 50  
ASN H2   H N N 51  
ASN HA   H N N 52  
ASN HB2  H N N 53  
ASN HB3  H N N 54  
ASN HD21 H N N 55  
ASN HD22 H N N 56  
ASN HXT  H N N 57  
ASP N    N N N 58  
ASP CA   C N S 59  
ASP C    C N N 60  
ASP O    O N N 61  
ASP CB   C N N 62  
ASP CG   C N N 63  
ASP OD1  O N N 64  
ASP OD2  O N N 65  
ASP OXT  O N N 66  
ASP H    H N N 67  
ASP H2   H N N 68  
ASP HA   H N N 69  
ASP HB2  H N N 70  
ASP HB3  H N N 71  
ASP HD2  H N N 72  
ASP HXT  H N N 73  
CYS N    N N N 74  
CYS CA   C N R 75  
CYS C    C N N 76  
CYS O    O N N 77  
CYS CB   C N N 78  
CYS SG   S N N 79  
CYS OXT  O N N 80  
CYS H    H N N 81  
CYS H2   H N N 82  
CYS HA   H N N 83  
CYS HB2  H N N 84  
CYS HB3  H N N 85  
CYS HG   H N N 86  
CYS HXT  H N N 87  
GLN N    N N N 88  
GLN CA   C N S 89  
GLN C    C N N 90  
GLN O    O N N 91  
GLN CB   C N N 92  
GLN CG   C N N 93  
GLN CD   C N N 94  
GLN OE1  O N N 95  
GLN NE2  N N N 96  
GLN OXT  O N N 97  
GLN H    H N N 98  
GLN H2   H N N 99  
GLN HA   H N N 100 
GLN HB2  H N N 101 
GLN HB3  H N N 102 
GLN HG2  H N N 103 
GLN HG3  H N N 104 
GLN HE21 H N N 105 
GLN HE22 H N N 106 
GLN HXT  H N N 107 
GLU N    N N N 108 
GLU CA   C N S 109 
GLU C    C N N 110 
GLU O    O N N 111 
GLU CB   C N N 112 
GLU CG   C N N 113 
GLU CD   C N N 114 
GLU OE1  O N N 115 
GLU OE2  O N N 116 
GLU OXT  O N N 117 
GLU H    H N N 118 
GLU H2   H N N 119 
GLU HA   H N N 120 
GLU HB2  H N N 121 
GLU HB3  H N N 122 
GLU HG2  H N N 123 
GLU HG3  H N N 124 
GLU HE2  H N N 125 
GLU HXT  H N N 126 
GLY N    N N N 127 
GLY CA   C N N 128 
GLY C    C N N 129 
GLY O    O N N 130 
GLY OXT  O N N 131 
GLY H    H N N 132 
GLY H2   H N N 133 
GLY HA2  H N N 134 
GLY HA3  H N N 135 
GLY HXT  H N N 136 
HOH O    O N N 137 
HOH H1   H N N 138 
HOH H2   H N N 139 
ILE N    N N N 140 
ILE CA   C N S 141 
ILE C    C N N 142 
ILE O    O N N 143 
ILE CB   C N S 144 
ILE CG1  C N N 145 
ILE CG2  C N N 146 
ILE CD1  C N N 147 
ILE OXT  O N N 148 
ILE H    H N N 149 
ILE H2   H N N 150 
ILE HA   H N N 151 
ILE HB   H N N 152 
ILE HG12 H N N 153 
ILE HG13 H N N 154 
ILE HG21 H N N 155 
ILE HG22 H N N 156 
ILE HG23 H N N 157 
ILE HD11 H N N 158 
ILE HD12 H N N 159 
ILE HD13 H N N 160 
ILE HXT  H N N 161 
LEU N    N N N 162 
LEU CA   C N S 163 
LEU C    C N N 164 
LEU O    O N N 165 
LEU CB   C N N 166 
LEU CG   C N N 167 
LEU CD1  C N N 168 
LEU CD2  C N N 169 
LEU OXT  O N N 170 
LEU H    H N N 171 
LEU H2   H N N 172 
LEU HA   H N N 173 
LEU HB2  H N N 174 
LEU HB3  H N N 175 
LEU HG   H N N 176 
LEU HD11 H N N 177 
LEU HD12 H N N 178 
LEU HD13 H N N 179 
LEU HD21 H N N 180 
LEU HD22 H N N 181 
LEU HD23 H N N 182 
LEU HXT  H N N 183 
LYS N    N N N 184 
LYS CA   C N S 185 
LYS C    C N N 186 
LYS O    O N N 187 
LYS CB   C N N 188 
LYS CG   C N N 189 
LYS CD   C N N 190 
LYS CE   C N N 191 
LYS NZ   N N N 192 
LYS OXT  O N N 193 
LYS H    H N N 194 
LYS H2   H N N 195 
LYS HA   H N N 196 
LYS HB2  H N N 197 
LYS HB3  H N N 198 
LYS HG2  H N N 199 
LYS HG3  H N N 200 
LYS HD2  H N N 201 
LYS HD3  H N N 202 
LYS HE2  H N N 203 
LYS HE3  H N N 204 
LYS HZ1  H N N 205 
LYS HZ2  H N N 206 
LYS HZ3  H N N 207 
LYS HXT  H N N 208 
MET N    N N N 209 
MET CA   C N S 210 
MET C    C N N 211 
MET O    O N N 212 
MET CB   C N N 213 
MET CG   C N N 214 
MET SD   S N N 215 
MET CE   C N N 216 
MET OXT  O N N 217 
MET H    H N N 218 
MET H2   H N N 219 
MET HA   H N N 220 
MET HB2  H N N 221 
MET HB3  H N N 222 
MET HG2  H N N 223 
MET HG3  H N N 224 
MET HE1  H N N 225 
MET HE2  H N N 226 
MET HE3  H N N 227 
MET HXT  H N N 228 
PHE N    N N N 229 
PHE CA   C N S 230 
PHE C    C N N 231 
PHE O    O N N 232 
PHE CB   C N N 233 
PHE CG   C Y N 234 
PHE CD1  C Y N 235 
PHE CD2  C Y N 236 
PHE CE1  C Y N 237 
PHE CE2  C Y N 238 
PHE CZ   C Y N 239 
PHE OXT  O N N 240 
PHE H    H N N 241 
PHE H2   H N N 242 
PHE HA   H N N 243 
PHE HB2  H N N 244 
PHE HB3  H N N 245 
PHE HD1  H N N 246 
PHE HD2  H N N 247 
PHE HE1  H N N 248 
PHE HE2  H N N 249 
PHE HZ   H N N 250 
PHE HXT  H N N 251 
PRO N    N N N 252 
PRO CA   C N S 253 
PRO C    C N N 254 
PRO O    O N N 255 
PRO CB   C N N 256 
PRO CG   C N N 257 
PRO CD   C N N 258 
PRO OXT  O N N 259 
PRO H    H N N 260 
PRO HA   H N N 261 
PRO HB2  H N N 262 
PRO HB3  H N N 263 
PRO HG2  H N N 264 
PRO HG3  H N N 265 
PRO HD2  H N N 266 
PRO HD3  H N N 267 
PRO HXT  H N N 268 
SER N    N N N 269 
SER CA   C N S 270 
SER C    C N N 271 
SER O    O N N 272 
SER CB   C N N 273 
SER OG   O N N 274 
SER OXT  O N N 275 
SER H    H N N 276 
SER H2   H N N 277 
SER HA   H N N 278 
SER HB2  H N N 279 
SER HB3  H N N 280 
SER HG   H N N 281 
SER HXT  H N N 282 
SO4 S    S N N 283 
SO4 O1   O N N 284 
SO4 O2   O N N 285 
SO4 O3   O N N 286 
SO4 O4   O N N 287 
TRP N    N N N 288 
TRP CA   C N S 289 
TRP C    C N N 290 
TRP O    O N N 291 
TRP CB   C N N 292 
TRP CG   C Y N 293 
TRP CD1  C Y N 294 
TRP CD2  C Y N 295 
TRP NE1  N Y N 296 
TRP CE2  C Y N 297 
TRP CE3  C Y N 298 
TRP CZ2  C Y N 299 
TRP CZ3  C Y N 300 
TRP CH2  C Y N 301 
TRP OXT  O N N 302 
TRP H    H N N 303 
TRP H2   H N N 304 
TRP HA   H N N 305 
TRP HB2  H N N 306 
TRP HB3  H N N 307 
TRP HD1  H N N 308 
TRP HE1  H N N 309 
TRP HE3  H N N 310 
TRP HZ2  H N N 311 
TRP HZ3  H N N 312 
TRP HH2  H N N 313 
TRP HXT  H N N 314 
TYR N    N N N 315 
TYR CA   C N S 316 
TYR C    C N N 317 
TYR O    O N N 318 
TYR CB   C N N 319 
TYR CG   C Y N 320 
TYR CD1  C Y N 321 
TYR CD2  C Y N 322 
TYR CE1  C Y N 323 
TYR CE2  C Y N 324 
TYR CZ   C Y N 325 
TYR OH   O N N 326 
TYR OXT  O N N 327 
TYR H    H N N 328 
TYR H2   H N N 329 
TYR HA   H N N 330 
TYR HB2  H N N 331 
TYR HB3  H N N 332 
TYR HD1  H N N 333 
TYR HD2  H N N 334 
TYR HE1  H N N 335 
TYR HE2  H N N 336 
TYR HH   H N N 337 
TYR HXT  H N N 338 
VAL N    N N N 339 
VAL CA   C N S 340 
VAL C    C N N 341 
VAL O    O N N 342 
VAL CB   C N N 343 
VAL CG1  C N N 344 
VAL CG2  C N N 345 
VAL OXT  O N N 346 
VAL H    H N N 347 
VAL H2   H N N 348 
VAL HA   H N N 349 
VAL HB   H N N 350 
VAL HG11 H N N 351 
VAL HG12 H N N 352 
VAL HG13 H N N 353 
VAL HG21 H N N 354 
VAL HG22 H N N 355 
VAL HG23 H N N 356 
VAL HXT  H N N 357 
# 
loop_
_chem_comp_bond.comp_id 
_chem_comp_bond.atom_id_1 
_chem_comp_bond.atom_id_2 
_chem_comp_bond.value_order 
_chem_comp_bond.pdbx_aromatic_flag 
_chem_comp_bond.pdbx_stereo_config 
_chem_comp_bond.pdbx_ordinal 
ALA N   CA   sing N N 1   
ALA N   H    sing N N 2   
ALA N   H2   sing N N 3   
ALA CA  C    sing N N 4   
ALA CA  CB   sing N N 5   
ALA CA  HA   sing N N 6   
ALA C   O    doub N N 7   
ALA C   OXT  sing N N 8   
ALA CB  HB1  sing N N 9   
ALA CB  HB2  sing N N 10  
ALA CB  HB3  sing N N 11  
ALA OXT HXT  sing N N 12  
ARG N   CA   sing N N 13  
ARG N   H    sing N N 14  
ARG N   H2   sing N N 15  
ARG CA  C    sing N N 16  
ARG CA  CB   sing N N 17  
ARG CA  HA   sing N N 18  
ARG C   O    doub N N 19  
ARG C   OXT  sing N N 20  
ARG CB  CG   sing N N 21  
ARG CB  HB2  sing N N 22  
ARG CB  HB3  sing N N 23  
ARG CG  CD   sing N N 24  
ARG CG  HG2  sing N N 25  
ARG CG  HG3  sing N N 26  
ARG CD  NE   sing N N 27  
ARG CD  HD2  sing N N 28  
ARG CD  HD3  sing N N 29  
ARG NE  CZ   sing N N 30  
ARG NE  HE   sing N N 31  
ARG CZ  NH1  sing N N 32  
ARG CZ  NH2  doub N N 33  
ARG NH1 HH11 sing N N 34  
ARG NH1 HH12 sing N N 35  
ARG NH2 HH21 sing N N 36  
ARG NH2 HH22 sing N N 37  
ARG OXT HXT  sing N N 38  
ASN N   CA   sing N N 39  
ASN N   H    sing N N 40  
ASN N   H2   sing N N 41  
ASN CA  C    sing N N 42  
ASN CA  CB   sing N N 43  
ASN CA  HA   sing N N 44  
ASN C   O    doub N N 45  
ASN C   OXT  sing N N 46  
ASN CB  CG   sing N N 47  
ASN CB  HB2  sing N N 48  
ASN CB  HB3  sing N N 49  
ASN CG  OD1  doub N N 50  
ASN CG  ND2  sing N N 51  
ASN ND2 HD21 sing N N 52  
ASN ND2 HD22 sing N N 53  
ASN OXT HXT  sing N N 54  
ASP N   CA   sing N N 55  
ASP N   H    sing N N 56  
ASP N   H2   sing N N 57  
ASP CA  C    sing N N 58  
ASP CA  CB   sing N N 59  
ASP CA  HA   sing N N 60  
ASP C   O    doub N N 61  
ASP C   OXT  sing N N 62  
ASP CB  CG   sing N N 63  
ASP CB  HB2  sing N N 64  
ASP CB  HB3  sing N N 65  
ASP CG  OD1  doub N N 66  
ASP CG  OD2  sing N N 67  
ASP OD2 HD2  sing N N 68  
ASP OXT HXT  sing N N 69  
CYS N   CA   sing N N 70  
CYS N   H    sing N N 71  
CYS N   H2   sing N N 72  
CYS CA  C    sing N N 73  
CYS CA  CB   sing N N 74  
CYS CA  HA   sing N N 75  
CYS C   O    doub N N 76  
CYS C   OXT  sing N N 77  
CYS CB  SG   sing N N 78  
CYS CB  HB2  sing N N 79  
CYS CB  HB3  sing N N 80  
CYS SG  HG   sing N N 81  
CYS OXT HXT  sing N N 82  
GLN N   CA   sing N N 83  
GLN N   H    sing N N 84  
GLN N   H2   sing N N 85  
GLN CA  C    sing N N 86  
GLN CA  CB   sing N N 87  
GLN CA  HA   sing N N 88  
GLN C   O    doub N N 89  
GLN C   OXT  sing N N 90  
GLN CB  CG   sing N N 91  
GLN CB  HB2  sing N N 92  
GLN CB  HB3  sing N N 93  
GLN CG  CD   sing N N 94  
GLN CG  HG2  sing N N 95  
GLN CG  HG3  sing N N 96  
GLN CD  OE1  doub N N 97  
GLN CD  NE2  sing N N 98  
GLN NE2 HE21 sing N N 99  
GLN NE2 HE22 sing N N 100 
GLN OXT HXT  sing N N 101 
GLU N   CA   sing N N 102 
GLU N   H    sing N N 103 
GLU N   H2   sing N N 104 
GLU CA  C    sing N N 105 
GLU CA  CB   sing N N 106 
GLU CA  HA   sing N N 107 
GLU C   O    doub N N 108 
GLU C   OXT  sing N N 109 
GLU CB  CG   sing N N 110 
GLU CB  HB2  sing N N 111 
GLU CB  HB3  sing N N 112 
GLU CG  CD   sing N N 113 
GLU CG  HG2  sing N N 114 
GLU CG  HG3  sing N N 115 
GLU CD  OE1  doub N N 116 
GLU CD  OE2  sing N N 117 
GLU OE2 HE2  sing N N 118 
GLU OXT HXT  sing N N 119 
GLY N   CA   sing N N 120 
GLY N   H    sing N N 121 
GLY N   H2   sing N N 122 
GLY CA  C    sing N N 123 
GLY CA  HA2  sing N N 124 
GLY CA  HA3  sing N N 125 
GLY C   O    doub N N 126 
GLY C   OXT  sing N N 127 
GLY OXT HXT  sing N N 128 
HOH O   H1   sing N N 129 
HOH O   H2   sing N N 130 
ILE N   CA   sing N N 131 
ILE N   H    sing N N 132 
ILE N   H2   sing N N 133 
ILE CA  C    sing N N 134 
ILE CA  CB   sing N N 135 
ILE CA  HA   sing N N 136 
ILE C   O    doub N N 137 
ILE C   OXT  sing N N 138 
ILE CB  CG1  sing N N 139 
ILE CB  CG2  sing N N 140 
ILE CB  HB   sing N N 141 
ILE CG1 CD1  sing N N 142 
ILE CG1 HG12 sing N N 143 
ILE CG1 HG13 sing N N 144 
ILE CG2 HG21 sing N N 145 
ILE CG2 HG22 sing N N 146 
ILE CG2 HG23 sing N N 147 
ILE CD1 HD11 sing N N 148 
ILE CD1 HD12 sing N N 149 
ILE CD1 HD13 sing N N 150 
ILE OXT HXT  sing N N 151 
LEU N   CA   sing N N 152 
LEU N   H    sing N N 153 
LEU N   H2   sing N N 154 
LEU CA  C    sing N N 155 
LEU CA  CB   sing N N 156 
LEU CA  HA   sing N N 157 
LEU C   O    doub N N 158 
LEU C   OXT  sing N N 159 
LEU CB  CG   sing N N 160 
LEU CB  HB2  sing N N 161 
LEU CB  HB3  sing N N 162 
LEU CG  CD1  sing N N 163 
LEU CG  CD2  sing N N 164 
LEU CG  HG   sing N N 165 
LEU CD1 HD11 sing N N 166 
LEU CD1 HD12 sing N N 167 
LEU CD1 HD13 sing N N 168 
LEU CD2 HD21 sing N N 169 
LEU CD2 HD22 sing N N 170 
LEU CD2 HD23 sing N N 171 
LEU OXT HXT  sing N N 172 
LYS N   CA   sing N N 173 
LYS N   H    sing N N 174 
LYS N   H2   sing N N 175 
LYS CA  C    sing N N 176 
LYS CA  CB   sing N N 177 
LYS CA  HA   sing N N 178 
LYS C   O    doub N N 179 
LYS C   OXT  sing N N 180 
LYS CB  CG   sing N N 181 
LYS CB  HB2  sing N N 182 
LYS CB  HB3  sing N N 183 
LYS CG  CD   sing N N 184 
LYS CG  HG2  sing N N 185 
LYS CG  HG3  sing N N 186 
LYS CD  CE   sing N N 187 
LYS CD  HD2  sing N N 188 
LYS CD  HD3  sing N N 189 
LYS CE  NZ   sing N N 190 
LYS CE  HE2  sing N N 191 
LYS CE  HE3  sing N N 192 
LYS NZ  HZ1  sing N N 193 
LYS NZ  HZ2  sing N N 194 
LYS NZ  HZ3  sing N N 195 
LYS OXT HXT  sing N N 196 
MET N   CA   sing N N 197 
MET N   H    sing N N 198 
MET N   H2   sing N N 199 
MET CA  C    sing N N 200 
MET CA  CB   sing N N 201 
MET CA  HA   sing N N 202 
MET C   O    doub N N 203 
MET C   OXT  sing N N 204 
MET CB  CG   sing N N 205 
MET CB  HB2  sing N N 206 
MET CB  HB3  sing N N 207 
MET CG  SD   sing N N 208 
MET CG  HG2  sing N N 209 
MET CG  HG3  sing N N 210 
MET SD  CE   sing N N 211 
MET CE  HE1  sing N N 212 
MET CE  HE2  sing N N 213 
MET CE  HE3  sing N N 214 
MET OXT HXT  sing N N 215 
PHE N   CA   sing N N 216 
PHE N   H    sing N N 217 
PHE N   H2   sing N N 218 
PHE CA  C    sing N N 219 
PHE CA  CB   sing N N 220 
PHE CA  HA   sing N N 221 
PHE C   O    doub N N 222 
PHE C   OXT  sing N N 223 
PHE CB  CG   sing N N 224 
PHE CB  HB2  sing N N 225 
PHE CB  HB3  sing N N 226 
PHE CG  CD1  doub Y N 227 
PHE CG  CD2  sing Y N 228 
PHE CD1 CE1  sing Y N 229 
PHE CD1 HD1  sing N N 230 
PHE CD2 CE2  doub Y N 231 
PHE CD2 HD2  sing N N 232 
PHE CE1 CZ   doub Y N 233 
PHE CE1 HE1  sing N N 234 
PHE CE2 CZ   sing Y N 235 
PHE CE2 HE2  sing N N 236 
PHE CZ  HZ   sing N N 237 
PHE OXT HXT  sing N N 238 
PRO N   CA   sing N N 239 
PRO N   CD   sing N N 240 
PRO N   H    sing N N 241 
PRO CA  C    sing N N 242 
PRO CA  CB   sing N N 243 
PRO CA  HA   sing N N 244 
PRO C   O    doub N N 245 
PRO C   OXT  sing N N 246 
PRO CB  CG   sing N N 247 
PRO CB  HB2  sing N N 248 
PRO CB  HB3  sing N N 249 
PRO CG  CD   sing N N 250 
PRO CG  HG2  sing N N 251 
PRO CG  HG3  sing N N 252 
PRO CD  HD2  sing N N 253 
PRO CD  HD3  sing N N 254 
PRO OXT HXT  sing N N 255 
SER N   CA   sing N N 256 
SER N   H    sing N N 257 
SER N   H2   sing N N 258 
SER CA  C    sing N N 259 
SER CA  CB   sing N N 260 
SER CA  HA   sing N N 261 
SER C   O    doub N N 262 
SER C   OXT  sing N N 263 
SER CB  OG   sing N N 264 
SER CB  HB2  sing N N 265 
SER CB  HB3  sing N N 266 
SER OG  HG   sing N N 267 
SER OXT HXT  sing N N 268 
SO4 S   O1   doub N N 269 
SO4 S   O2   doub N N 270 
SO4 S   O3   sing N N 271 
SO4 S   O4   sing N N 272 
TRP N   CA   sing N N 273 
TRP N   H    sing N N 274 
TRP N   H2   sing N N 275 
TRP CA  C    sing N N 276 
TRP CA  CB   sing N N 277 
TRP CA  HA   sing N N 278 
TRP C   O    doub N N 279 
TRP C   OXT  sing N N 280 
TRP CB  CG   sing N N 281 
TRP CB  HB2  sing N N 282 
TRP CB  HB3  sing N N 283 
TRP CG  CD1  doub Y N 284 
TRP CG  CD2  sing Y N 285 
TRP CD1 NE1  sing Y N 286 
TRP CD1 HD1  sing N N 287 
TRP CD2 CE2  doub Y N 288 
TRP CD2 CE3  sing Y N 289 
TRP NE1 CE2  sing Y N 290 
TRP NE1 HE1  sing N N 291 
TRP CE2 CZ2  sing Y N 292 
TRP CE3 CZ3  doub Y N 293 
TRP CE3 HE3  sing N N 294 
TRP CZ2 CH2  doub Y N 295 
TRP CZ2 HZ2  sing N N 296 
TRP CZ3 CH2  sing Y N 297 
TRP CZ3 HZ3  sing N N 298 
TRP CH2 HH2  sing N N 299 
TRP OXT HXT  sing N N 300 
TYR N   CA   sing N N 301 
TYR N   H    sing N N 302 
TYR N   H2   sing N N 303 
TYR CA  C    sing N N 304 
TYR CA  CB   sing N N 305 
TYR CA  HA   sing N N 306 
TYR C   O    doub N N 307 
TYR C   OXT  sing N N 308 
TYR CB  CG   sing N N 309 
TYR CB  HB2  sing N N 310 
TYR CB  HB3  sing N N 311 
TYR CG  CD1  doub Y N 312 
TYR CG  CD2  sing Y N 313 
TYR CD1 CE1  sing Y N 314 
TYR CD1 HD1  sing N N 315 
TYR CD2 CE2  doub Y N 316 
TYR CD2 HD2  sing N N 317 
TYR CE1 CZ   doub Y N 318 
TYR CE1 HE1  sing N N 319 
TYR CE2 CZ   sing Y N 320 
TYR CE2 HE2  sing N N 321 
TYR CZ  OH   sing N N 322 
TYR OH  HH   sing N N 323 
TYR OXT HXT  sing N N 324 
VAL N   CA   sing N N 325 
VAL N   H    sing N N 326 
VAL N   H2   sing N N 327 
VAL CA  C    sing N N 328 
VAL CA  CB   sing N N 329 
VAL CA  HA   sing N N 330 
VAL C   O    doub N N 331 
VAL C   OXT  sing N N 332 
VAL CB  CG1  sing N N 333 
VAL CB  CG2  sing N N 334 
VAL CB  HB   sing N N 335 
VAL CG1 HG11 sing N N 336 
VAL CG1 HG12 sing N N 337 
VAL CG1 HG13 sing N N 338 
VAL CG2 HG21 sing N N 339 
VAL CG2 HG22 sing N N 340 
VAL CG2 HG23 sing N N 341 
VAL OXT HXT  sing N N 342 
# 
loop_
_pdbx_audit_support.funding_organization 
_pdbx_audit_support.country 
_pdbx_audit_support.grant_number 
_pdbx_audit_support.ordinal 
'Australian Research Council (ARC)'                               Australia DP140102746 1 
'National Health and Medical Research Council (NHMRC, Australia)' Australia GNT1165217  2 
'National Health and Medical Research Council (NHMRC, Australia)' Australia GNT1140851  3 
# 
_atom_sites.entry_id                    6PCE 
_atom_sites.Cartn_transf_matrix[1][1]   ? 
_atom_sites.Cartn_transf_matrix[1][2]   ? 
_atom_sites.Cartn_transf_matrix[1][3]   ? 
_atom_sites.Cartn_transf_matrix[2][1]   ? 
_atom_sites.Cartn_transf_matrix[2][2]   ? 
_atom_sites.Cartn_transf_matrix[2][3]   ? 
_atom_sites.Cartn_transf_matrix[3][1]   ? 
_atom_sites.Cartn_transf_matrix[3][2]   ? 
_atom_sites.Cartn_transf_matrix[3][3]   ? 
_atom_sites.Cartn_transf_vector[1]      ? 
_atom_sites.Cartn_transf_vector[2]      ? 
_atom_sites.Cartn_transf_vector[3]      ? 
_atom_sites.fract_transf_matrix[1][1]   -0.00231623 
_atom_sites.fract_transf_matrix[1][2]   0.00368375 
_atom_sites.fract_transf_matrix[1][3]   0.03099504 
_atom_sites.fract_transf_matrix[2][1]   0.00031323 
_atom_sites.fract_transf_matrix[2][2]   -0.01894234 
_atom_sites.fract_transf_matrix[2][3]   0.00227470 
_atom_sites.fract_transf_matrix[3][1]   0.01273525 
_atom_sites.fract_transf_matrix[3][2]   0.00032031 
_atom_sites.fract_transf_matrix[3][3]   0.00091362 
_atom_sites.fract_transf_vector[1]      -0.237135 
_atom_sites.fract_transf_vector[2]      0.194414 
_atom_sites.fract_transf_vector[3]      -0.166681 
_atom_sites.solution_primary            ? 
_atom_sites.solution_secondary          ? 
_atom_sites.solution_hydrogens          ? 
_atom_sites.special_details             ? 
# 
loop_
_atom_type.symbol 
C 
N 
O 
S 
# 
loop_
_atom_site.group_PDB 
_atom_site.id 
_atom_site.type_symbol 
_atom_site.label_atom_id 
_atom_site.label_alt_id 
_atom_site.label_comp_id 
_atom_site.label_asym_id 
_atom_site.label_entity_id 
_atom_site.label_seq_id 
_atom_site.pdbx_PDB_ins_code 
_atom_site.Cartn_x 
_atom_site.Cartn_y 
_atom_site.Cartn_z 
_atom_site.occupancy 
_atom_site.B_iso_or_equiv 
_atom_site.pdbx_formal_charge 
_atom_site.auth_seq_id 
_atom_site.auth_comp_id 
_atom_site.auth_asym_id 
_atom_site.auth_atom_id 
_atom_site.pdbx_PDB_model_num 
ATOM   1    N N   . MET A 1 3  ? 9.604   15.736  -18.094 1.00 38.33  ? 52  MET A N   1 
ATOM   2    C CA  . MET A 1 3  ? 9.921   14.304  -18.410 1.00 34.96  ? 52  MET A CA  1 
ATOM   3    C C   . MET A 1 3  ? 11.273  13.872  -17.828 1.00 53.85  ? 52  MET A C   1 
ATOM   4    O O   . MET A 1 3  ? 11.380  12.682  -17.466 1.00 37.42  ? 52  MET A O   1 
ATOM   5    C CB  . MET A 1 3  ? 9.979   14.015  -19.911 1.00 40.62  ? 52  MET A CB  1 
ATOM   6    C CG  . MET A 1 3  ? 10.209  12.533  -20.259 1.00 40.73  ? 52  MET A CG  1 
ATOM   7    S SD  . MET A 1 3  ? 8.719   11.416  -20.129 1.00 44.87  ? 52  MET A SD  1 
ATOM   8    C CE  . MET A 1 3  ? 8.175   11.463  -21.843 1.00 43.30  ? 52  MET A CE  1 
ATOM   9    N N   . LYS A 1 4  ? 12.299  14.733  -17.891 1.00 44.63  ? 53  LYS A N   1 
ATOM   10   C CA  . LYS A 1 4  ? 13.598  14.463  -17.228 1.00 42.09  ? 53  LYS A CA  1 
ATOM   11   C C   . LYS A 1 4  ? 13.354  14.203  -15.735 1.00 35.22  ? 53  LYS A C   1 
ATOM   12   O O   . LYS A 1 4  ? 13.910  13.161  -15.219 1.00 34.66  ? 53  LYS A O   1 
ATOM   13   C CB  . LYS A 1 4  ? 14.554  15.645  -17.383 1.00 40.61  ? 53  LYS A CB  1 
ATOM   14   N N   . GLU A 1 5  ? 12.561  15.078  -15.082 1.00 33.03  ? 54  GLU A N   1 
ATOM   15   C CA  . GLU A 1 5  ? 12.324  15.059  -13.607 1.00 36.27  ? 54  GLU A CA  1 
ATOM   16   C C   . GLU A 1 5  ? 11.718  13.685  -13.306 1.00 39.38  ? 54  GLU A C   1 
ATOM   17   O O   . GLU A 1 5  ? 12.027  13.046  -12.296 1.00 31.83  ? 54  GLU A O   1 
ATOM   18   C CB  . GLU A 1 5  ? 11.376  16.167  -13.138 1.00 41.15  ? 54  GLU A CB  1 
ATOM   19   N N   . ARG A 1 6  ? 10.894  13.215  -14.216 1.00 32.04  ? 55  ARG A N   1 
ATOM   20   C CA  . ARG A 1 6  ? 10.097  11.978  -14.029 1.00 27.69  ? 55  ARG A CA  1 
ATOM   21   C C   . ARG A 1 6  ? 11.068  10.789  -14.114 1.00 37.85  ? 55  ARG A C   1 
ATOM   22   O O   . ARG A 1 6  ? 11.072  9.917   -13.192 1.00 27.15  ? 55  ARG A O   1 
ATOM   23   C CB  . ARG A 1 6  ? 8.955   12.041  -15.060 1.00 34.76  ? 55  ARG A CB  1 
ATOM   24   C CG  . ARG A 1 6  ? 7.874   11.008  -14.917 1.00 32.89  ? 55  ARG A CG  1 
ATOM   25   C CD  . ARG A 1 6  ? 6.853   11.213  -16.047 1.00 24.89  ? 55  ARG A CD  1 
ATOM   26   N NE  . ARG A 1 6  ? 5.882   12.308  -15.809 1.00 30.24  ? 55  ARG A NE  1 
ATOM   27   C CZ  . ARG A 1 6  ? 4.711   12.209  -15.166 1.00 23.22  ? 55  ARG A CZ  1 
ATOM   28   N NH1 . ARG A 1 6  ? 4.327   11.068  -14.643 1.00 26.71  ? 55  ARG A NH1 1 
ATOM   29   N NH2 . ARG A 1 6  ? 3.942   13.293  -15.014 1.00 27.95  ? 55  ARG A NH2 1 
ATOM   30   N N   . GLN A 1 7  ? 11.991  10.828  -15.087 1.00 32.13  ? 56  GLN A N   1 
ATOM   31   C CA  . GLN A 1 7  ? 13.034  9.770   -15.185 1.00 36.82  ? 56  GLN A CA  1 
ATOM   32   C C   . GLN A 1 7  ? 13.935  9.777   -13.960 1.00 31.53  ? 56  GLN A C   1 
ATOM   33   O O   . GLN A 1 7  ? 14.197  8.726   -13.428 1.00 28.96  ? 56  GLN A O   1 
ATOM   34   C CB  . GLN A 1 7  ? 13.880  9.923   -16.443 1.00 41.42  ? 56  GLN A CB  1 
ATOM   35   C CG  . GLN A 1 7  ? 13.482  8.943   -17.533 1.00 62.80  ? 56  GLN A CG  1 
ATOM   36   C CD  . GLN A 1 7  ? 13.980  9.508   -18.837 1.00 68.26  ? 56  GLN A CD  1 
ATOM   37   O OE1 . GLN A 1 7  ? 15.177  9.706   -19.014 1.00 86.68  ? 56  GLN A OE1 1 
ATOM   38   N NE2 . GLN A 1 7  ? 13.060  9.860   -19.712 1.00 57.64  ? 56  GLN A NE2 1 
ATOM   39   N N   . VAL A 1 8  ? 14.313  10.942  -13.470 1.00 29.15  ? 57  VAL A N   1 
ATOM   40   C CA  . VAL A 1 8  ? 15.154  11.064  -12.253 1.00 29.79  ? 57  VAL A CA  1 
ATOM   41   C C   . VAL A 1 8  ? 14.438  10.430  -11.046 1.00 26.76  ? 57  VAL A C   1 
ATOM   42   O O   . VAL A 1 8  ? 15.104  9.689   -10.291 1.00 25.47  ? 57  VAL A O   1 
ATOM   43   C CB  . VAL A 1 8  ? 15.614  12.511  -12.050 1.00 33.93  ? 57  VAL A CB  1 
ATOM   44   C CG1 . VAL A 1 8  ? 16.329  12.684  -10.717 1.00 39.98  ? 57  VAL A CG1 1 
ATOM   45   C CG2 . VAL A 1 8  ? 16.490  12.947  -13.224 1.00 37.01  ? 57  VAL A CG2 1 
ATOM   46   N N   . CYS A 1 9  ? 13.149  10.695  -10.872 1.00 25.69  ? 58  CYS A N   1 
ATOM   47   C CA  . CYS A 1 9  ? 12.401  10.165  -9.710  1.00 23.90  ? 58  CYS A CA  1 
ATOM   48   C C   . CYS A 1 9  ? 12.364  8.638   -9.824  1.00 22.47  ? 58  CYS A C   1 
ATOM   49   O O   . CYS A 1 9  ? 12.682  7.979   -8.846  1.00 20.14  ? 58  CYS A O   1 
ATOM   50   C CB  . CYS A 1 9  ? 11.011  10.752  -9.682  1.00 21.82  ? 58  CYS A CB  1 
ATOM   51   S SG  . CYS A 1 9  ? 9.917   9.860   -8.581  1.00 24.33  ? 58  CYS A SG  1 
ATOM   52   N N   . TRP A 1 10 ? 12.028  8.093   -11.025 1.00 24.08  ? 59  TRP A N   1 
ATOM   53   C CA  . TRP A 1 10 ? 11.994  6.612   -11.176 1.00 29.87  ? 59  TRP A CA  1 
ATOM   54   C C   . TRP A 1 10 ? 13.376  6.003   -10.869 1.00 21.71  ? 59  TRP A C   1 
ATOM   55   O O   . TRP A 1 10 ? 13.419  5.009   -10.260 1.00 22.72  ? 59  TRP A O   1 
ATOM   56   C CB  . TRP A 1 10 ? 11.489  6.202   -12.565 1.00 37.62  ? 59  TRP A CB  1 
ATOM   57   C CG  . TRP A 1 10 ? 10.030  6.504   -12.673 1.00 39.47  ? 59  TRP A CG  1 
ATOM   58   C CD1 . TRP A 1 10 ? 9.435   7.544   -13.334 1.00 31.80  ? 59  TRP A CD1 1 
ATOM   59   C CD2 . TRP A 1 10 ? 8.972   5.779   -12.021 1.00 33.73  ? 59  TRP A CD2 1 
ATOM   60   N NE1 . TRP A 1 10 ? 8.083   7.534   -13.146 1.00 34.77  ? 59  TRP A NE1 1 
ATOM   61   C CE2 . TRP A 1 10 ? 7.760   6.465   -12.320 1.00 33.30  ? 59  TRP A CE2 1 
ATOM   62   C CE3 . TRP A 1 10 ? 8.925   4.609   -11.250 1.00 37.14  ? 59  TRP A CE3 1 
ATOM   63   C CZ2 . TRP A 1 10 ? 6.530   5.988   -11.860 1.00 31.71  ? 59  TRP A CZ2 1 
ATOM   64   C CZ3 . TRP A 1 10 ? 7.701   4.152   -10.806 1.00 40.78  ? 59  TRP A CZ3 1 
ATOM   65   C CH2 . TRP A 1 10 ? 6.519   4.828   -11.119 1.00 37.41  ? 59  TRP A CH2 1 
ATOM   66   N N   . GLY A 1 11 ? 14.442  6.616   -11.363 1.00 24.57  ? 60  GLY A N   1 
ATOM   67   C CA  . GLY A 1 11 ? 15.796  6.098   -11.128 1.00 23.54  ? 60  GLY A CA  1 
ATOM   68   C C   . GLY A 1 11 ? 16.110  6.123   -9.652  1.00 21.41  ? 60  GLY A C   1 
ATOM   69   O O   . GLY A 1 11 ? 16.786  5.220   -9.164  1.00 22.12  ? 60  GLY A O   1 
ATOM   70   N N   . ALA A 1 12 ? 15.737  7.193   -8.971  1.00 21.14  ? 61  ALA A N   1 
ATOM   71   C CA  . ALA A 1 12 ? 16.023  7.322   -7.524  1.00 21.75  ? 61  ALA A CA  1 
ATOM   72   C C   . ALA A 1 12 ? 15.281  6.240   -6.762  1.00 19.95  ? 61  ALA A C   1 
ATOM   73   O O   . ALA A 1 12 ? 15.850  5.695   -5.772  1.00 20.27  ? 61  ALA A O   1 
ATOM   74   C CB  . ALA A 1 12 ? 15.717  8.729   -6.999  1.00 21.23  ? 61  ALA A CB  1 
ATOM   75   N N   . ARG A 1 13 ? 14.048  5.941   -7.183  1.00 18.20  ? 62  ARG A N   1 
ATOM   76   C CA  . ARG A 1 13 ? 13.214  4.903   -6.519  1.00 16.44  ? 62  ARG A CA  1 
ATOM   77   C C   . ARG A 1 13 ? 13.850  3.527   -6.743  1.00 17.32  ? 62  ARG A C   1 
ATOM   78   O O   . ARG A 1 13 ? 13.794  2.692   -5.819  1.00 18.12  ? 62  ARG A O   1 
ATOM   79   C CB  . ARG A 1 13 ? 11.782  4.941   -7.061  1.00 18.25  ? 62  ARG A CB  1 
ATOM   80   C CG  . ARG A 1 13 ? 10.785  4.134   -6.242  1.00 22.08  ? 62  ARG A CG  1 
ATOM   81   C CD  . ARG A 1 13 ? 10.890  2.644   -6.507  1.00 31.17  ? 62  ARG A CD  1 
ATOM   82   N NE  . ARG A 1 13 ? 10.920  2.336   -7.929  1.00 30.27  ? 62  ARG A NE  1 
ATOM   83   C CZ  . ARG A 1 13 ? 9.877   1.898   -8.627  1.00 31.43  ? 62  ARG A CZ  1 
ATOM   84   N NH1 . ARG A 1 13 ? 8.712   1.715   -8.030  1.00 35.41  ? 62  ARG A NH1 1 
ATOM   85   N NH2 . ARG A 1 13 ? 10.003  1.646   -9.917  1.00 40.06  ? 62  ARG A NH2 1 
ATOM   86   N N   . ASP A 1 14 ? 14.429  3.312   -7.929  1.00 18.66  ? 63  ASP A N   1 
ATOM   87   C CA  A ASP A 1 14 ? 15.126  2.054   -8.273  0.50 21.17  ? 63  ASP A CA  1 
ATOM   88   C CA  B ASP A 1 14 ? 15.108  2.033   -8.263  0.50 22.38  ? 63  ASP A CA  1 
ATOM   89   C C   . ASP A 1 14 ? 16.376  1.902   -7.412  1.00 19.12  ? 63  ASP A C   1 
ATOM   90   O O   . ASP A 1 14 ? 16.580  0.803   -6.831  1.00 19.00  ? 63  ASP A O   1 
ATOM   91   C CB  A ASP A 1 14 ? 15.459  2.037   -9.755  0.50 25.69  ? 63  ASP A CB  1 
ATOM   92   C CB  B ASP A 1 14 ? 15.417  1.880   -9.757  0.50 29.62  ? 63  ASP A CB  1 
ATOM   93   C CG  A ASP A 1 14 ? 14.204  1.921   -10.581 0.50 22.68  ? 63  ASP A CG  1 
ATOM   94   C CG  B ASP A 1 14 ? 15.993  0.514   -10.127 0.50 28.14  ? 63  ASP A CG  1 
ATOM   95   O OD1 A ASP A 1 14 ? 13.130  1.651   -10.011 0.50 27.77  ? 63  ASP A OD1 1 
ATOM   96   O OD1 B ASP A 1 14 ? 15.559  -0.510  -9.547  0.50 27.59  ? 63  ASP A OD1 1 
ATOM   97   O OD2 A ASP A 1 14 ? 14.324  2.071   -11.746 0.50 18.58  ? 63  ASP A OD2 1 
ATOM   98   O OD2 B ASP A 1 14 ? 16.863  0.474   -11.012 0.50 33.45  ? 63  ASP A OD2 1 
ATOM   99   N N   . GLU A 1 15 ? 17.154  2.969   -7.288  1.00 19.76  ? 64  GLU A N   1 
ATOM   100  C CA  . GLU A 1 15 ? 18.417  2.857   -6.545  1.00 17.39  ? 64  GLU A CA  1 
ATOM   101  C C   . GLU A 1 15 ? 18.107  2.596   -5.081  1.00 17.72  ? 64  GLU A C   1 
ATOM   102  O O   . GLU A 1 15 ? 18.820  1.856   -4.422  1.00 19.57  ? 64  GLU A O   1 
ATOM   103  C CB  . GLU A 1 15 ? 19.266  4.123   -6.713  1.00 21.71  ? 64  GLU A CB  1 
ATOM   104  C CG  . GLU A 1 15 ? 20.545  3.848   -7.404  1.00 44.73  ? 64  GLU A CG  1 
ATOM   105  C CD  . GLU A 1 15 ? 21.339  5.123   -7.584  1.00 36.59  ? 64  GLU A CD  1 
ATOM   106  O OE1 . GLU A 1 15 ? 22.275  5.303   -6.797  1.00 34.89  ? 64  GLU A OE1 1 
ATOM   107  O OE2 . GLU A 1 15 ? 21.042  5.848   -8.568  1.00 46.88  ? 64  GLU A OE2 1 
ATOM   108  N N   . TYR A 1 16 ? 17.118  3.289   -4.539  1.00 18.22  ? 65  TYR A N   1 
ATOM   109  C CA  . TYR A 1 16 ? 16.737  3.087   -3.122  1.00 17.62  ? 65  TYR A CA  1 
ATOM   110  C C   . TYR A 1 16 ? 16.249  1.651   -2.887  1.00 17.96  ? 65  TYR A C   1 
ATOM   111  O O   . TYR A 1 16 ? 16.650  0.961   -1.988  1.00 16.93  ? 65  TYR A O   1 
ATOM   112  C CB  . TYR A 1 16 ? 15.674  4.098   -2.721  1.00 16.44  ? 65  TYR A CB  1 
ATOM   113  C CG  . TYR A 1 16 ? 15.251  4.006   -1.280  1.00 14.22  ? 65  TYR A CG  1 
ATOM   114  C CD1 . TYR A 1 16 ? 16.175  4.087   -0.243  1.00 19.10  ? 65  TYR A CD1 1 
ATOM   115  C CD2 . TYR A 1 16 ? 13.943  3.685   -0.959  1.00 15.51  ? 65  TYR A CD2 1 
ATOM   116  C CE1 . TYR A 1 16 ? 15.775  3.968   1.083   1.00 17.89  ? 65  TYR A CE1 1 
ATOM   117  C CE2 . TYR A 1 16 ? 13.525  3.572   0.361   1.00 16.79  ? 65  TYR A CE2 1 
ATOM   118  C CZ  . TYR A 1 16 ? 14.447  3.669   1.378   1.00 17.84  ? 65  TYR A CZ  1 
ATOM   119  O OH  . TYR A 1 16 ? 14.060  3.553   2.704   1.00 20.62  ? 65  TYR A OH  1 
ATOM   120  N N   . TRP A 1 17 ? 15.343  1.190   -3.716  1.00 15.66  ? 66  TRP A N   1 
ATOM   121  C CA  . TRP A 1 17 ? 14.815  -0.178  -3.619  1.00 16.74  ? 66  TRP A CA  1 
ATOM   122  C C   . TRP A 1 17 ? 15.934  -1.219  -3.769  1.00 17.33  ? 66  TRP A C   1 
ATOM   123  O O   . TRP A 1 17 ? 15.881  -2.242  -3.069  1.00 19.18  ? 66  TRP A O   1 
ATOM   124  C CB  . TRP A 1 17 ? 13.667  -0.457  -4.565  1.00 14.48  ? 66  TRP A CB  1 
ATOM   125  C CG  . TRP A 1 17 ? 12.366  0.136   -4.079  1.00 16.60  ? 66  TRP A CG  1 
ATOM   126  C CD1 . TRP A 1 17 ? 12.152  1.037   -3.057  1.00 17.58  ? 66  TRP A CD1 1 
ATOM   127  C CD2 . TRP A 1 17 ? 11.098  -0.182  -4.628  1.00 18.93  ? 66  TRP A CD2 1 
ATOM   128  N NE1 . TRP A 1 17 ? 10.806  1.312   -2.979  1.00 15.22  ? 66  TRP A NE1 1 
ATOM   129  C CE2 . TRP A 1 17 ? 10.138  0.573   -3.921  1.00 16.75  ? 66  TRP A CE2 1 
ATOM   130  C CE3 . TRP A 1 17 ? 10.683  -1.018  -5.678  1.00 22.84  ? 66  TRP A CE3 1 
ATOM   131  C CZ2 . TRP A 1 17 ? 8.806   0.526   -4.264  1.00 18.78  ? 66  TRP A CZ2 1 
ATOM   132  C CZ3 . TRP A 1 17 ? 9.357   -1.080  -5.994  1.00 23.81  ? 66  TRP A CZ3 1 
ATOM   133  C CH2 . TRP A 1 17 ? 8.420   -0.306  -5.285  1.00 20.69  ? 66  TRP A CH2 1 
ATOM   134  N N   . LYS A 1 18 ? 16.893  -0.984  -4.668  1.00 18.37  ? 67  LYS A N   1 
ATOM   135  C CA  . LYS A 1 18 ? 18.022  -1.947  -4.825  1.00 16.34  ? 67  LYS A CA  1 
ATOM   136  C C   . LYS A 1 18 ? 18.859  -1.964  -3.561  1.00 19.08  ? 67  LYS A C   1 
ATOM   137  O O   . LYS A 1 18 ? 19.291  -3.048  -3.194  1.00 22.28  ? 67  LYS A O   1 
ATOM   138  C CB  . LYS A 1 18 ? 18.867  -1.482  -5.995  1.00 23.75  ? 67  LYS A CB  1 
ATOM   139  C CG  . LYS A 1 18 ? 20.086  -2.342  -6.246  1.00 34.23  ? 67  LYS A CG  1 
ATOM   140  C CD  . LYS A 1 18 ? 19.737  -3.713  -6.777  1.00 37.07  ? 67  LYS A CD  1 
ATOM   141  C CE  . LYS A 1 18 ? 20.934  -4.625  -6.872  1.00 46.09  ? 67  LYS A CE  1 
ATOM   142  N NZ  . LYS A 1 18 ? 20.524  -5.906  -7.481  1.00 62.30  ? 67  LYS A NZ  1 
ATOM   143  N N   . CYS A 1 19 ? 19.027  -0.810  -2.920  1.00 16.52  ? 68  CYS A N   1 
ATOM   144  C CA  . CYS A 1 19 ? 19.712  -0.708  -1.580  1.00 17.36  ? 68  CYS A CA  1 
ATOM   145  C C   . CYS A 1 19 ? 18.942  -1.526  -0.541  1.00 20.79  ? 68  CYS A C   1 
ATOM   146  O O   . CYS A 1 19 ? 19.564  -2.311  0.235   1.00 19.81  ? 68  CYS A O   1 
ATOM   147  C CB  . CYS A 1 19 ? 19.930  0.738   -1.168  1.00 18.81  ? 68  CYS A CB  1 
ATOM   148  S SG  . CYS A 1 19 ? 20.864  0.844   0.369   1.00 20.98  ? 68  CYS A SG  1 
ATOM   149  N N   . LEU A 1 20 ? 17.642  -1.406  -0.522  1.00 16.46  ? 69  LEU A N   1 
ATOM   150  C CA  . LEU A 1 20 ? 16.830  -2.199  0.426   1.00 19.16  ? 69  LEU A CA  1 
ATOM   151  C C   . LEU A 1 20 ? 17.012  -3.695  0.150   1.00 22.20  ? 69  LEU A C   1 
ATOM   152  O O   . LEU A 1 20 ? 17.154  -4.472  1.037   1.00 21.85  ? 69  LEU A O   1 
ATOM   153  C CB  . LEU A 1 20 ? 15.349  -1.809  0.296   1.00 18.74  ? 69  LEU A CB  1 
ATOM   154  C CG  . LEU A 1 20 ? 14.972  -0.393  0.763   1.00 17.70  ? 69  LEU A CG  1 
ATOM   155  C CD1 . LEU A 1 20 ? 13.472  -0.095  0.555   1.00 17.85  ? 69  LEU A CD1 1 
ATOM   156  C CD2 . LEU A 1 20 ? 15.382  -0.163  2.218   1.00 19.22  ? 69  LEU A CD2 1 
ATOM   157  N N   . ASP A 1 21 ? 16.876  -4.102  -1.097  1.00 16.87  ? 70  ASP A N   1 
ATOM   158  C CA  . ASP A 1 21 ? 17.111  -5.507  -1.491  1.00 19.29  ? 70  ASP A CA  1 
ATOM   159  C C   . ASP A 1 21 ? 18.500  -5.987  -0.976  1.00 22.96  ? 70  ASP A C   1 
ATOM   160  O O   . ASP A 1 21 ? 18.584  -7.031  -0.297  1.00 22.90  ? 70  ASP A O   1 
ATOM   161  C CB  . ASP A 1 21 ? 17.079  -5.596  -3.027  1.00 24.11  ? 70  ASP A CB  1 
ATOM   162  C CG  . ASP A 1 21 ? 15.739  -5.444  -3.707  1.00 37.31  ? 70  ASP A CG  1 
ATOM   163  O OD1 . ASP A 1 21 ? 14.701  -5.611  -3.042  1.00 34.45  ? 70  ASP A OD1 1 
ATOM   164  O OD2 . ASP A 1 21 ? 15.750  -5.209  -4.930  1.00 39.58  ? 70  ASP A OD2 1 
ATOM   165  N N   . GLU A 1 22 ? 19.577  -5.243  -1.277  1.00 19.84  ? 71  GLU A N   1 
ATOM   166  C CA  . GLU A 1 22 ? 20.964  -5.670  -0.950  1.00 20.72  ? 71  GLU A CA  1 
ATOM   167  C C   . GLU A 1 22 ? 21.163  -5.721  0.558   1.00 22.63  ? 71  GLU A C   1 
ATOM   168  O O   . GLU A 1 22 ? 21.985  -6.494  0.987   1.00 22.13  ? 71  GLU A O   1 
ATOM   169  C CB  . GLU A 1 22 ? 21.999  -4.676  -1.474  1.00 28.38  ? 71  GLU A CB  1 
ATOM   170  C CG  . GLU A 1 22 ? 22.095  -4.663  -2.979  1.00 29.43  ? 71  GLU A CG  1 
ATOM   171  C CD  . GLU A 1 22 ? 22.967  -3.551  -3.552  1.00 51.05  ? 71  GLU A CD  1 
ATOM   172  O OE1 . GLU A 1 22 ? 23.325  -2.609  -2.813  1.00 65.63  ? 71  GLU A OE1 1 
ATOM   173  O OE2 . GLU A 1 22 ? 23.280  -3.628  -4.739  1.00 58.18  ? 71  GLU A OE2 1 
ATOM   174  N N   . ASN A 1 23 ? 20.397  -4.928  1.319   1.00 20.58  ? 72  ASN A N   1 
ATOM   175  C CA  . ASN A 1 23 ? 20.516  -4.856  2.820   1.00 20.42  ? 72  ASN A CA  1 
ATOM   176  C C   . ASN A 1 23 ? 19.336  -5.533  3.508   1.00 19.42  ? 72  ASN A C   1 
ATOM   177  O O   . ASN A 1 23 ? 19.109  -5.290  4.744   1.00 20.25  ? 72  ASN A O   1 
ATOM   178  C CB  . ASN A 1 23 ? 20.713  -3.412  3.259   1.00 21.66  ? 72  ASN A CB  1 
ATOM   179  C CG  . ASN A 1 23 ? 22.045  -2.912  2.810   1.00 22.31  ? 72  ASN A CG  1 
ATOM   180  O OD1 . ASN A 1 23 ? 23.037  -3.336  3.408   1.00 24.41  ? 72  ASN A OD1 1 
ATOM   181  N ND2 . ASN A 1 23 ? 22.117  -2.143  1.708   1.00 19.87  ? 72  ASN A ND2 1 
ATOM   182  N N   . LEU A 1 24 ? 18.636  -6.420  2.801   1.00 22.67  ? 73  LEU A N   1 
ATOM   183  C CA  . LEU A 1 24 ? 17.572  -7.285  3.368   1.00 21.40  ? 73  LEU A CA  1 
ATOM   184  C C   . LEU A 1 24 ? 16.563  -6.425  4.156   1.00 21.71  ? 73  LEU A C   1 
ATOM   185  O O   . LEU A 1 24 ? 16.143  -6.815  5.283   1.00 21.08  ? 73  LEU A O   1 
ATOM   186  C CB  . LEU A 1 24 ? 18.223  -8.379  4.190   1.00 25.69  ? 73  LEU A CB  1 
ATOM   187  C CG  . LEU A 1 24 ? 18.977  -9.390  3.308   1.00 32.92  ? 73  LEU A CG  1 
ATOM   188  C CD1 . LEU A 1 24 ? 19.715  -10.363 4.121   1.00 37.28  ? 73  LEU A CD1 1 
ATOM   189  C CD2 . LEU A 1 24 ? 18.025  -10.116 2.351   1.00 36.55  ? 73  LEU A CD2 1 
ATOM   190  N N   . GLU A 1 25 ? 16.209  -5.302  3.571   1.00 20.32  ? 74  GLU A N   1 
ATOM   191  C CA  . GLU A 1 25 ? 15.111  -4.403  4.045   1.00 17.41  ? 74  GLU A CA  1 
ATOM   192  C C   . GLU A 1 25 ? 15.496  -3.676  5.348   1.00 17.95  ? 74  GLU A C   1 
ATOM   193  O O   . GLU A 1 25 ? 14.586  -3.043  5.874   1.00 23.69  ? 74  GLU A O   1 
ATOM   194  C CB  . GLU A 1 25 ? 13.829  -5.199  4.218   1.00 20.40  ? 74  GLU A CB  1 
ATOM   195  C CG  . GLU A 1 25 ? 12.588  -4.464  3.734   1.00 27.09  ? 74  GLU A CG  1 
ATOM   196  C CD  . GLU A 1 25 ? 12.666  -4.077  2.244   1.00 24.07  ? 74  GLU A CD  1 
ATOM   197  O OE1 . GLU A 1 25 ? 11.865  -3.207  1.813   1.00 23.86  ? 74  GLU A OE1 1 
ATOM   198  O OE2 . GLU A 1 25 ? 13.428  -4.790  1.505   1.00 23.93  ? 74  GLU A OE2 1 
ATOM   199  N N   . ASP A 1 26 ? 16.775  -3.508  5.646   1.00 17.10  ? 75  ASP A N   1 
ATOM   200  C CA  . ASP A 1 26 ? 17.194  -2.578  6.738   1.00 19.18  ? 75  ASP A CA  1 
ATOM   201  C C   . ASP A 1 26 ? 17.359  -1.197  6.094   1.00 18.66  ? 75  ASP A C   1 
ATOM   202  O O   . ASP A 1 26 ? 18.430  -0.873  5.493   1.00 20.11  ? 75  ASP A O   1 
ATOM   203  C CB  . ASP A 1 26 ? 18.468  -3.022  7.432   1.00 20.66  ? 75  ASP A CB  1 
ATOM   204  C CG  . ASP A 1 26 ? 18.860  -2.072  8.552   1.00 18.66  ? 75  ASP A CG  1 
ATOM   205  O OD1 . ASP A 1 26 ? 18.078  -1.103  8.803   1.00 21.42  ? 75  ASP A OD1 1 
ATOM   206  O OD2 . ASP A 1 26 ? 19.902  -2.366  9.175   1.00 21.55  ? 75  ASP A OD2 1 
ATOM   207  N N   . ALA A 1 27 ? 16.304  -0.395  6.187   1.00 20.93  ? 76  ALA A N   1 
ATOM   208  C CA  . ALA A 1 27 ? 16.282  0.922   5.565   1.00 20.76  ? 76  ALA A CA  1 
ATOM   209  C C   . ALA A 1 27 ? 17.359  1.817   6.150   1.00 19.83  ? 76  ALA A C   1 
ATOM   210  O O   . ALA A 1 27 ? 17.757  2.770   5.503   1.00 19.56  ? 76  ALA A O   1 
ATOM   211  C CB  . ALA A 1 27 ? 14.896  1.517   5.772   1.00 21.43  ? 76  ALA A CB  1 
ATOM   212  N N   . SER A 1 28 ? 17.839  1.562   7.357   1.00 19.21  ? 77  SER A N   1 
ATOM   213  C CA  . SER A 1 28 ? 18.872  2.397   7.984   1.00 19.87  ? 77  SER A CA  1 
ATOM   214  C C   . SER A 1 28 ? 20.191  2.289   7.221   1.00 22.65  ? 77  SER A C   1 
ATOM   215  O O   . SER A 1 28 ? 21.102  3.044   7.543   1.00 25.67  ? 77  SER A O   1 
ATOM   216  C CB  . SER A 1 28 ? 19.112  2.069   9.436   1.00 21.44  ? 77  SER A CB  1 
ATOM   217  O OG  . SER A 1 28 ? 19.748  0.817   9.643   1.00 23.23  ? 77  SER A OG  1 
ATOM   218  N N   . GLN A 1 29 ? 20.327  1.271   6.381   1.00 21.14  ? 78  GLN A N   1 
ATOM   219  C CA  . GLN A 1 29 ? 21.556  1.103   5.595   1.00 17.70  ? 78  GLN A CA  1 
ATOM   220  C C   . GLN A 1 29 ? 21.448  1.924   4.321   1.00 20.80  ? 78  GLN A C   1 
ATOM   221  O O   . GLN A 1 29 ? 22.468  1.995   3.624   1.00 22.87  ? 78  GLN A O   1 
ATOM   222  C CB  . GLN A 1 29 ? 21.784  -0.378  5.236   1.00 19.88  ? 78  GLN A CB  1 
ATOM   223  C CG  . GLN A 1 29 ? 22.103  -1.278  6.409   1.00 24.30  ? 78  GLN A CG  1 
ATOM   224  C CD  . GLN A 1 29 ? 23.508  -1.201  6.929   1.00 24.66  ? 78  GLN A CD  1 
ATOM   225  O OE1 . GLN A 1 29 ? 24.235  -0.244  6.652   1.00 25.71  ? 78  GLN A OE1 1 
ATOM   226  N NE2 . GLN A 1 29 ? 23.872  -2.157  7.777   1.00 27.59  ? 78  GLN A NE2 1 
ATOM   227  N N   . CYS A 1 30 ? 20.342  2.620   4.081   1.00 18.10  ? 79  CYS A N   1 
ATOM   228  C CA  . CYS A 1 30 ? 20.068  3.279   2.777   1.00 19.71  ? 79  CYS A CA  1 
ATOM   229  C C   . CYS A 1 30 ? 19.598  4.716   2.990   1.00 19.94  ? 79  CYS A C   1 
ATOM   230  O O   . CYS A 1 30 ? 18.868  5.246   2.129   1.00 19.65  ? 79  CYS A O   1 
ATOM   231  C CB  . CYS A 1 30 ? 19.024  2.459   2.015   1.00 19.64  ? 79  CYS A CB  1 
ATOM   232  S SG  . CYS A 1 30 ? 19.439  0.717   1.823   1.00 21.34  ? 79  CYS A SG  1 
ATOM   233  N N   . LYS A 1 31 ? 20.083  5.419   4.024   1.00 21.86  ? 80  LYS A N   1 
ATOM   234  C CA  . LYS A 1 31 ? 19.523  6.754   4.379   1.00 21.96  ? 80  LYS A CA  1 
ATOM   235  C C   . LYS A 1 31 ? 19.916  7.805   3.328   1.00 22.61  ? 80  LYS A C   1 
ATOM   236  O O   . LYS A 1 31 ? 19.082  8.691   3.038   1.00 25.84  ? 80  LYS A O   1 
ATOM   237  C CB  . LYS A 1 31 ? 19.986  7.132   5.797   1.00 29.33  ? 80  LYS A CB  1 
ATOM   238  C CG  . LYS A 1 31 ? 19.339  6.264   6.879   1.00 37.05  ? 80  LYS A CG  1 
ATOM   239  C CD  . LYS A 1 31 ? 19.947  6.431   8.273   1.00 57.58  ? 80  LYS A CD  1 
ATOM   240  C CE  . LYS A 1 31 ? 19.314  7.534   9.102   1.00 89.60  ? 80  LYS A CE  1 
ATOM   241  N NZ  . LYS A 1 31 ? 20.042  7.762   10.381  1.00 52.85  ? 80  LYS A NZ  1 
ATOM   242  N N   . LYS A 1 32 ? 21.119  7.745   2.779   1.00 21.30  ? 81  LYS A N   1 
ATOM   243  C CA  . LYS A 1 32 ? 21.548  8.732   1.760   1.00 21.41  ? 81  LYS A CA  1 
ATOM   244  C C   . LYS A 1 32 ? 20.693  8.529   0.488   1.00 21.37  ? 81  LYS A C   1 
ATOM   245  O O   . LYS A 1 32 ? 20.132  9.511   -0.039  1.00 20.85  ? 81  LYS A O   1 
ATOM   246  C CB  . LYS A 1 32 ? 23.059  8.648   1.502   1.00 27.04  ? 81  LYS A CB  1 
ATOM   247  C CG  . LYS A 1 32 ? 23.941  9.334   2.537   1.00 54.91  ? 81  LYS A CG  1 
ATOM   248  C CD  . LYS A 1 32 ? 23.938  10.843  2.447   1.00 78.26  ? 81  LYS A CD  1 
ATOM   249  C CE  . LYS A 1 32 ? 24.771  11.500  3.528   1.00 96.34  ? 81  LYS A CE  1 
ATOM   250  N NZ  . LYS A 1 32 ? 24.125  11.409  4.860   1.00 95.68  ? 81  LYS A NZ  1 
ATOM   251  N N   . LEU A 1 33 ? 20.483  7.290   0.081   1.00 21.30  ? 82  LEU A N   1 
ATOM   252  C CA  . LEU A 1 33 ? 19.615  7.039   -1.102  1.00 18.80  ? 82  LEU A CA  1 
ATOM   253  C C   . LEU A 1 33 ? 18.160  7.411   -0.793  1.00 19.09  ? 82  LEU A C   1 
ATOM   254  O O   . LEU A 1 33 ? 17.431  7.848   -1.742  1.00 20.39  ? 82  LEU A O   1 
ATOM   255  C CB  . LEU A 1 33 ? 19.785  5.591   -1.553  1.00 19.36  ? 82  LEU A CB  1 
ATOM   256  C CG  . LEU A 1 33 ? 21.142  5.303   -2.184  1.00 20.87  ? 82  LEU A CG  1 
ATOM   257  C CD1 . LEU A 1 33 ? 21.305  3.802   -2.326  1.00 22.10  ? 82  LEU A CD1 1 
ATOM   258  C CD2 . LEU A 1 33 ? 21.286  6.039   -3.506  1.00 25.11  ? 82  LEU A CD2 1 
ATOM   259  N N   . ARG A 1 34 ? 17.710  7.252   0.464   1.00 18.82  ? 83  ARG A N   1 
ATOM   260  C CA  . ARG A 1 34 ? 16.352  7.669   0.887   1.00 19.14  ? 83  ARG A CA  1 
ATOM   261  C C   . ARG A 1 34 ? 16.213  9.175   0.724   1.00 21.06  ? 83  ARG A C   1 
ATOM   262  O O   . ARG A 1 34 ? 15.185  9.646   0.177   1.00 21.32  ? 83  ARG A O   1 
ATOM   263  C CB  . ARG A 1 34 ? 16.074  7.302   2.349   1.00 19.68  ? 83  ARG A CB  1 
ATOM   264  C CG  . ARG A 1 34 ? 14.716  7.786   2.791   1.00 22.17  ? 83  ARG A CG  1 
ATOM   265  C CD  . ARG A 1 34 ? 13.600  6.960   2.198   1.00 22.10  ? 83  ARG A CD  1 
ATOM   266  N NE  . ARG A 1 34 ? 12.311  7.591   2.418   1.00 21.81  ? 83  ARG A NE  1 
ATOM   267  C CZ  . ARG A 1 34 ? 11.149  7.023   2.102   1.00 22.10  ? 83  ARG A CZ  1 
ATOM   268  N NH1 . ARG A 1 34 ? 11.136  5.830   1.517   1.00 24.19  ? 83  ARG A NH1 1 
ATOM   269  N NH2 . ARG A 1 34 ? 10.022  7.662   2.336   1.00 20.65  ? 83  ARG A NH2 1 
ATOM   270  N N   . SER A 1 35 ? 17.204  9.933   1.186   1.00 22.35  ? 84  SER A N   1 
ATOM   271  C CA  A SER A 1 35 ? 17.228  11.411  1.021   0.50 24.35  ? 84  SER A CA  1 
ATOM   272  C CA  B SER A 1 35 ? 17.207  11.410  1.029   0.50 23.61  ? 84  SER A CA  1 
ATOM   273  C C   . SER A 1 35 ? 17.139  11.782  -0.460  1.00 21.44  ? 84  SER A C   1 
ATOM   274  O O   . SER A 1 35 ? 16.314  12.647  -0.820  1.00 22.92  ? 84  SER A O   1 
ATOM   275  C CB  A SER A 1 35 ? 18.458  12.005  1.652   0.50 33.61  ? 84  SER A CB  1 
ATOM   276  C CB  B SER A 1 35 ? 18.402  12.028  1.719   0.50 30.43  ? 84  SER A CB  1 
ATOM   277  O OG  A SER A 1 35 ? 18.369  11.919  3.056   0.50 28.62  ? 84  SER A OG  1 
ATOM   278  O OG  B SER A 1 35 ? 18.342  13.445  1.635   0.50 31.41  ? 84  SER A OG  1 
ATOM   279  N N   . SER A 1 36 ? 17.936  11.133  -1.308  1.00 20.16  ? 85  SER A N   1 
ATOM   280  C CA  . SER A 1 36 ? 17.952  11.383  -2.770  1.00 24.04  ? 85  SER A CA  1 
ATOM   281  C C   . SER A 1 36 ? 16.558  11.088  -3.364  1.00 26.25  ? 85  SER A C   1 
ATOM   282  O O   . SER A 1 36 ? 16.059  11.886  -4.200  1.00 25.22  ? 85  SER A O   1 
ATOM   283  C CB  . SER A 1 36 ? 18.989  10.545  -3.426  1.00 24.39  ? 85  SER A CB  1 
ATOM   284  O OG  . SER A 1 36 ? 19.010  10.761  -4.837  1.00 31.36  ? 85  SER A OG  1 
ATOM   285  N N   . PHE A 1 37 ? 15.964  9.958   -2.985  1.00 20.32  ? 86  PHE A N   1 
ATOM   286  C CA  . PHE A 1 37 ? 14.608  9.576   -3.435  1.00 18.04  ? 86  PHE A CA  1 
ATOM   287  C C   . PHE A 1 37 ? 13.614  10.672  -3.040  1.00 18.01  ? 86  PHE A C   1 
ATOM   288  O O   . PHE A 1 37 ? 12.793  11.045  -3.903  1.00 24.48  ? 86  PHE A O   1 
ATOM   289  C CB  . PHE A 1 37 ? 14.337  8.191   -2.839  1.00 18.79  ? 86  PHE A CB  1 
ATOM   290  C CG  . PHE A 1 37 ? 12.970  7.600   -3.002  1.00 19.24  ? 86  PHE A CG  1 
ATOM   291  C CD1 . PHE A 1 37 ? 12.272  7.670   -4.195  1.00 18.75  ? 86  PHE A CD1 1 
ATOM   292  C CD2 . PHE A 1 37 ? 12.437  6.879   -1.957  1.00 23.38  ? 86  PHE A CD2 1 
ATOM   293  C CE1 . PHE A 1 37 ? 11.034  7.049   -4.324  1.00 20.03  ? 86  PHE A CE1 1 
ATOM   294  C CE2 . PHE A 1 37 ? 11.177  6.313   -2.060  1.00 25.26  ? 86  PHE A CE2 1 
ATOM   295  C CZ  . PHE A 1 37 ? 10.487  6.386   -3.251  1.00 25.69  ? 86  PHE A CZ  1 
ATOM   296  N N   . GLU A 1 38 ? 13.627  11.110  -1.779  1.00 21.99  ? 87  GLU A N   1 
ATOM   297  C CA  . GLU A 1 38 ? 12.645  12.091  -1.261  1.00 23.35  ? 87  GLU A CA  1 
ATOM   298  C C   . GLU A 1 38 ? 12.824  13.413  -2.013  1.00 31.02  ? 87  GLU A C   1 
ATOM   299  O O   . GLU A 1 38 ? 11.808  14.059  -2.286  1.00 29.95  ? 87  GLU A O   1 
ATOM   300  C CB  . GLU A 1 38 ? 12.752  12.277  0.247   1.00 24.74  ? 87  GLU A CB  1 
ATOM   301  C CG  . GLU A 1 38 ? 12.117  11.152  1.042   1.00 27.40  ? 87  GLU A CG  1 
ATOM   302  C CD  . GLU A 1 38 ? 12.557  11.093  2.492   1.00 34.06  ? 87  GLU A CD  1 
ATOM   303  O OE1 . GLU A 1 38 ? 13.458  11.858  2.873   1.00 45.64  ? 87  GLU A OE1 1 
ATOM   304  O OE2 . GLU A 1 38 ? 12.041  10.257  3.211   1.00 28.59  ? 87  GLU A OE2 1 
ATOM   305  N N   . SER A 1 39 ? 14.064  13.754  -2.362  1.00 26.01  ? 88  SER A N   1 
ATOM   306  C CA  A SER A 1 39 ? 14.389  15.045  -3.017  0.50 26.99  ? 88  SER A CA  1 
ATOM   307  C CA  B SER A 1 39 ? 14.476  15.006  -3.049  0.50 28.12  ? 88  SER A CA  1 
ATOM   308  C C   . SER A 1 39 ? 13.979  15.000  -4.494  1.00 29.88  ? 88  SER A C   1 
ATOM   309  O O   . SER A 1 39 ? 13.703  16.066  -5.021  1.00 30.38  ? 88  SER A O   1 
ATOM   310  C CB  A SER A 1 39 ? 15.844  15.405  -2.830  0.50 24.20  ? 88  SER A CB  1 
ATOM   311  C CB  B SER A 1 39 ? 15.985  15.139  -2.991  0.50 31.63  ? 88  SER A CB  1 
ATOM   312  O OG  A SER A 1 39 ? 16.153  15.601  -1.448  0.50 26.86  ? 88  SER A OG  1 
ATOM   313  O OG  B SER A 1 39 ? 16.454  16.233  -3.762  0.50 30.08  ? 88  SER A OG  1 
ATOM   314  N N   . SER A 1 40 ? 13.906  13.822  -5.113  1.00 22.59  ? 89  SER A N   1 
ATOM   315  C CA  . SER A 1 40 ? 13.718  13.662  -6.586  1.00 29.03  ? 89  SER A CA  1 
ATOM   316  C C   . SER A 1 40 ? 12.253  13.399  -6.940  1.00 23.71  ? 89  SER A C   1 
ATOM   317  O O   . SER A 1 40 ? 11.924  13.473  -8.123  1.00 26.92  ? 89  SER A O   1 
ATOM   318  C CB  . SER A 1 40 ? 14.560  12.551  -7.148  1.00 31.02  ? 89  SER A CB  1 
ATOM   319  O OG  . SER A 1 40 ? 15.944  12.747  -6.891  1.00 30.44  ? 89  SER A OG  1 
ATOM   320  N N   . CYS A 1 41 ? 11.414  13.041  -5.972  1.00 20.02  ? 90  CYS A N   1 
ATOM   321  C CA  . CYS A 1 41 ? 10.029  12.577  -6.209  1.00 21.07  ? 90  CYS A CA  1 
ATOM   322  C C   . CYS A 1 41 ? 9.029   13.446  -5.458  1.00 23.50  ? 90  CYS A C   1 
ATOM   323  O O   . CYS A 1 41 ? 9.236   13.767  -4.277  1.00 27.26  ? 90  CYS A O   1 
ATOM   324  C CB  . CYS A 1 41 ? 9.889   11.109  -5.817  1.00 22.35  ? 90  CYS A CB  1 
ATOM   325  S SG  . CYS A 1 41 ? 10.887  9.946   -6.768  1.00 22.02  ? 90  CYS A SG  1 
ATOM   326  N N   . PRO A 1 42 ? 7.865   13.748  -6.067  1.00 23.99  ? 91  PRO A N   1 
ATOM   327  C CA  . PRO A 1 42 ? 6.751   14.353  -5.339  1.00 25.13  ? 91  PRO A CA  1 
ATOM   328  C C   . PRO A 1 42 ? 6.311   13.500  -4.134  1.00 27.34  ? 91  PRO A C   1 
ATOM   329  O O   . PRO A 1 42 ? 6.425   12.266  -4.166  1.00 25.03  ? 91  PRO A O   1 
ATOM   330  C CB  . PRO A 1 42 ? 5.629   14.453  -6.399  1.00 28.07  ? 91  PRO A CB  1 
ATOM   331  C CG  . PRO A 1 42 ? 6.339   14.341  -7.734  1.00 29.09  ? 91  PRO A CG  1 
ATOM   332  C CD  . PRO A 1 42 ? 7.545   13.477  -7.482  1.00 28.39  ? 91  PRO A CD  1 
ATOM   333  N N   . GLN A 1 43 ? 5.879   14.163  -3.060  1.00 31.95  ? 92  GLN A N   1 
ATOM   334  C CA  . GLN A 1 43 ? 5.464   13.507  -1.789  1.00 32.16  ? 92  GLN A CA  1 
ATOM   335  C C   . GLN A 1 43 ? 4.422   12.427  -2.074  1.00 27.47  ? 92  GLN A C   1 
ATOM   336  O O   . GLN A 1 43 ? 4.490   11.332  -1.463  1.00 29.09  ? 92  GLN A O   1 
ATOM   337  C CB  . GLN A 1 43 ? 4.790   14.489  -0.838  1.00 46.81  ? 92  GLN A CB  1 
ATOM   338  C CG  . GLN A 1 43 ? 4.890   14.062  0.614   1.00 72.74  ? 92  GLN A CG  1 
ATOM   339  C CD  . GLN A 1 43 ? 6.079   14.754  1.220   1.00 97.04  ? 92  GLN A CD  1 
ATOM   340  O OE1 . GLN A 1 43 ? 6.804   15.448  0.511   1.00 56.20  ? 92  GLN A OE1 1 
ATOM   341  N NE2 . GLN A 1 43 ? 6.271   14.579  2.518   1.00 68.86  ? 92  GLN A NE2 1 
ATOM   342  N N   . GLN A 1 44 ? 3.441   12.759  -2.896  1.00 27.25  ? 93  GLN A N   1 
ATOM   343  C CA  . GLN A 1 44 ? 2.325   11.849  -3.251  1.00 27.27  ? 93  GLN A CA  1 
ATOM   344  C C   . GLN A 1 44 ? 2.922   10.554  -3.824  1.00 33.39  ? 93  GLN A C   1 
ATOM   345  O O   . GLN A 1 44 ? 2.455   9.463   -3.458  1.00 28.07  ? 93  GLN A O   1 
ATOM   346  C CB  . GLN A 1 44 ? 1.406   12.545  -4.256  1.00 44.65  ? 93  GLN A CB  1 
ATOM   347  C CG  . GLN A 1 44 ? 0.011   11.957  -4.349  1.00 56.19  ? 93  GLN A CG  1 
ATOM   348  C CD  . GLN A 1 44 ? -0.809  12.740  -5.346  1.00 72.14  ? 93  GLN A CD  1 
ATOM   349  O OE1 . GLN A 1 44 ? -0.500  12.778  -6.536  1.00 57.58  ? 93  GLN A OE1 1 
ATOM   350  N NE2 . GLN A 1 44 ? -1.852  13.393  -4.860  1.00 46.46  ? 93  GLN A NE2 1 
ATOM   351  N N   . TRP A 1 45 ? 3.944   10.673  -4.672  1.00 25.87  ? 94  TRP A N   1 
ATOM   352  C CA  . TRP A 1 45 ? 4.626   9.509   -5.279  1.00 24.31  ? 94  TRP A CA  1 
ATOM   353  C C   . TRP A 1 45 ? 5.374   8.713   -4.190  1.00 18.63  ? 94  TRP A C   1 
ATOM   354  O O   . TRP A 1 45 ? 5.335   7.491   -4.247  1.00 21.54  ? 94  TRP A O   1 
ATOM   355  C CB  . TRP A 1 45 ? 5.564   9.936   -6.400  1.00 23.06  ? 94  TRP A CB  1 
ATOM   356  C CG  . TRP A 1 45 ? 4.904   10.632  -7.550  1.00 29.92  ? 94  TRP A CG  1 
ATOM   357  C CD1 . TRP A 1 45 ? 3.771   11.402  -7.575  1.00 41.19  ? 94  TRP A CD1 1 
ATOM   358  C CD2 . TRP A 1 45 ? 5.447   10.671  -8.874  1.00 25.51  ? 94  TRP A CD2 1 
ATOM   359  N NE1 . TRP A 1 45 ? 3.546   11.868  -8.846  1.00 36.67  ? 94  TRP A NE1 1 
ATOM   360  C CE2 . TRP A 1 45 ? 4.574   11.457  -9.662  1.00 30.32  ? 94  TRP A CE2 1 
ATOM   361  C CE3 . TRP A 1 45 ? 6.551   10.063  -9.470  1.00 31.87  ? 94  TRP A CE3 1 
ATOM   362  C CZ2 . TRP A 1 45 ? 4.799   11.665  -11.019 1.00 42.88  ? 94  TRP A CZ2 1 
ATOM   363  C CZ3 . TRP A 1 45 ? 6.783   10.289  -10.807 1.00 46.44  ? 94  TRP A CZ3 1 
ATOM   364  C CH2 . TRP A 1 45 ? 5.910   11.067  -11.568 1.00 48.69  ? 94  TRP A CH2 1 
ATOM   365  N N   . ILE A 1 46 ? 6.120   9.371   -3.304  1.00 21.78  ? 95  ILE A N   1 
ATOM   366  C CA  . ILE A 1 46 ? 6.892   8.676   -2.241  1.00 24.13  ? 95  ILE A CA  1 
ATOM   367  C C   . ILE A 1 46 ? 5.912   7.834   -1.430  1.00 20.38  ? 95  ILE A C   1 
ATOM   368  O O   . ILE A 1 46 ? 6.263   6.713   -1.100  1.00 20.82  ? 95  ILE A O   1 
ATOM   369  C CB  . ILE A 1 46 ? 7.630   9.649   -1.307  1.00 23.19  ? 95  ILE A CB  1 
ATOM   370  C CG1 . ILE A 1 46 ? 8.702   10.459  -2.048  1.00 25.62  ? 95  ILE A CG1 1 
ATOM   371  C CG2 . ILE A 1 46 ? 8.198   8.907   -0.108  1.00 22.49  ? 95  ILE A CG2 1 
ATOM   372  C CD1 . ILE A 1 46 ? 9.880   9.629   -2.496  1.00 39.78  ? 95  ILE A CD1 1 
ATOM   373  N N   . LYS A 1 47 ? 4.739   8.383   -1.081  1.00 21.06  ? 96  LYS A N   1 
ATOM   374  C CA  . LYS A 1 47 ? 3.752   7.632   -0.251  1.00 22.42  ? 96  LYS A CA  1 
ATOM   375  C C   . LYS A 1 47 ? 3.287   6.409   -1.042  1.00 22.55  ? 96  LYS A C   1 
ATOM   376  O O   . LYS A 1 47 ? 3.229   5.322   -0.463  1.00 20.81  ? 96  LYS A O   1 
ATOM   377  C CB  . LYS A 1 47 ? 2.563   8.514   0.171   1.00 25.74  ? 96  LYS A CB  1 
ATOM   378  N N   . TYR A 1 48 ? 2.995   6.555   -2.332  1.00 20.75  ? 97  TYR A N   1 
ATOM   379  C CA  . TYR A 1 48 ? 2.561   5.438   -3.210  1.00 23.08  ? 97  TYR A CA  1 
ATOM   380  C C   . TYR A 1 48 ? 3.658   4.358   -3.232  1.00 20.95  ? 97  TYR A C   1 
ATOM   381  O O   . TYR A 1 48 ? 3.395   3.173   -3.003  1.00 21.13  ? 97  TYR A O   1 
ATOM   382  C CB  . TYR A 1 48 ? 2.210   5.975   -4.587  1.00 23.81  ? 97  TYR A CB  1 
ATOM   383  C CG  . TYR A 1 48 ? 2.262   4.986   -5.721  1.00 19.10  ? 97  TYR A CG  1 
ATOM   384  C CD1 . TYR A 1 48 ? 1.456   3.850   -5.771  1.00 30.59  ? 97  TYR A CD1 1 
ATOM   385  C CD2 . TYR A 1 48 ? 3.158   5.180   -6.746  1.00 30.51  ? 97  TYR A CD2 1 
ATOM   386  C CE1 . TYR A 1 48 ? 1.554   2.948   -6.821  1.00 32.38  ? 97  TYR A CE1 1 
ATOM   387  C CE2 . TYR A 1 48 ? 3.249   4.305   -7.811  1.00 44.36  ? 97  TYR A CE2 1 
ATOM   388  C CZ  . TYR A 1 48 ? 2.440   3.189   -7.855  1.00 40.17  ? 97  TYR A CZ  1 
ATOM   389  O OH  . TYR A 1 48 ? 2.565   2.360   -8.934  1.00 48.07  ? 97  TYR A OH  1 
ATOM   390  N N   . PHE A 1 49 ? 4.889   4.768   -3.504  1.00 15.99  ? 98  PHE A N   1 
ATOM   391  C CA  . PHE A 1 49 ? 6.005   3.796   -3.617  1.00 15.21  ? 98  PHE A CA  1 
ATOM   392  C C   . PHE A 1 49 ? 6.220   3.088   -2.268  1.00 15.46  ? 98  PHE A C   1 
ATOM   393  O O   . PHE A 1 49 ? 6.431   1.853   -2.228  1.00 17.01  ? 98  PHE A O   1 
ATOM   394  C CB  . PHE A 1 49 ? 7.289   4.517   -4.007  1.00 18.81  ? 98  PHE A CB  1 
ATOM   395  C CG  . PHE A 1 49 ? 7.298   5.091   -5.393  1.00 22.16  ? 98  PHE A CG  1 
ATOM   396  C CD1 . PHE A 1 49 ? 6.793   4.363   -6.456  1.00 27.76  ? 98  PHE A CD1 1 
ATOM   397  C CD2 . PHE A 1 49 ? 7.851   6.340   -5.637  1.00 24.83  ? 98  PHE A CD2 1 
ATOM   398  C CE1 . PHE A 1 49 ? 6.866   4.868   -7.747  1.00 36.86  ? 98  PHE A CE1 1 
ATOM   399  C CE2 . PHE A 1 49 ? 7.941   6.840   -6.927  1.00 24.59  ? 98  PHE A CE2 1 
ATOM   400  C CZ  . PHE A 1 49 ? 7.436   6.101   -7.980  1.00 28.87  ? 98  PHE A CZ  1 
ATOM   401  N N   . ASP A 1 50 ? 6.217   3.841   -1.178  1.00 16.87  ? 99  ASP A N   1 
ATOM   402  C CA  . ASP A 1 50 ? 6.389   3.241   0.167   1.00 15.55  ? 99  ASP A CA  1 
ATOM   403  C C   . ASP A 1 50 ? 5.297   2.199   0.453   1.00 17.22  ? 99  ASP A C   1 
ATOM   404  O O   . ASP A 1 50 ? 5.613   1.129   1.022   1.00 18.22  ? 99  ASP A O   1 
ATOM   405  C CB  . ASP A 1 50 ? 6.434   4.282   1.262   1.00 18.65  ? 99  ASP A CB  1 
ATOM   406  C CG  . ASP A 1 50 ? 7.720   5.094   1.328   1.00 20.60  ? 99  ASP A CG  1 
ATOM   407  O OD1 . ASP A 1 50 ? 8.726   4.716   0.634   1.00 18.89  ? 99  ASP A OD1 1 
ATOM   408  O OD2 . ASP A 1 50 ? 7.728   6.086   2.118   1.00 23.42  ? 99  ASP A OD2 1 
ATOM   409  N N   . LYS A 1 51 ? 4.042   2.492   0.118   1.00 17.55  ? 100 LYS A N   1 
ATOM   410  C CA  . LYS A 1 51 ? 2.938   1.522   0.323   1.00 18.39  ? 100 LYS A CA  1 
ATOM   411  C C   . LYS A 1 51 ? 3.078   0.322   -0.608  1.00 16.95  ? 100 LYS A C   1 
ATOM   412  O O   . LYS A 1 51 ? 2.751   -0.774  -0.195  1.00 17.77  ? 100 LYS A O   1 
ATOM   413  C CB  . LYS A 1 51 ? 1.600   2.218   0.150   1.00 16.12  ? 100 LYS A CB  1 
ATOM   414  C CG  . LYS A 1 51 ? 1.256   3.203   1.265   1.00 21.26  ? 100 LYS A CG  1 
ATOM   415  C CD  . LYS A 1 51 ? 1.217   2.591   2.642   1.00 24.04  ? 100 LYS A CD  1 
ATOM   416  C CE  . LYS A 1 51 ? 0.811   3.595   3.700   1.00 30.71  ? 100 LYS A CE  1 
ATOM   417  N NZ  . LYS A 1 51 ? 0.597   2.915   4.993   1.00 35.20  ? 100 LYS A NZ  1 
ATOM   418  N N   . ARG A 1 52 ? 3.546   0.534   -1.843  1.00 15.62  ? 101 ARG A N   1 
ATOM   419  C CA  . ARG A 1 52 ? 3.827   -0.593  -2.757  1.00 17.34  ? 101 ARG A CA  1 
ATOM   420  C C   . ARG A 1 52 ? 4.902   -1.489  -2.141  1.00 18.58  ? 101 ARG A C   1 
ATOM   421  O O   . ARG A 1 52 ? 4.736   -2.698  -2.116  1.00 17.65  ? 101 ARG A O   1 
ATOM   422  C CB  . ARG A 1 52 ? 4.246   -0.065  -4.123  1.00 16.93  ? 101 ARG A CB  1 
ATOM   423  C CG  . ARG A 1 52 ? 4.666   -1.185  -5.072  1.00 18.66  ? 101 ARG A CG  1 
ATOM   424  C CD  . ARG A 1 52 ? 3.541   -2.056  -5.557  1.00 23.42  ? 101 ARG A CD  1 
ATOM   425  N NE  . ARG A 1 52 ? 3.970   -3.313  -6.177  1.00 20.72  ? 101 ARG A NE  1 
ATOM   426  C CZ  . ARG A 1 52 ? 3.154   -4.329  -6.480  1.00 21.80  ? 101 ARG A CZ  1 
ATOM   427  N NH1 . ARG A 1 52 ? 1.859   -4.223  -6.241  1.00 21.63  ? 101 ARG A NH1 1 
ATOM   428  N NH2 . ARG A 1 52 ? 3.630   -5.449  -7.011  1.00 23.35  ? 101 ARG A NH2 1 
ATOM   429  N N   . ARG A 1 53 ? 5.963   -0.887  -1.603  1.00 15.32  ? 102 ARG A N   1 
ATOM   430  C CA  . ARG A 1 53 ? 7.093   -1.663  -1.051  1.00 15.05  ? 102 ARG A CA  1 
ATOM   431  C C   . ARG A 1 53 ? 6.576   -2.457  0.148   1.00 18.52  ? 102 ARG A C   1 
ATOM   432  O O   . ARG A 1 53 ? 6.963   -3.609  0.275   1.00 18.79  ? 102 ARG A O   1 
ATOM   433  C CB  . ARG A 1 53 ? 8.244   -0.753  -0.622  1.00 18.66  ? 102 ARG A CB  1 
ATOM   434  C CG  . ARG A 1 53 ? 9.489   -1.496  -0.156  1.00 21.89  ? 102 ARG A CG  1 
ATOM   435  C CD  . ARG A 1 53 ? 10.254  -2.123  -1.302  1.00 21.24  ? 102 ARG A CD  1 
ATOM   436  N NE  . ARG A 1 53 ? 11.397  -2.932  -0.890  1.00 18.82  ? 102 ARG A NE  1 
ATOM   437  C CZ  . ARG A 1 53 ? 12.217  -3.514  -1.755  1.00 17.99  ? 102 ARG A CZ  1 
ATOM   438  N NH1 . ARG A 1 53 ? 12.058  -3.312  -3.050  1.00 20.29  ? 102 ARG A NH1 1 
ATOM   439  N NH2 . ARG A 1 53 ? 13.220  -4.261  -1.337  1.00 17.75  ? 102 ARG A NH2 1 
ATOM   440  N N   . ASP A 1 54 ? 5.812   -1.837  1.029   1.00 18.06  ? 103 ASP A N   1 
ATOM   441  C CA  A ASP A 1 54 ? 5.287   -2.534  2.238   0.50 17.01  ? 103 ASP A CA  1 
ATOM   442  C CA  B ASP A 1 54 ? 5.313   -2.548  2.232   0.50 18.51  ? 103 ASP A CA  1 
ATOM   443  C C   . ASP A 1 54 ? 4.457   -3.745  1.780   1.00 16.71  ? 103 ASP A C   1 
ATOM   444  O O   . ASP A 1 54 ? 4.603   -4.828  2.327   1.00 18.99  ? 103 ASP A O   1 
ATOM   445  C CB  A ASP A 1 54 ? 4.443   -1.602  3.101   0.50 17.25  ? 103 ASP A CB  1 
ATOM   446  C CB  B ASP A 1 54 ? 4.559   -1.595  3.148   0.50 21.27  ? 103 ASP A CB  1 
ATOM   447  C CG  A ASP A 1 54 ? 5.245   -0.585  3.892   0.50 21.69  ? 103 ASP A CG  1 
ATOM   448  C CG  B ASP A 1 54 ? 4.327   -2.219  4.501   0.50 31.25  ? 103 ASP A CG  1 
ATOM   449  O OD1 A ASP A 1 54 ? 6.463   -0.729  3.956   0.50 22.97  ? 103 ASP A OD1 1 
ATOM   450  O OD1 B ASP A 1 54 ? 5.232   -2.138  5.334   0.50 53.59  ? 103 ASP A OD1 1 
ATOM   451  O OD2 A ASP A 1 54 ? 4.622   0.318   4.467   0.50 28.37  ? 103 ASP A OD2 1 
ATOM   452  O OD2 B ASP A 1 54 ? 3.284   -2.854  4.667   0.50 33.25  ? 103 ASP A OD2 1 
ATOM   453  N N   . TYR A 1 55 ? 3.599   -3.543  0.793   1.00 16.83  ? 104 TYR A N   1 
ATOM   454  C CA  . TYR A 1 55 ? 2.716   -4.608  0.262   1.00 14.80  ? 104 TYR A CA  1 
ATOM   455  C C   . TYR A 1 55 ? 3.569   -5.731  -0.335  1.00 17.81  ? 104 TYR A C   1 
ATOM   456  O O   . TYR A 1 55 ? 3.353   -6.891  -0.038  1.00 18.29  ? 104 TYR A O   1 
ATOM   457  C CB  . TYR A 1 55 ? 1.742   -4.046  -0.756  1.00 17.69  ? 104 TYR A CB  1 
ATOM   458  C CG  . TYR A 1 55 ? 0.961   -5.105  -1.479  1.00 18.31  ? 104 TYR A CG  1 
ATOM   459  C CD1 . TYR A 1 55 ? 0.024   -5.864  -0.803  1.00 20.09  ? 104 TYR A CD1 1 
ATOM   460  C CD2 . TYR A 1 55 ? 1.184   -5.374  -2.817  1.00 25.63  ? 104 TYR A CD2 1 
ATOM   461  C CE1 . TYR A 1 55 ? -0.694  -6.859  -1.449  1.00 20.01  ? 104 TYR A CE1 1 
ATOM   462  C CE2 . TYR A 1 55 ? 0.463   -6.359  -3.480  1.00 30.20  ? 104 TYR A CE2 1 
ATOM   463  C CZ  . TYR A 1 55 ? -0.477  -7.100  -2.795  1.00 30.62  ? 104 TYR A CZ  1 
ATOM   464  O OH  . TYR A 1 55 ? -1.191  -8.078  -3.443  1.00 33.28  ? 104 TYR A OH  1 
ATOM   465  N N   . LEU A 1 56 ? 4.490   -5.409  -1.258  1.00 18.00  ? 105 LEU A N   1 
ATOM   466  C CA  . LEU A 1 56 ? 5.222   -6.452  -1.991  1.00 20.01  ? 105 LEU A CA  1 
ATOM   467  C C   . LEU A 1 56 ? 6.090   -7.236  -1.016  1.00 19.20  ? 105 LEU A C   1 
ATOM   468  O O   . LEU A 1 56 ? 6.217   -8.435  -1.234  1.00 21.37  ? 105 LEU A O   1 
ATOM   469  C CB  . LEU A 1 56 ? 5.992   -5.846  -3.192  1.00 18.45  ? 105 LEU A CB  1 
ATOM   470  C CG  . LEU A 1 56 ? 7.284   -5.091  -2.895  1.00 19.82  ? 105 LEU A CG  1 
ATOM   471  C CD1 . LEU A 1 56 ? 8.478   -6.046  -2.770  1.00 23.63  ? 105 LEU A CD1 1 
ATOM   472  C CD2 . LEU A 1 56 ? 7.593   -4.053  -3.993  1.00 24.03  ? 105 LEU A CD2 1 
ATOM   473  N N   . LYS A 1 57 ? 6.678   -6.590  -0.010  1.00 18.03  ? 106 LYS A N   1 
ATOM   474  C CA  . LYS A 1 57 ? 7.536   -7.322  0.955   1.00 19.33  ? 106 LYS A CA  1 
ATOM   475  C C   . LYS A 1 57 ? 6.655   -8.269  1.771   1.00 19.71  ? 106 LYS A C   1 
ATOM   476  O O   . LYS A 1 57 ? 7.089   -9.393  2.049   1.00 22.73  ? 106 LYS A O   1 
ATOM   477  C CB  . LYS A 1 57 ? 8.327   -6.361  1.821   1.00 22.75  ? 106 LYS A CB  1 
ATOM   478  C CG  . LYS A 1 57 ? 9.508   -5.736  1.096   1.00 25.06  ? 106 LYS A CG  1 
ATOM   479  C CD  . LYS A 1 57 ? 10.524  -6.715  0.539   1.00 32.75  ? 106 LYS A CD  1 
ATOM   480  C CE  . LYS A 1 57 ? 11.074  -7.647  1.596   1.00 55.45  ? 106 LYS A CE  1 
ATOM   481  N NZ  . LYS A 1 57 ? 12.061  -8.585  1.017   1.00 56.83  ? 106 LYS A NZ  1 
ATOM   482  N N   . PHE A 1 58 ? 5.439   -7.874  2.119   1.00 20.27  ? 107 PHE A N   1 
ATOM   483  C CA  . PHE A 1 58 ? 4.568   -8.763  2.938   1.00 23.77  ? 107 PHE A CA  1 
ATOM   484  C C   . PHE A 1 58 ? 4.102   -9.956  2.079   1.00 23.76  ? 107 PHE A C   1 
ATOM   485  O O   . PHE A 1 58 ? 4.094   -11.101 2.591   1.00 32.25  ? 107 PHE A O   1 
ATOM   486  C CB  . PHE A 1 58 ? 3.422   -7.970  3.566   1.00 17.47  ? 107 PHE A CB  1 
ATOM   487  C CG  . PHE A 1 58 ? 2.590   -8.837  4.462   1.00 19.74  ? 107 PHE A CG  1 
ATOM   488  C CD1 . PHE A 1 58 ? 3.041   -9.111  5.736   1.00 23.66  ? 107 PHE A CD1 1 
ATOM   489  C CD2 . PHE A 1 58 ? 1.432   -9.433  4.008   1.00 21.77  ? 107 PHE A CD2 1 
ATOM   490  C CE1 . PHE A 1 58 ? 2.332   -9.958  6.564   1.00 22.35  ? 107 PHE A CE1 1 
ATOM   491  C CE2 . PHE A 1 58 ? 0.711   -10.263 4.849   1.00 21.14  ? 107 PHE A CE2 1 
ATOM   492  C CZ  . PHE A 1 58 ? 1.175   -10.540 6.105   1.00 25.60  ? 107 PHE A CZ  1 
ATOM   493  N N   . LYS A 1 59 ? 3.722   -9.701  0.826   1.00 25.46  ? 108 LYS A N   1 
ATOM   494  C CA  . LYS A 1 59 ? 3.210   -10.686 -0.159  1.00 29.49  ? 108 LYS A CA  1 
ATOM   495  C C   . LYS A 1 59 ? 4.269   -11.784 -0.321  1.00 32.22  ? 108 LYS A C   1 
ATOM   496  O O   . LYS A 1 59 ? 3.873   -12.936 -0.586  1.00 40.27  ? 108 LYS A O   1 
ATOM   497  C CB  . LYS A 1 59 ? 2.883   -9.970  -1.478  1.00 34.21  ? 108 LYS A CB  1 
ATOM   498  C CG  . LYS A 1 59 ? 2.276   -10.815 -2.590  1.00 41.80  ? 108 LYS A CG  1 
ATOM   499  C CD  . LYS A 1 59 ? 1.935   -10.014 -3.831  1.00 42.75  ? 108 LYS A CD  1 
ATOM   500  C CE  . LYS A 1 59 ? 1.948   -10.822 -5.117  1.00 55.49  ? 108 LYS A CE  1 
ATOM   501  N NZ  . LYS A 1 59 ? 2.837   -10.198 -6.129  1.00 75.33  ? 108 LYS A NZ  1 
ATOM   502  N N   . GLU A 1 60 ? 5.554   -11.479 -0.112  1.00 31.20  ? 109 GLU A N   1 
ATOM   503  C CA  . GLU A 1 60 ? 6.669   -12.451 -0.290  1.00 42.48  ? 109 GLU A CA  1 
ATOM   504  C C   . GLU A 1 60 ? 6.583   -13.626 0.686   1.00 48.20  ? 109 GLU A C   1 
ATOM   505  O O   . GLU A 1 60 ? 7.065   -14.708 0.310   1.00 49.57  ? 109 GLU A O   1 
ATOM   506  C CB  . GLU A 1 60 ? 8.038   -11.809 -0.094  1.00 37.12  ? 109 GLU A CB  1 
ATOM   507  C CG  . GLU A 1 60 ? 8.593   -11.227 -1.361  1.00 42.15  ? 109 GLU A CG  1 
ATOM   508  C CD  . GLU A 1 60 ? 9.897   -10.477 -1.194  1.00 40.32  ? 109 GLU A CD  1 
ATOM   509  O OE1 . GLU A 1 60 ? 10.536  -10.587 -0.115  1.00 36.00  ? 109 GLU A OE1 1 
ATOM   510  O OE2 . GLU A 1 60 ? 10.262  -9.773  -2.141  1.00 44.93  ? 109 GLU A OE2 1 
ATOM   511  N N   . LYS A 1 61 ? 6.059   -13.445 1.899   1.00 38.78  ? 110 LYS A N   1 
ATOM   512  C CA  . LYS A 1 61 ? 6.041   -14.551 2.895   1.00 50.07  ? 110 LYS A CA  1 
ATOM   513  C C   . LYS A 1 61 ? 5.225   -15.734 2.353   1.00 65.36  ? 110 LYS A C   1 
ATOM   514  O O   . LYS A 1 61 ? 5.523   -16.869 2.755   1.00 81.74  ? 110 LYS A O   1 
ATOM   515  C CB  . LYS A 1 61 ? 5.518   -14.071 4.251   1.00 68.99  ? 110 LYS A CB  1 
ATOM   516  C CG  . LYS A 1 61 ? 4.005   -13.950 4.375   1.00 78.79  ? 110 LYS A CG  1 
ATOM   517  C CD  . LYS A 1 61 ? 3.573   -13.341 5.691   1.00 56.72  ? 110 LYS A CD  1 
ATOM   518  C CE  . LYS A 1 61 ? 4.134   -14.076 6.893   1.00 46.50  ? 110 LYS A CE  1 
ATOM   519  N NZ  . LYS A 1 61 ? 3.769   -13.407 8.158   1.00 35.01  ? 110 LYS A NZ  1 
ATOM   520  N N   . PHE A 1 62 ? 4.252   -15.490 1.468   1.00 55.90  ? 111 PHE A N   1 
ATOM   521  C CA  . PHE A 1 62 ? 3.299   -16.516 0.964   1.00 67.69  ? 111 PHE A CA  1 
ATOM   522  C C   . PHE A 1 62 ? 3.918   -17.317 -0.194  1.00 52.27  ? 111 PHE A C   1 
ATOM   523  O O   . PHE A 1 62 ? 4.977   -17.048 -0.756  1.00 44.72  ? 111 PHE A O   1 
ATOM   524  C CB  . PHE A 1 62 ? 1.983   -15.851 0.553   1.00 49.06  ? 111 PHE A CB  1 
ATOM   525  C CG  . PHE A 1 62 ? 1.240   -15.174 1.674   1.00 63.15  ? 111 PHE A CG  1 
ATOM   526  C CD1 . PHE A 1 62 ? 0.620   -15.925 2.663   1.00 109.92 ? 111 PHE A CD1 1 
ATOM   527  C CD2 . PHE A 1 62 ? 1.141   -13.792 1.734   1.00 45.76  ? 111 PHE A CD2 1 
ATOM   528  C CE1 . PHE A 1 62 ? -0.076  -15.310 3.693   1.00 99.43  ? 111 PHE A CE1 1 
ATOM   529  C CE2 . PHE A 1 62 ? 0.441   -13.181 2.764   1.00 67.50  ? 111 PHE A CE2 1 
ATOM   530  C CZ  . PHE A 1 62 ? -0.165  -13.940 3.741   1.00 74.33  ? 111 PHE A CZ  1 
ATOM   531  N N   . PRO B 1 1  ? -8.702  -22.403 5.573   1.00 40.07  ? 50  PRO B N   1 
ATOM   532  C CA  . PRO B 1 1  ? -10.134 -22.343 5.871   1.00 29.37  ? 50  PRO B CA  1 
ATOM   533  C C   . PRO B 1 1  ? -10.899 -23.115 4.783   1.00 30.66  ? 50  PRO B C   1 
ATOM   534  O O   . PRO B 1 1  ? -10.402 -23.298 3.699   1.00 30.38  ? 50  PRO B O   1 
ATOM   535  C CB  . PRO B 1 1  ? -10.446 -20.839 5.927   1.00 41.62  ? 50  PRO B CB  1 
ATOM   536  C CG  . PRO B 1 1  ? -9.126  -20.154 5.575   1.00 34.78  ? 50  PRO B CG  1 
ATOM   537  C CD  . PRO B 1 1  ? -8.278  -21.192 4.893   1.00 38.59  ? 50  PRO B CD  1 
ATOM   538  N N   . SER B 1 2  ? -12.131 -23.529 5.084   1.00 33.29  ? 51  SER B N   1 
ATOM   539  C CA  . SER B 1 2  ? -13.023 -24.241 4.143   1.00 28.63  ? 51  SER B CA  1 
ATOM   540  C C   . SER B 1 2  ? -13.373 -23.311 2.989   1.00 28.44  ? 51  SER B C   1 
ATOM   541  O O   . SER B 1 2  ? -13.182 -22.110 3.151   1.00 24.30  ? 51  SER B O   1 
ATOM   542  C CB  . SER B 1 2  ? -14.253 -24.707 4.858   1.00 24.93  ? 51  SER B CB  1 
ATOM   543  O OG  . SER B 1 2  ? -15.096 -23.652 5.259   1.00 25.07  ? 51  SER B OG  1 
ATOM   544  N N   . MET B 1 3  ? -13.902 -23.837 1.882   1.00 26.16  ? 52  MET B N   1 
ATOM   545  C CA  . MET B 1 3  ? -14.398 -23.016 0.750   1.00 24.66  ? 52  MET B CA  1 
ATOM   546  C C   . MET B 1 3  ? -15.416 -22.012 1.311   1.00 23.73  ? 52  MET B C   1 
ATOM   547  O O   . MET B 1 3  ? -15.395 -20.803 0.983   1.00 25.60  ? 52  MET B O   1 
ATOM   548  C CB  . MET B 1 3  ? -15.046 -23.846 -0.371  1.00 27.51  ? 52  MET B CB  1 
ATOM   549  C CG  . MET B 1 3  ? -15.762 -23.007 -1.393  1.00 40.45  ? 52  MET B CG  1 
ATOM   550  S SD  . MET B 1 3  ? -14.675 -22.536 -2.773  1.00 69.76  ? 52  MET B SD  1 
ATOM   551  C CE  . MET B 1 3  ? -13.813 -21.135 -2.052  1.00 39.75  ? 52  MET B CE  1 
ATOM   552  N N   . LYS B 1 4  ? -16.327 -22.449 2.169   1.00 21.03  ? 53  LYS B N   1 
ATOM   553  C CA  . LYS B 1 4  ? -17.299 -21.507 2.763   1.00 21.61  ? 53  LYS B CA  1 
ATOM   554  C C   . LYS B 1 4  ? -16.583 -20.390 3.529   1.00 22.94  ? 53  LYS B C   1 
ATOM   555  O O   . LYS B 1 4  ? -16.936 -19.181 3.417   1.00 21.63  ? 53  LYS B O   1 
ATOM   556  C CB  . LYS B 1 4  ? -18.263 -22.230 3.705   1.00 21.52  ? 53  LYS B CB  1 
ATOM   557  C CG  . LYS B 1 4  ? -19.338 -21.313 4.256   1.00 27.13  ? 53  LYS B CG  1 
ATOM   558  C CD  . LYS B 1 4  ? -20.393 -22.031 5.026   1.00 41.25  ? 53  LYS B CD  1 
ATOM   559  C CE  . LYS B 1 4  ? -20.357 -21.756 6.517   1.00 71.38  ? 53  LYS B CE  1 
ATOM   560  N NZ  . LYS B 1 4  ? -21.686 -22.031 7.117   1.00 72.11  ? 53  LYS B NZ  1 
ATOM   561  N N   . GLU B 1 5  ? -15.697 -20.811 4.388   1.00 21.61  ? 54  GLU B N   1 
ATOM   562  C CA  . GLU B 1 5  ? -15.035 -19.790 5.252   1.00 23.00  ? 54  GLU B CA  1 
ATOM   563  C C   . GLU B 1 5  ? -14.269 -18.778 4.391   1.00 21.59  ? 54  GLU B C   1 
ATOM   564  O O   . GLU B 1 5  ? -14.249 -17.598 4.731   1.00 23.07  ? 54  GLU B O   1 
ATOM   565  C CB  . GLU B 1 5  ? -14.103 -20.534 6.154   1.00 27.09  ? 54  GLU B CB  1 
ATOM   566  C CG  . GLU B 1 5  ? -14.872 -21.033 7.306   1.00 26.94  ? 54  GLU B CG  1 
ATOM   567  C CD  . GLU B 1 5  ? -13.993 -21.785 8.274   1.00 48.21  ? 54  GLU B CD  1 
ATOM   568  O OE1 . GLU B 1 5  ? -13.207 -22.663 7.832   1.00 44.78  ? 54  GLU B OE1 1 
ATOM   569  O OE2 . GLU B 1 5  ? -14.059 -21.434 9.445   1.00 43.35  ? 54  GLU B OE2 1 
ATOM   570  N N   . ARG B 1 6  ? -13.657 -19.225 3.316   1.00 24.94  ? 55  ARG B N   1 
ATOM   571  C CA  . ARG B 1 6  ? -12.932 -18.322 2.377   1.00 24.01  ? 55  ARG B CA  1 
ATOM   572  C C   . ARG B 1 6  ? -13.913 -17.347 1.749   1.00 21.18  ? 55  ARG B C   1 
ATOM   573  O O   . ARG B 1 6  ? -13.636 -16.115 1.660   1.00 21.64  ? 55  ARG B O   1 
ATOM   574  C CB  . ARG B 1 6  ? -12.197 -19.132 1.312   1.00 19.92  ? 55  ARG B CB  1 
ATOM   575  C CG  . ARG B 1 6  ? -11.132 -20.062 1.837   1.00 25.00  ? 55  ARG B CG  1 
ATOM   576  C CD  . ARG B 1 6  ? -10.064 -20.530 0.861   1.00 38.10  ? 55  ARG B CD  1 
ATOM   577  N NE  . ARG B 1 6  ? -10.536 -21.320 -0.273  1.00 42.51  ? 55  ARG B NE  1 
ATOM   578  C CZ  . ARG B 1 6  ? -10.742 -22.641 -0.260  1.00 60.26  ? 55  ARG B CZ  1 
ATOM   579  N NH1 . ARG B 1 6  ? -10.590 -23.330 0.857   1.00 49.11  ? 55  ARG B NH1 1 
ATOM   580  N NH2 . ARG B 1 6  ? -11.146 -23.271 -1.358  1.00 44.75  ? 55  ARG B NH2 1 
ATOM   581  N N   . GLN B 1 7  ? -15.045 -17.840 1.248   1.00 21.19  ? 56  GLN B N   1 
ATOM   582  C CA  . GLN B 1 7  ? -16.055 -16.944 0.663   1.00 23.35  ? 56  GLN B CA  1 
ATOM   583  C C   . GLN B 1 7  ? -16.555 -15.949 1.695   1.00 20.52  ? 56  GLN B C   1 
ATOM   584  O O   . GLN B 1 7  ? -16.792 -14.780 1.367   1.00 24.85  ? 56  GLN B O   1 
ATOM   585  C CB  . GLN B 1 7  ? -17.240 -17.754 0.164   1.00 28.73  ? 56  GLN B CB  1 
ATOM   586  C CG  . GLN B 1 7  ? -16.850 -18.494 -1.090  1.00 25.64  ? 56  GLN B CG  1 
ATOM   587  C CD  . GLN B 1 7  ? -16.568 -17.496 -2.196  1.00 33.65  ? 56  GLN B CD  1 
ATOM   588  O OE1 . GLN B 1 7  ? -17.365 -16.584 -2.481  1.00 34.36  ? 56  GLN B OE1 1 
ATOM   589  N NE2 . GLN B 1 7  ? -15.429 -17.704 -2.849  1.00 31.52  ? 56  GLN B NE2 1 
ATOM   590  N N   . VAL B 1 8  ? -16.772 -16.367 2.935   1.00 21.97  ? 57  VAL B N   1 
ATOM   591  C CA  . VAL B 1 8  ? -17.297 -15.433 3.966   1.00 22.90  ? 57  VAL B CA  1 
ATOM   592  C C   . VAL B 1 8  ? -16.202 -14.403 4.251   1.00 22.47  ? 57  VAL B C   1 
ATOM   593  O O   . VAL B 1 8  ? -16.535 -13.243 4.435   1.00 23.21  ? 57  VAL B O   1 
ATOM   594  C CB  . VAL B 1 8  ? -17.780 -16.165 5.230   1.00 25.27  ? 57  VAL B CB  1 
ATOM   595  C CG1 . VAL B 1 8  ? -18.152 -15.253 6.390   1.00 30.65  ? 57  VAL B CG1 1 
ATOM   596  C CG2 . VAL B 1 8  ? -18.958 -17.071 4.899   1.00 26.94  ? 57  VAL B CG2 1 
ATOM   597  N N   . CYS B 1 9  ? -14.958 -14.843 4.293   1.00 23.55  ? 58  CYS B N   1 
ATOM   598  C CA  . CYS B 1 9  ? -13.822 -13.919 4.493   1.00 19.49  ? 58  CYS B CA  1 
ATOM   599  C C   . CYS B 1 9  ? -13.772 -12.907 3.334   1.00 22.22  ? 58  CYS B C   1 
ATOM   600  O O   . CYS B 1 9  ? -13.781 -11.661 3.584   1.00 20.58  ? 58  CYS B O   1 
ATOM   601  C CB  . CYS B 1 9  ? -12.501 -14.629 4.657   1.00 19.48  ? 58  CYS B CB  1 
ATOM   602  S SG  . CYS B 1 9  ? -11.090 -13.495 4.521   1.00 20.95  ? 58  CYS B SG  1 
ATOM   603  N N   . TRP B 1 10 ? -13.761 -13.365 2.105   1.00 19.86  ? 59  TRP B N   1 
ATOM   604  C CA  . TRP B 1 10 ? -13.681 -12.458 0.938   1.00 21.71  ? 59  TRP B CA  1 
ATOM   605  C C   . TRP B 1 10 ? -14.904 -11.534 0.880   1.00 23.76  ? 59  TRP B C   1 
ATOM   606  O O   . TRP B 1 10 ? -14.765 -10.304 0.546   1.00 20.41  ? 59  TRP B O   1 
ATOM   607  C CB  . TRP B 1 10 ? -13.454 -13.236 -0.327  1.00 21.56  ? 59  TRP B CB  1 
ATOM   608  C CG  . TRP B 1 10 ? -12.165 -13.992 -0.383  1.00 22.77  ? 59  TRP B CG  1 
ATOM   609  C CD1 . TRP B 1 10 ? -10.961 -13.529 0.058   1.00 24.63  ? 59  TRP B CD1 1 
ATOM   610  C CD2 . TRP B 1 10 ? -11.899 -15.266 -0.979  1.00 26.29  ? 59  TRP B CD2 1 
ATOM   611  N NE1 . TRP B 1 10 ? -9.982  -14.431 -0.191  1.00 31.84  ? 59  TRP B NE1 1 
ATOM   612  C CE2 . TRP B 1 10 ? -10.519 -15.494 -0.844  1.00 25.66  ? 59  TRP B CE2 1 
ATOM   613  C CE3 . TRP B 1 10 ? -12.664 -16.193 -1.663  1.00 26.15  ? 59  TRP B CE3 1 
ATOM   614  C CZ2 . TRP B 1 10 ? -9.899  -16.640 -1.329  1.00 33.16  ? 59  TRP B CZ2 1 
ATOM   615  C CZ3 . TRP B 1 10 ? -12.063 -17.339 -2.110  1.00 28.30  ? 59  TRP B CZ3 1 
ATOM   616  C CH2 . TRP B 1 10 ? -10.711 -17.568 -1.924  1.00 37.81  ? 59  TRP B CH2 1 
ATOM   617  N N   . GLY B 1 11 ? -16.119 -12.033 1.213   1.00 20.64  ? 60  GLY B N   1 
ATOM   618  C CA  . GLY B 1 11 ? -17.315 -11.200 1.154   1.00 24.51  ? 60  GLY B CA  1 
ATOM   619  C C   . GLY B 1 11 ? -17.263 -10.160 2.268   1.00 23.66  ? 60  GLY B C   1 
ATOM   620  O O   . GLY B 1 11 ? -17.677 -9.047  2.064   1.00 28.58  ? 60  GLY B O   1 
ATOM   621  N N   . ALA B 1 12 ? -16.717 -10.526 3.421   1.00 21.96  ? 61  ALA B N   1 
ATOM   622  C CA  . ALA B 1 12 ? -16.625 -9.606  4.586   1.00 23.04  ? 61  ALA B CA  1 
ATOM   623  C C   . ALA B 1 12 ? -15.562 -8.522  4.277   1.00 25.25  ? 61  ALA B C   1 
ATOM   624  O O   . ALA B 1 12 ? -15.842 -7.323  4.589   1.00 23.35  ? 61  ALA B O   1 
ATOM   625  C CB  . ALA B 1 12 ? -16.340 -10.377 5.842   1.00 23.95  ? 61  ALA B CB  1 
ATOM   626  N N   . ARG B 1 13 ? -14.516 -8.893  3.532   1.00 23.21  ? 62  ARG B N   1 
ATOM   627  C CA  . ARG B 1 13 ? -13.478 -7.923  3.092   1.00 20.14  ? 62  ARG B CA  1 
ATOM   628  C C   . ARG B 1 13 ? -14.092 -7.000  2.028   1.00 21.44  ? 62  ARG B C   1 
ATOM   629  O O   . ARG B 1 13 ? -13.808 -5.786  2.072   1.00 24.06  ? 62  ARG B O   1 
ATOM   630  C CB  . ARG B 1 13 ? -12.255 -8.663  2.540   1.00 17.58  ? 62  ARG B CB  1 
ATOM   631  C CG  . ARG B 1 13 ? -11.158 -7.748  2.017   1.00 19.09  ? 62  ARG B CG  1 
ATOM   632  C CD  . ARG B 1 13 ? -11.383 -7.339  0.574   1.00 30.96  ? 62  ARG B CD  1 
ATOM   633  N NE  . ARG B 1 13 ? -11.973 -8.408  -0.218  1.00 27.94  ? 62  ARG B NE  1 
ATOM   634  C CZ  . ARG B 1 13 ? -11.280 -9.282  -0.938  1.00 24.54  ? 62  ARG B CZ  1 
ATOM   635  N NH1 . ARG B 1 13 ? -9.961  -9.215  -0.970  1.00 26.39  ? 62  ARG B NH1 1 
ATOM   636  N NH2 . ARG B 1 13 ? -11.908 -10.219 -1.626  1.00 22.04  ? 62  ARG B NH2 1 
ATOM   637  N N   . ASP B 1 14 ? -14.898 -7.557  1.113   1.00 21.43  ? 63  ASP B N   1 
ATOM   638  C CA  . ASP B 1 14 ? -15.560 -6.765  0.055   1.00 24.35  ? 63  ASP B CA  1 
ATOM   639  C C   . ASP B 1 14 ? -16.529 -5.792  0.737   1.00 26.14  ? 63  ASP B C   1 
ATOM   640  O O   . ASP B 1 14 ? -16.502 -4.608  0.342   1.00 29.96  ? 63  ASP B O   1 
ATOM   641  C CB  . ASP B 1 14 ? -16.255 -7.625  -0.980  1.00 26.34  ? 63  ASP B CB  1 
ATOM   642  C CG  . ASP B 1 14 ? -15.319 -8.288  -1.961  1.00 24.38  ? 63  ASP B CG  1 
ATOM   643  O OD1 . ASP B 1 14 ? -14.130 -8.029  -1.891  1.00 31.87  ? 63  ASP B OD1 1 
ATOM   644  O OD2 . ASP B 1 14 ? -15.821 -9.079  -2.702  1.00 33.31  ? 63  ASP B OD2 1 
ATOM   645  N N   . GLU B 1 15 ? -17.291 -6.222  1.759   1.00 30.98  ? 64  GLU B N   1 
ATOM   646  C CA  . GLU B 1 15 ? -18.330 -5.346  2.374   1.00 34.30  ? 64  GLU B CA  1 
ATOM   647  C C   . GLU B 1 15 ? -17.622 -4.220  3.124   1.00 27.91  ? 64  GLU B C   1 
ATOM   648  O O   . GLU B 1 15 ? -18.123 -3.101  3.100   1.00 34.60  ? 64  GLU B O   1 
ATOM   649  C CB  . GLU B 1 15 ? -19.252 -6.090  3.345   1.00 33.50  ? 64  GLU B CB  1 
ATOM   650  C CG  . GLU B 1 15 ? -20.188 -7.029  2.657   1.00 54.40  ? 64  GLU B CG  1 
ATOM   651  C CD  . GLU B 1 15 ? -21.359 -6.344  2.013   1.00 54.72  ? 64  GLU B CD  1 
ATOM   652  O OE1 . GLU B 1 15 ? -22.183 -7.046  1.419   1.00 57.81  ? 64  GLU B OE1 1 
ATOM   653  O OE2 . GLU B 1 15 ? -21.438 -5.122  2.130   1.00 60.29  ? 64  GLU B OE2 1 
ATOM   654  N N   . TYR B 1 16 ? -16.519 -4.523  3.791   1.00 30.27  ? 65  TYR B N   1 
ATOM   655  C CA  . TYR B 1 16 ? -15.688 -3.549  4.548   1.00 25.18  ? 65  TYR B CA  1 
ATOM   656  C C   . TYR B 1 16 ? -15.083 -2.526  3.576   1.00 28.26  ? 65  TYR B C   1 
ATOM   657  O O   . TYR B 1 16 ? -15.214 -1.302  3.783   1.00 30.74  ? 65  TYR B O   1 
ATOM   658  C CB  . TYR B 1 16 ? -14.625 -4.279  5.380   1.00 28.10  ? 65  TYR B CB  1 
ATOM   659  C CG  . TYR B 1 16 ? -13.729 -3.349  6.151   1.00 25.89  ? 65  TYR B CG  1 
ATOM   660  C CD1 . TYR B 1 16 ? -14.220 -2.514  7.134   1.00 33.33  ? 65  TYR B CD1 1 
ATOM   661  C CD2 . TYR B 1 16 ? -12.383 -3.252  5.841   1.00 29.20  ? 65  TYR B CD2 1 
ATOM   662  C CE1 . TYR B 1 16 ? -13.389 -1.648  7.838   1.00 28.35  ? 65  TYR B CE1 1 
ATOM   663  C CE2 . TYR B 1 16 ? -11.553 -2.356  6.491   1.00 27.51  ? 65  TYR B CE2 1 
ATOM   664  C CZ  . TYR B 1 16 ? -12.055 -1.553  7.501   1.00 29.58  ? 65  TYR B CZ  1 
ATOM   665  O OH  . TYR B 1 16 ? -11.281 -0.665  8.190   1.00 37.39  ? 65  TYR B OH  1 
ATOM   666  N N   . TRP B 1 17 ? -14.479 -3.008  2.479   1.00 23.34  ? 66  TRP B N   1 
ATOM   667  C CA  . TRP B 1 17 ? -13.889 -2.086  1.477   1.00 20.07  ? 66  TRP B CA  1 
ATOM   668  C C   . TRP B 1 17 ? -14.994 -1.200  0.843   1.00 22.89  ? 66  TRP B C   1 
ATOM   669  O O   . TRP B 1 17 ? -14.727 0.004   0.538   1.00 32.82  ? 66  TRP B O   1 
ATOM   670  C CB  . TRP B 1 17 ? -13.134 -2.872  0.397   1.00 25.01  ? 66  TRP B CB  1 
ATOM   671  C CG  . TRP B 1 17 ? -11.790 -3.333  0.835   1.00 18.38  ? 66  TRP B CG  1 
ATOM   672  C CD1 . TRP B 1 17 ? -11.303 -3.484  2.112   1.00 27.03  ? 66  TRP B CD1 1 
ATOM   673  C CD2 . TRP B 1 17 ? -10.773 -3.839  -0.025  1.00 20.49  ? 66  TRP B CD2 1 
ATOM   674  N NE1 . TRP B 1 17 ? -10.024 -4.002  2.073   1.00 20.56  ? 66  TRP B NE1 1 
ATOM   675  C CE2 . TRP B 1 17 ? -9.693  -4.263  0.773   1.00 22.11  ? 66  TRP B CE2 1 
ATOM   676  C CE3 . TRP B 1 17 ? -10.641 -3.911  -1.421  1.00 27.48  ? 66  TRP B CE3 1 
ATOM   677  C CZ2 . TRP B 1 17 ? -8.517  -4.774  0.229   1.00 26.13  ? 66  TRP B CZ2 1 
ATOM   678  C CZ3 . TRP B 1 17 ? -9.461  -4.423  -1.967  1.00 33.44  ? 66  TRP B CZ3 1 
ATOM   679  C CH2 . TRP B 1 17 ? -8.404  -4.841  -1.138  1.00 27.98  ? 66  TRP B CH2 1 
ATOM   680  N N   . LYS B 1 18 ? -16.139 -1.812  0.513   1.00 28.31  ? 67  LYS B N   1 
ATOM   681  C CA  A LYS B 1 18 ? -17.320 -1.140  -0.091  0.50 31.91  ? 67  LYS B CA  1 
ATOM   682  C CA  B LYS B 1 18 ? -17.320 -1.140  -0.091  0.50 31.91  ? 67  LYS B CA  1 
ATOM   683  C C   . LYS B 1 18 ? -17.760 -0.052  0.898   1.00 27.79  ? 67  LYS B C   1 
ATOM   684  O O   . LYS B 1 18 ? -17.983 1.096   0.456   1.00 37.58  ? 67  LYS B O   1 
ATOM   685  C CB  A LYS B 1 18 ? -18.398 -2.179  -0.423  0.50 34.79  ? 67  LYS B CB  1 
ATOM   686  C CB  B LYS B 1 18 ? -18.398 -2.179  -0.423  0.50 34.79  ? 67  LYS B CB  1 
ATOM   687  N N   . CYS B 1 19 ? -17.775 -0.369  2.204   1.00 41.64  ? 68  CYS B N   1 
ATOM   688  C CA  . CYS B 1 19 ? -18.038 0.613   3.293   1.00 36.53  ? 68  CYS B CA  1 
ATOM   689  C C   . CYS B 1 19 ? -17.048 1.773   3.188   1.00 49.40  ? 68  CYS B C   1 
ATOM   690  O O   . CYS B 1 19 ? -17.502 2.921   3.186   1.00 40.96  ? 68  CYS B O   1 
ATOM   691  C CB  . CYS B 1 19 ? -17.963 0.056   4.715   1.00 38.19  ? 68  CYS B CB  1 
ATOM   692  S SG  . CYS B 1 19 ? -18.680 1.205   5.942   1.00 46.44  ? 68  CYS B SG  1 
ATOM   693  N N   . LEU B 1 20 ? -15.747 1.483   3.140   1.00 39.28  ? 69  LEU B N   1 
ATOM   694  C CA  . LEU B 1 20 ? -14.706 2.533   3.135   1.00 34.60  ? 69  LEU B CA  1 
ATOM   695  C C   . LEU B 1 20 ? -14.803 3.307   1.808   1.00 32.27  ? 69  LEU B C   1 
ATOM   696  O O   . LEU B 1 20 ? -14.599 4.522   1.864   1.00 46.50  ? 69  LEU B O   1 
ATOM   697  C CB  . LEU B 1 20 ? -13.295 1.960   3.278   1.00 29.18  ? 69  LEU B CB  1 
ATOM   698  C CG  . LEU B 1 20 ? -12.881 1.246   4.574   1.00 35.26  ? 69  LEU B CG  1 
ATOM   699  C CD1 . LEU B 1 20 ? -11.444 0.721   4.472   1.00 28.64  ? 69  LEU B CD1 1 
ATOM   700  C CD2 . LEU B 1 20 ? -13.027 2.186   5.756   1.00 41.10  ? 69  LEU B CD2 1 
ATOM   701  N N   . ASP B 1 21 ? -15.108 2.679   0.671   1.00 37.75  ? 70  ASP B N   1 
ATOM   702  C CA  . ASP B 1 21 ? -15.139 3.356   -0.661  1.00 36.51  ? 70  ASP B CA  1 
ATOM   703  C C   . ASP B 1 21 ? -16.230 4.440   -0.670  1.00 70.37  ? 70  ASP B C   1 
ATOM   704  O O   . ASP B 1 21 ? -15.939 5.649   -0.948  1.00 52.38  ? 70  ASP B O   1 
ATOM   705  C CB  . ASP B 1 21 ? -15.596 2.439   -1.804  1.00 45.16  ? 70  ASP B CB  1 
ATOM   706  C CG  . ASP B 1 21 ? -14.560 1.511   -2.379  1.00 48.13  ? 70  ASP B CG  1 
ATOM   707  O OD1 . ASP B 1 21 ? -13.366 1.720   -2.090  1.00 56.07  ? 70  ASP B OD1 1 
ATOM   708  O OD2 . ASP B 1 21 ? -14.963 0.555   -3.059  1.00 59.22  ? 70  ASP B OD2 1 
ATOM   709  N N   . GLU B 1 22 ? -17.448 3.969   -0.386  1.00 45.90  ? 71  GLU B N   1 
ATOM   710  C CA  . GLU B 1 22 ? -18.763 4.683   -0.433  1.00 70.98  ? 71  GLU B CA  1 
ATOM   711  C C   . GLU B 1 22 ? -18.777 5.853   0.553   1.00 80.39  ? 71  GLU B C   1 
ATOM   712  O O   . GLU B 1 22 ? -19.353 6.905   0.207   1.00 82.61  ? 71  GLU B O   1 
ATOM   713  C CB  . GLU B 1 22 ? -19.894 3.714   -0.059  1.00 50.42  ? 71  GLU B CB  1 
ATOM   714  N N   . ASN B 1 23 ? -18.177 5.648   1.733   1.00 43.39  ? 72  ASN B N   1 
ATOM   715  C CA  . ASN B 1 23 ? -18.151 6.571   2.906   1.00 56.48  ? 72  ASN B CA  1 
ATOM   716  C C   . ASN B 1 23 ? -16.813 7.359   2.932   1.00 60.65  ? 72  ASN B C   1 
ATOM   717  O O   . ASN B 1 23 ? -16.399 7.843   4.033   1.00 54.99  ? 72  ASN B O   1 
ATOM   718  C CB  . ASN B 1 23 ? -18.435 5.749   4.175   1.00 72.23  ? 72  ASN B CB  1 
ATOM   719  C CG  . ASN B 1 23 ? -18.492 6.551   5.459   1.00 90.84  ? 72  ASN B CG  1 
ATOM   720  O OD1 . ASN B 1 23 ? -19.529 7.116   5.812   1.00 90.04  ? 72  ASN B OD1 1 
ATOM   721  N ND2 . ASN B 1 23 ? -17.385 6.586   6.179   1.00 62.81  ? 72  ASN B ND2 1 
ATOM   722  N N   . LEU B 1 24 ? -16.148 7.494   1.769   1.00 44.14  ? 73  LEU B N   1 
ATOM   723  C CA  . LEU B 1 24 ? -14.905 8.295   1.532   1.00 45.94  ? 73  LEU B CA  1 
ATOM   724  C C   . LEU B 1 24 ? -13.889 8.078   2.667   1.00 38.97  ? 73  LEU B C   1 
ATOM   725  O O   . LEU B 1 24 ? -13.294 9.028   3.135   1.00 39.21  ? 73  LEU B O   1 
ATOM   726  C CB  . LEU B 1 24 ? -15.277 9.769   1.264   1.00 49.00  ? 73  LEU B CB  1 
ATOM   727  C CG  . LEU B 1 24 ? -16.434 9.871   0.261   1.00 67.62  ? 73  LEU B CG  1 
ATOM   728  C CD1 . LEU B 1 24 ? -16.832 11.297  -0.017  1.00 51.79  ? 73  LEU B CD1 1 
ATOM   729  C CD2 . LEU B 1 24 ? -16.121 9.139   -1.051  1.00 67.06  ? 73  LEU B CD2 1 
ATOM   730  N N   . GLU B 1 25 ? -13.575 6.800   2.950   1.00 42.19  ? 74  GLU B N   1 
ATOM   731  C CA  . GLU B 1 25 ? -12.545 6.321   3.940   1.00 47.93  ? 74  GLU B CA  1 
ATOM   732  C C   . GLU B 1 25 ? -12.812 6.802   5.384   1.00 45.61  ? 74  GLU B C   1 
ATOM   733  O O   . GLU B 1 25 ? -11.847 6.804   6.179   1.00 43.68  ? 74  GLU B O   1 
ATOM   734  C CB  . GLU B 1 25 ? -11.111 6.778   3.654   1.00 38.96  ? 74  GLU B CB  1 
ATOM   735  C CG  . GLU B 1 25 ? -10.599 6.498   2.255   1.00 46.54  ? 74  GLU B CG  1 
ATOM   736  C CD  . GLU B 1 25 ? -10.352 5.037   1.985   1.00 48.82  ? 74  GLU B CD  1 
ATOM   737  O OE1 . GLU B 1 25 ? -9.486  4.448   2.617   1.00 55.36  ? 74  GLU B OE1 1 
ATOM   738  O OE2 . GLU B 1 25 ? -11.064 4.482   1.173   1.00 48.08  ? 74  GLU B OE2 1 
ATOM   739  N N   . ASP B 1 26 ? -14.036 7.158   5.779   1.00 58.50  ? 75  ASP B N   1 
ATOM   740  C CA  . ASP B 1 26 ? -14.243 7.331   7.247   1.00 72.30  ? 75  ASP B CA  1 
ATOM   741  C C   . ASP B 1 26 ? -14.422 5.916   7.826   1.00 61.73  ? 75  ASP B C   1 
ATOM   742  O O   . ASP B 1 26 ? -15.475 5.301   7.592   1.00 46.23  ? 75  ASP B O   1 
ATOM   743  C CB  . ASP B 1 26 ? -15.306 8.366   7.628   1.00 88.00  ? 75  ASP B CB  1 
ATOM   744  C CG  . ASP B 1 26 ? -15.065 8.980   9.009   1.00 108.74 ? 75  ASP B CG  1 
ATOM   745  O OD1 . ASP B 1 26 ? -14.159 8.491   9.745   1.00 69.82  ? 75  ASP B OD1 1 
ATOM   746  O OD2 . ASP B 1 26 ? -15.768 9.958   9.340   1.00 134.02 ? 75  ASP B OD2 1 
ATOM   747  N N   . ALA B 1 27 ? -13.373 5.429   8.495   1.00 37.03  ? 76  ALA B N   1 
ATOM   748  C CA  . ALA B 1 27 ? -13.183 4.038   8.977   1.00 54.46  ? 76  ALA B CA  1 
ATOM   749  C C   . ALA B 1 27 ? -13.650 3.905   10.421  1.00 59.34  ? 76  ALA B C   1 
ATOM   750  O O   . ALA B 1 27 ? -13.643 2.774   10.906  1.00 44.39  ? 76  ALA B O   1 
ATOM   751  C CB  . ALA B 1 27 ? -11.745 3.611   8.882   1.00 51.86  ? 76  ALA B CB  1 
ATOM   752  N N   . SER B 1 28 ? -13.947 5.015   11.093  1.00 58.31  ? 77  SER B N   1 
ATOM   753  C CA  . SER B 1 28 ? -14.637 5.009   12.402  1.00 57.04  ? 77  SER B CA  1 
ATOM   754  C C   . SER B 1 28 ? -16.153 4.963   12.132  1.00 52.89  ? 77  SER B C   1 
ATOM   755  O O   . SER B 1 28 ? -16.929 4.981   13.086  1.00 90.85  ? 77  SER B O   1 
ATOM   756  C CB  . SER B 1 28 ? -14.175 6.170   13.246  1.00 59.94  ? 77  SER B CB  1 
ATOM   757  O OG  . SER B 1 28 ? -14.521 7.412   12.657  1.00 55.21  ? 77  SER B OG  1 
ATOM   758  N N   . GLN B 1 29 ? -16.540 4.810   10.859  1.00 60.94  ? 78  GLN B N   1 
ATOM   759  C CA  . GLN B 1 29 ? -17.943 4.636   10.376  1.00 48.95  ? 78  GLN B CA  1 
ATOM   760  C C   . GLN B 1 29 ? -18.231 3.181   9.962   1.00 50.12  ? 78  GLN B C   1 
ATOM   761  O O   . GLN B 1 29 ? -19.346 2.884   9.502   1.00 58.94  ? 78  GLN B O   1 
ATOM   762  C CB  . GLN B 1 29 ? -18.115 5.512   9.136   1.00 49.26  ? 78  GLN B CB  1 
ATOM   763  C CG  . GLN B 1 29 ? -17.404 6.856   9.248   1.00 61.27  ? 78  GLN B CG  1 
ATOM   764  C CD  . GLN B 1 29 ? -18.008 7.770   10.279  1.00 72.39  ? 78  GLN B CD  1 
ATOM   765  O OE1 . GLN B 1 29 ? -18.933 8.516   9.975   1.00 64.87  ? 78  GLN B OE1 1 
ATOM   766  N NE2 . GLN B 1 29 ? -17.457 7.754   11.487  1.00 59.11  ? 78  GLN B NE2 1 
ATOM   767  N N   . CYS B 1 30 ? -17.259 2.290   10.055  1.00 50.80  ? 79  CYS B N   1 
ATOM   768  C CA  . CYS B 1 30 ? -17.386 0.937   9.490   1.00 39.49  ? 79  CYS B CA  1 
ATOM   769  C C   . CYS B 1 30 ? -16.832 -0.019  10.538  1.00 49.79  ? 79  CYS B C   1 
ATOM   770  O O   . CYS B 1 30 ? -16.285 -1.018  10.157  1.00 46.33  ? 79  CYS B O   1 
ATOM   771  C CB  . CYS B 1 30 ? -16.621 0.794   8.173   1.00 46.85  ? 79  CYS B CB  1 
ATOM   772  S SG  . CYS B 1 30 ? -17.046 1.950   6.828   1.00 38.03  ? 79  CYS B SG  1 
ATOM   773  N N   . LYS B 1 31 ? -16.937 0.316   11.817  1.00 44.74  ? 80  LYS B N   1 
ATOM   774  C CA  . LYS B 1 31 ? -16.367 -0.477  12.933  1.00 48.25  ? 80  LYS B CA  1 
ATOM   775  C C   . LYS B 1 31 ? -17.091 -1.825  13.009  1.00 46.08  ? 80  LYS B C   1 
ATOM   776  O O   . LYS B 1 31 ? -16.409 -2.828  13.247  1.00 43.25  ? 80  LYS B O   1 
ATOM   777  C CB  . LYS B 1 31 ? -16.495 0.329   14.228  1.00 43.99  ? 80  LYS B CB  1 
ATOM   778  N N   . LYS B 1 32 ? -18.407 -1.866  12.736  1.00 50.13  ? 81  LYS B N   1 
ATOM   779  C CA  . LYS B 1 32 ? -19.218 -3.123  12.723  1.00 50.58  ? 81  LYS B CA  1 
ATOM   780  C C   . LYS B 1 32 ? -18.709 -4.058  11.619  1.00 47.79  ? 81  LYS B C   1 
ATOM   781  O O   . LYS B 1 32 ? -18.348 -5.237  11.903  1.00 42.77  ? 81  LYS B O   1 
ATOM   782  C CB  . LYS B 1 32 ? -20.710 -2.828  12.538  1.00 47.57  ? 81  LYS B CB  1 
ATOM   783  N N   . LEU B 1 33 ? -18.694 -3.576  10.386  1.00 37.54  ? 82  LEU B N   1 
ATOM   784  C CA  . LEU B 1 33 ? -18.156 -4.365  9.250   1.00 39.51  ? 82  LEU B CA  1 
ATOM   785  C C   . LEU B 1 33 ? -16.662 -4.650  9.466   1.00 32.64  ? 82  LEU B C   1 
ATOM   786  O O   . LEU B 1 33 ? -16.211 -5.681  8.992   1.00 27.36  ? 82  LEU B O   1 
ATOM   787  C CB  . LEU B 1 33 ? -18.441 -3.616  7.951   1.00 34.68  ? 82  LEU B CB  1 
ATOM   788  C CG  . LEU B 1 33 ? -19.894 -3.688  7.497   1.00 42.12  ? 82  LEU B CG  1 
ATOM   789  C CD1 . LEU B 1 33 ? -20.166 -2.682  6.389   1.00 38.13  ? 82  LEU B CD1 1 
ATOM   790  C CD2 . LEU B 1 33 ? -20.299 -5.082  7.046   1.00 47.08  ? 82  LEU B CD2 1 
ATOM   791  N N   . ARG B 1 34 ? -15.878 -3.785  10.112  1.00 29.81  ? 83  ARG B N   1 
ATOM   792  C CA  . ARG B 1 34 ? -14.462 -4.147  10.406  1.00 28.45  ? 83  ARG B CA  1 
ATOM   793  C C   . ARG B 1 34 ? -14.448 -5.353  11.358  1.00 31.70  ? 83  ARG B C   1 
ATOM   794  O O   . ARG B 1 34 ? -13.588 -6.221  11.212  1.00 32.90  ? 83  ARG B O   1 
ATOM   795  C CB  . ARG B 1 34 ? -13.717 -2.957  11.032  1.00 38.56  ? 83  ARG B CB  1 
ATOM   796  C CG  . ARG B 1 34 ? -12.291 -3.272  11.456  1.00 32.61  ? 83  ARG B CG  1 
ATOM   797  C CD  . ARG B 1 34 ? -11.339 -3.231  10.259  1.00 31.72  ? 83  ARG B CD  1 
ATOM   798  N NE  . ARG B 1 34 ? -10.072 -3.876  10.596  1.00 26.80  ? 83  ARG B NE  1 
ATOM   799  C CZ  . ARG B 1 34 ? -9.025  -4.024  9.757   1.00 29.91  ? 83  ARG B CZ  1 
ATOM   800  N NH1 . ARG B 1 34 ? -9.116  -3.647  8.500   1.00 30.00  ? 83  ARG B NH1 1 
ATOM   801  N NH2 . ARG B 1 34 ? -7.926  -4.645  10.148  1.00 25.90  ? 83  ARG B NH2 1 
ATOM   802  N N   . SER B 1 35 ? -15.293 -5.350  12.388  1.00 32.69  ? 84  SER B N   1 
ATOM   803  C CA  . SER B 1 35 ? -15.388 -6.506  13.327  1.00 32.68  ? 84  SER B CA  1 
ATOM   804  C C   . SER B 1 35 ? -15.740 -7.753  12.570  1.00 29.14  ? 84  SER B C   1 
ATOM   805  O O   . SER B 1 35 ? -15.158 -8.797  12.864  1.00 37.10  ? 84  SER B O   1 
ATOM   806  C CB  . SER B 1 35 ? -16.411 -6.282  14.412  1.00 47.31  ? 84  SER B CB  1 
ATOM   807  O OG  . SER B 1 35 ? -15.852 -5.438  15.378  1.00 53.35  ? 84  SER B OG  1 
ATOM   808  N N   . SER B 1 36 ? -16.716 -7.653  11.681  1.00 32.62  ? 85  SER B N   1 
ATOM   809  C CA  A SER B 1 36 ? -17.135 -8.829  10.894  0.50 30.53  ? 85  SER B CA  1 
ATOM   810  C CA  B SER B 1 36 ? -17.138 -8.823  10.878  0.50 29.81  ? 85  SER B CA  1 
ATOM   811  C C   . SER B 1 36 ? -15.919 -9.312  10.089  1.00 29.27  ? 85  SER B C   1 
ATOM   812  O O   . SER B 1 36 ? -15.622 -10.522 10.120  1.00 28.63  ? 85  SER B O   1 
ATOM   813  C CB  A SER B 1 36 ? -18.324 -8.519  10.049  0.50 34.65  ? 85  SER B CB  1 
ATOM   814  C CB  B SER B 1 36 ? -18.290 -8.518  9.974   0.50 33.37  ? 85  SER B CB  1 
ATOM   815  O OG  A SER B 1 36 ? -18.602 -9.580  9.156   0.50 37.11  ? 85  SER B OG  1 
ATOM   816  O OG  B SER B 1 36 ? -19.433 -8.117  10.709  0.50 34.12  ? 85  SER B OG  1 
ATOM   817  N N   . PHE B 1 37 ? -15.178 -8.395  9.462   1.00 27.00  ? 86  PHE B N   1 
ATOM   818  C CA  . PHE B 1 37 ? -13.989 -8.758  8.658   1.00 25.74  ? 86  PHE B CA  1 
ATOM   819  C C   . PHE B 1 37 ? -12.940 -9.437  9.532   1.00 25.34  ? 86  PHE B C   1 
ATOM   820  O O   . PHE B 1 37 ? -12.447 -10.484 9.145   1.00 25.37  ? 86  PHE B O   1 
ATOM   821  C CB  . PHE B 1 37 ? -13.521 -7.500  7.951   1.00 25.14  ? 86  PHE B CB  1 
ATOM   822  C CG  . PHE B 1 37 ? -12.200 -7.536  7.237   1.00 19.96  ? 86  PHE B CG  1 
ATOM   823  C CD1 . PHE B 1 37 ? -11.908 -8.561  6.368   1.00 23.25  ? 86  PHE B CD1 1 
ATOM   824  C CD2 . PHE B 1 37 ? -11.280 -6.527  7.473   1.00 25.35  ? 86  PHE B CD2 1 
ATOM   825  C CE1 . PHE B 1 37 ? -10.703 -8.543  5.680   1.00 24.05  ? 86  PHE B CE1 1 
ATOM   826  C CE2 . PHE B 1 37 ? -10.073 -6.528  6.822   1.00 25.49  ? 86  PHE B CE2 1 
ATOM   827  C CZ  . PHE B 1 37 ? -9.825  -7.513  5.883   1.00 22.43  ? 86  PHE B CZ  1 
ATOM   828  N N   . GLU B 1 38 ? -12.617 -8.884  10.697  1.00 24.06  ? 87  GLU B N   1 
ATOM   829  C CA  . GLU B 1 38 ? -11.559 -9.443  11.569  1.00 27.40  ? 87  GLU B CA  1 
ATOM   830  C C   . GLU B 1 38 ? -11.993 -10.827 12.083  1.00 22.54  ? 87  GLU B C   1 
ATOM   831  O O   . GLU B 1 38 ? -11.121 -11.687 12.239  1.00 30.55  ? 87  GLU B O   1 
ATOM   832  C CB  . GLU B 1 38 ? -11.269 -8.487  12.721  1.00 32.09  ? 87  GLU B CB  1 
ATOM   833  C CG  . GLU B 1 38 ? -10.534 -7.238  12.281  1.00 28.75  ? 87  GLU B CG  1 
ATOM   834  C CD  . GLU B 1 38 ? -10.356 -6.195  13.369  1.00 44.68  ? 87  GLU B CD  1 
ATOM   835  O OE1 . GLU B 1 38 ? -10.942 -6.358  14.455  1.00 55.45  ? 87  GLU B OE1 1 
ATOM   836  O OE2 . GLU B 1 38 ? -9.655  -5.222  13.107  1.00 36.73  ? 87  GLU B OE2 1 
ATOM   837  N N   . SER B 1 39 ? -13.291 -11.027 12.341  1.00 31.60  ? 88  SER B N   1 
ATOM   838  C CA  . SER B 1 39 ? -13.822 -12.319 12.866  1.00 33.03  ? 88  SER B CA  1 
ATOM   839  C C   . SER B 1 39 ? -13.874 -13.379 11.760  1.00 28.56  ? 88  SER B C   1 
ATOM   840  O O   . SER B 1 39 ? -13.862 -14.592 12.059  1.00 31.56  ? 88  SER B O   1 
ATOM   841  C CB  . SER B 1 39 ? -15.176 -12.130 13.497  1.00 34.42  ? 88  SER B CB  1 
ATOM   842  O OG  . SER B 1 39 ? -15.098 -11.192 14.553  1.00 53.93  ? 88  SER B OG  1 
ATOM   843  N N   . SER B 1 40 ? -13.940 -12.958 10.503  1.00 21.47  ? 89  SER B N   1 
ATOM   844  C CA  . SER B 1 40 ? -14.219 -13.864 9.369   1.00 22.44  ? 89  SER B CA  1 
ATOM   845  C C   . SER B 1 40 ? -12.937 -14.344 8.689   1.00 20.95  ? 89  SER B C   1 
ATOM   846  O O   . SER B 1 40 ? -13.014 -15.308 7.923   1.00 25.79  ? 89  SER B O   1 
ATOM   847  C CB  . SER B 1 40 ? -15.126 -13.241 8.359   1.00 23.07  ? 89  SER B CB  1 
ATOM   848  O OG  . SER B 1 40 ? -16.398 -12.939 8.938   1.00 30.67  ? 89  SER B OG  1 
ATOM   849  N N   . CYS B 1 41 ? -11.829 -13.627 8.839   1.00 22.52  ? 90  CYS B N   1 
ATOM   850  C CA  . CYS B 1 41 ? -10.619 -13.855 8.029   1.00 21.21  ? 90  CYS B CA  1 
ATOM   851  C C   . CYS B 1 41 ? -9.451  -14.287 8.906   1.00 19.50  ? 90  CYS B C   1 
ATOM   852  O O   . CYS B 1 41 ? -9.282  -13.762 9.994   1.00 25.02  ? 90  CYS B O   1 
ATOM   853  C CB  . CYS B 1 41 ? -10.253 -12.595 7.249   1.00 25.89  ? 90  CYS B CB  1 
ATOM   854  S SG  . CYS B 1 41 ? -11.450 -12.111 5.976   1.00 21.79  ? 90  CYS B SG  1 
ATOM   855  N N   . PRO B 1 42 ? -8.578  -15.189 8.417   1.00 21.21  ? 91  PRO B N   1 
ATOM   856  C CA  . PRO B 1 42 ? -7.306  -15.452 9.068   1.00 23.30  ? 91  PRO B CA  1 
ATOM   857  C C   . PRO B 1 42 ? -6.508  -14.164 9.285   1.00 26.28  ? 91  PRO B C   1 
ATOM   858  O O   . PRO B 1 42 ? -6.527  -13.273 8.415   1.00 23.13  ? 91  PRO B O   1 
ATOM   859  C CB  . PRO B 1 42 ? -6.600  -16.427 8.130   1.00 25.20  ? 91  PRO B CB  1 
ATOM   860  C CG  . PRO B 1 42 ? -7.710  -17.076 7.373   1.00 24.81  ? 91  PRO B CG  1 
ATOM   861  C CD  . PRO B 1 42 ? -8.749  -15.995 7.213   1.00 23.23  ? 91  PRO B CD  1 
ATOM   862  N N   . GLN B 1 43 ? -5.875  -14.039 10.455  1.00 24.25  ? 92  GLN B N   1 
ATOM   863  C CA  . GLN B 1 43 ? -5.095  -12.839 10.840  1.00 24.15  ? 92  GLN B CA  1 
ATOM   864  C C   . GLN B 1 43 ? -4.111  -12.464 9.730   1.00 20.24  ? 92  GLN B C   1 
ATOM   865  O O   . GLN B 1 43 ? -4.004  -11.259 9.419   1.00 23.23  ? 92  GLN B O   1 
ATOM   866  C CB  . GLN B 1 43 ? -4.282  -13.110 12.111  1.00 39.10  ? 92  GLN B CB  1 
ATOM   867  C CG  . GLN B 1 43 ? -4.016  -11.856 12.928  1.00 66.85  ? 92  GLN B CG  1 
ATOM   868  C CD  . GLN B 1 43 ? -5.293  -11.305 13.512  1.00 86.70  ? 92  GLN B CD  1 
ATOM   869  O OE1 . GLN B 1 43 ? -6.029  -12.003 14.208  1.00 112.14 ? 92  GLN B OE1 1 
ATOM   870  N NE2 . GLN B 1 43 ? -5.571  -10.045 13.217  1.00 78.73  ? 92  GLN B NE2 1 
ATOM   871  N N   . GLN B 1 44 ? -3.430  -13.442 9.144   1.00 22.82  ? 93  GLN B N   1 
ATOM   872  C CA  . GLN B 1 44 ? -2.457  -13.176 8.042   1.00 22.46  ? 93  GLN B CA  1 
ATOM   873  C C   . GLN B 1 44 ? -3.193  -12.543 6.857   1.00 21.04  ? 93  GLN B C   1 
ATOM   874  O O   . GLN B 1 44 ? -2.603  -11.692 6.168   1.00 19.54  ? 93  GLN B O   1 
ATOM   875  C CB  . GLN B 1 44 ? -1.762  -14.438 7.567   1.00 27.42  ? 93  GLN B CB  1 
ATOM   876  C CG  . GLN B 1 44 ? -0.827  -14.990 8.620   1.00 31.01  ? 93  GLN B CG  1 
ATOM   877  C CD  . GLN B 1 44 ? 0.338   -14.064 8.865   1.00 41.08  ? 93  GLN B CD  1 
ATOM   878  O OE1 . GLN B 1 44 ? 1.064   -13.698 7.939   1.00 33.50  ? 93  GLN B OE1 1 
ATOM   879  N NE2 . GLN B 1 44 ? 0.518   -13.676 10.116  1.00 52.14  ? 93  GLN B NE2 1 
ATOM   880  N N   . TRP B 1 45 ? -4.375  -13.052 6.527   1.00 20.43  ? 94  TRP B N   1 
ATOM   881  C CA  . TRP B 1 45 ? -5.170  -12.503 5.384   1.00 17.59  ? 94  TRP B CA  1 
ATOM   882  C C   . TRP B 1 45 ? -5.615  -11.065 5.672   1.00 15.22  ? 94  TRP B C   1 
ATOM   883  O O   . TRP B 1 45 ? -5.618  -10.241 4.739   1.00 19.61  ? 94  TRP B O   1 
ATOM   884  C CB  . TRP B 1 45 ? -6.400  -13.408 5.140   1.00 17.47  ? 94  TRP B CB  1 
ATOM   885  C CG  . TRP B 1 45 ? -6.083  -14.781 4.659   1.00 18.02  ? 94  TRP B CG  1 
ATOM   886  C CD1 . TRP B 1 45 ? -4.921  -15.479 4.821   1.00 25.21  ? 94  TRP B CD1 1 
ATOM   887  C CD2 . TRP B 1 45 ? -6.979  -15.646 3.947   1.00 20.18  ? 94  TRP B CD2 1 
ATOM   888  N NE1 . TRP B 1 45 ? -5.029  -16.711 4.235   1.00 28.35  ? 94  TRP B NE1 1 
ATOM   889  C CE2 . TRP B 1 45 ? -6.266  -16.827 3.658   1.00 22.47  ? 94  TRP B CE2 1 
ATOM   890  C CE3 . TRP B 1 45 ? -8.276  -15.486 3.453   1.00 25.82  ? 94  TRP B CE3 1 
ATOM   891  C CZ2 . TRP B 1 45 ? -6.854  -17.887 2.973   1.00 27.11  ? 94  TRP B CZ2 1 
ATOM   892  C CZ3 . TRP B 1 45 ? -8.833  -16.520 2.737   1.00 29.72  ? 94  TRP B CZ3 1 
ATOM   893  C CH2 . TRP B 1 45 ? -8.124  -17.691 2.491   1.00 27.11  ? 94  TRP B CH2 1 
ATOM   894  N N   . ILE B 1 46 ? -6.031  -10.750 6.912   1.00 17.89  ? 95  ILE B N   1 
ATOM   895  C CA  . ILE B 1 46 ? -6.436  -9.378  7.294   1.00 18.56  ? 95  ILE B CA  1 
ATOM   896  C C   . ILE B 1 46 ? -5.233  -8.453  7.036   1.00 19.08  ? 95  ILE B C   1 
ATOM   897  O O   . ILE B 1 46 ? -5.386  -7.410  6.375   1.00 20.09  ? 95  ILE B O   1 
ATOM   898  C CB  . ILE B 1 46 ? -6.840  -9.298  8.770   1.00 20.01  ? 95  ILE B CB  1 
ATOM   899  C CG1 . ILE B 1 46 ? -8.097  -10.127 9.076   1.00 23.82  ? 95  ILE B CG1 1 
ATOM   900  C CG2 . ILE B 1 46 ? -6.995  -7.839  9.169   1.00 21.04  ? 95  ILE B CG2 1 
ATOM   901  C CD1 . ILE B 1 46 ? -8.313  -10.309 10.557  1.00 35.33  ? 95  ILE B CD1 1 
ATOM   902  N N   . LYS B 1 47 ? -4.040  -8.901  7.425   1.00 18.38  ? 96  LYS B N   1 
ATOM   903  C CA  . LYS B 1 47 ? -2.812  -8.081  7.244   1.00 17.43  ? 96  LYS B CA  1 
ATOM   904  C C   . LYS B 1 47 ? -2.532  -7.882  5.744   1.00 21.23  ? 96  LYS B C   1 
ATOM   905  O O   . LYS B 1 47 ? -2.291  -6.728  5.294   1.00 22.02  ? 96  LYS B O   1 
ATOM   906  C CB  . LYS B 1 47 ? -1.639  -8.738  7.965   1.00 20.80  ? 96  LYS B CB  1 
ATOM   907  C CG  . LYS B 1 47 ? -0.396  -7.869  8.082   1.00 27.21  ? 96  LYS B CG  1 
ATOM   908  C CD  . LYS B 1 47 ? 0.443   -8.260  9.276   1.00 30.41  ? 96  LYS B CD  1 
ATOM   909  C CE  . LYS B 1 47 ? 1.632   -7.345  9.482   1.00 30.92  ? 96  LYS B CE  1 
ATOM   910  N NZ  . LYS B 1 47 ? 2.619   -7.995  10.374  1.00 31.86  ? 96  LYS B NZ  1 
ATOM   911  N N   . TYR B 1 48 ? -2.587  -8.958  4.979   1.00 16.86  ? 97  TYR B N   1 
ATOM   912  C CA  . TYR B 1 48 ? -2.437  -8.929  3.500   1.00 18.33  ? 97  TYR B CA  1 
ATOM   913  C C   . TYR B 1 48 ? -3.430  -7.932  2.894   1.00 18.41  ? 97  TYR B C   1 
ATOM   914  O O   . TYR B 1 48 ? -2.992  -7.065  2.126   1.00 18.23  ? 97  TYR B O   1 
ATOM   915  C CB  . TYR B 1 48 ? -2.697  -10.310 2.925   1.00 19.27  ? 97  TYR B CB  1 
ATOM   916  C CG  . TYR B 1 48 ? -2.553  -10.353 1.431   1.00 21.99  ? 97  TYR B CG  1 
ATOM   917  C CD1 . TYR B 1 48 ? -1.319  -10.491 0.840   1.00 30.93  ? 97  TYR B CD1 1 
ATOM   918  C CD2 . TYR B 1 48 ? -3.653  -10.079 0.629   1.00 39.24  ? 97  TYR B CD2 1 
ATOM   919  C CE1 . TYR B 1 48 ? -1.199  -10.502 -0.543  1.00 31.59  ? 97  TYR B CE1 1 
ATOM   920  C CE2 . TYR B 1 48 ? -3.547  -10.024 -0.748  1.00 35.07  ? 97  TYR B CE2 1 
ATOM   921  C CZ  . TYR B 1 48 ? -2.314  -10.257 -1.329  1.00 32.32  ? 97  TYR B CZ  1 
ATOM   922  O OH  . TYR B 1 48 ? -2.196  -10.222 -2.687  1.00 56.56  ? 97  TYR B OH  1 
ATOM   923  N N   . PHE B 1 49 ? -4.694  -8.029  3.252   1.00 15.62  ? 98  PHE B N   1 
ATOM   924  C CA  . PHE B 1 49 ? -5.756  -7.177  2.659   1.00 15.25  ? 98  PHE B CA  1 
ATOM   925  C C   . PHE B 1 49 ? -5.556  -5.714  3.068   1.00 17.50  ? 98  PHE B C   1 
ATOM   926  O O   . PHE B 1 49 ? -5.745  -4.806  2.254   1.00 18.40  ? 98  PHE B O   1 
ATOM   927  C CB  . PHE B 1 49 ? -7.143  -7.680  3.045   1.00 15.82  ? 98  PHE B CB  1 
ATOM   928  C CG  . PHE B 1 49 ? -7.489  -9.022  2.480   1.00 22.96  ? 98  PHE B CG  1 
ATOM   929  C CD1 . PHE B 1 49 ? -7.093  -9.350  1.199   1.00 27.03  ? 98  PHE B CD1 1 
ATOM   930  C CD2 . PHE B 1 49 ? -8.184  -9.951  3.233   1.00 23.80  ? 98  PHE B CD2 1 
ATOM   931  C CE1 . PHE B 1 49 ? -7.381  -10.603 0.681   1.00 36.38  ? 98  PHE B CE1 1 
ATOM   932  C CE2 . PHE B 1 49 ? -8.495  -11.191 2.707   1.00 23.14  ? 98  PHE B CE2 1 
ATOM   933  C CZ  . PHE B 1 49 ? -8.057  -11.518 1.447   1.00 27.19  ? 98  PHE B CZ  1 
ATOM   934  N N   . ASP B 1 50 ? -5.258  -5.439  4.337   1.00 18.82  ? 99  ASP B N   1 
ATOM   935  C CA  . ASP B 1 50 ? -5.001  -4.057  4.799   1.00 19.88  ? 99  ASP B CA  1 
ATOM   936  C C   . ASP B 1 50 ? -3.839  -3.460  3.988   1.00 15.82  ? 99  ASP B C   1 
ATOM   937  O O   . ASP B 1 50 ? -3.983  -2.278  3.553   1.00 19.35  ? 99  ASP B O   1 
ATOM   938  C CB  . ASP B 1 50 ? -4.723  -4.037  6.300   1.00 19.61  ? 99  ASP B CB  1 
ATOM   939  C CG  . ASP B 1 50 ? -5.965  -4.221  7.163   1.00 21.92  ? 99  ASP B CG  1 
ATOM   940  O OD1 . ASP B 1 50 ? -7.084  -4.184  6.665   1.00 21.38  ? 99  ASP B OD1 1 
ATOM   941  O OD2 . ASP B 1 50 ? -5.773  -4.390  8.397   1.00 25.99  ? 99  ASP B OD2 1 
ATOM   942  N N   . LYS B 1 51 ? -2.745  -4.198  3.814   1.00 17.12  ? 100 LYS B N   1 
ATOM   943  C CA  . LYS B 1 51 ? -1.566  -3.667  3.052   1.00 21.12  ? 100 LYS B CA  1 
ATOM   944  C C   . LYS B 1 51 ? -1.962  -3.450  1.592   1.00 18.30  ? 100 LYS B C   1 
ATOM   945  O O   . LYS B 1 51 ? -1.539  -2.435  0.989   1.00 18.20  ? 100 LYS B O   1 
ATOM   946  C CB  . LYS B 1 51 ? -0.376  -4.597  3.179   1.00 18.80  ? 100 LYS B CB  1 
ATOM   947  C CG  . LYS B 1 51 ? 0.197   -4.576  4.588   1.00 23.17  ? 100 LYS B CG  1 
ATOM   948  C CD  . LYS B 1 51 ? 1.290   -5.536  4.760   1.00 22.76  ? 100 LYS B CD  1 
ATOM   949  C CE  . LYS B 1 51 ? 1.765   -5.626  6.200   1.00 27.33  ? 100 LYS B CE  1 
ATOM   950  N NZ  . LYS B 1 51 ? 2.530   -4.423  6.605   1.00 24.99  ? 100 LYS B NZ  1 
ATOM   951  N N   . ARG B 1 52 ? -2.722  -4.391  1.022   1.00 18.43  ? 101 ARG B N   1 
ATOM   952  C CA  . ARG B 1 52 ? -3.144  -4.265  -0.402  1.00 16.61  ? 101 ARG B CA  1 
ATOM   953  C C   . ARG B 1 52 ? -4.033  -3.019  -0.495  1.00 17.86  ? 101 ARG B C   1 
ATOM   954  O O   . ARG B 1 52 ? -3.878  -2.225  -1.463  1.00 19.96  ? 101 ARG B O   1 
ATOM   955  C CB  . ARG B 1 52 ? -3.844  -5.526  -0.902  1.00 17.71  ? 101 ARG B CB  1 
ATOM   956  C CG  . ARG B 1 52 ? -4.253  -5.407  -2.369  1.00 24.59  ? 101 ARG B CG  1 
ATOM   957  C CD  . ARG B 1 52 ? -4.554  -6.640  -3.189  1.00 40.19  ? 101 ARG B CD  1 
ATOM   958  N NE  . ARG B 1 52 ? -4.724  -6.204  -4.584  1.00 29.79  ? 101 ARG B NE  1 
ATOM   959  C CZ  . ARG B 1 52 ? -3.751  -6.095  -5.499  1.00 34.09  ? 101 ARG B CZ  1 
ATOM   960  N NH1 . ARG B 1 52 ? -2.510  -6.459  -5.236  1.00 42.20  ? 101 ARG B NH1 1 
ATOM   961  N NH2 . ARG B 1 52 ? -4.041  -5.653  -6.716  1.00 34.46  ? 101 ARG B NH2 1 
ATOM   962  N N   . ARG B 1 53 ? -4.944  -2.806  0.439   1.00 16.87  ? 102 ARG B N   1 
ATOM   963  C CA  A ARG B 1 53 ? -5.882  -1.640  0.434   0.50 19.38  ? 102 ARG B CA  1 
ATOM   964  C CA  B ARG B 1 53 ? -5.859  -1.650  0.301   0.50 18.48  ? 102 ARG B CA  1 
ATOM   965  C C   . ARG B 1 53 ? -5.065  -0.343  0.402   1.00 21.13  ? 102 ARG B C   1 
ATOM   966  O O   . ARG B 1 53 ? -5.366  0.559   -0.393  1.00 21.04  ? 102 ARG B O   1 
ATOM   967  C CB  A ARG B 1 53 ? -6.801  -1.650  1.668   0.50 25.30  ? 102 ARG B CB  1 
ATOM   968  C CB  B ARG B 1 53 ? -7.024  -1.651  1.285   0.50 17.62  ? 102 ARG B CB  1 
ATOM   969  C CG  A ARG B 1 53 ? -7.792  -0.494  1.783   0.50 21.95  ? 102 ARG B CG  1 
ATOM   970  C CG  B ARG B 1 53 ? -8.169  -0.799  0.764   0.50 19.77  ? 102 ARG B CG  1 
ATOM   971  C CD  A ARG B 1 53 ? -8.777  -0.451  0.626   0.50 20.85  ? 102 ARG B CD  1 
ATOM   972  C CD  B ARG B 1 53 ? -9.270  -0.540  1.760   0.50 20.54  ? 102 ARG B CD  1 
ATOM   973  N NE  A ARG B 1 53 ? -9.836  0.561   0.736   0.50 24.94  ? 102 ARG B NE  1 
ATOM   974  N NE  B ARG B 1 53 ? -10.245 0.300   1.083   0.50 23.81  ? 102 ARG B NE  1 
ATOM   975  C CZ  A ARG B 1 53 ? -10.944 0.564   -0.005  0.50 21.86  ? 102 ARG B CZ  1 
ATOM   976  C CZ  B ARG B 1 53 ? -10.218 1.616   1.086   0.50 23.31  ? 102 ARG B CZ  1 
ATOM   977  N NH1 A ARG B 1 53 ? -11.156 -0.381  -0.899  0.50 28.20  ? 102 ARG B NH1 1 
ATOM   978  N NH1 B ARG B 1 53 ? -9.299  2.265   1.787   0.50 26.55  ? 102 ARG B NH1 1 
ATOM   979  N NH2 A ARG B 1 53 ? -11.859 1.502   0.157   0.50 23.80  ? 102 ARG B NH2 1 
ATOM   980  N NH2 B ARG B 1 53 ? -11.119 2.278   0.383   0.50 24.84  ? 102 ARG B NH2 1 
ATOM   981  N N   . ASP B 1 54 ? -4.069  -0.250  1.280   1.00 19.83  ? 103 ASP B N   1 
ATOM   982  C CA  . ASP B 1 54 ? -3.245  0.980   1.388   1.00 20.05  ? 103 ASP B CA  1 
ATOM   983  C C   . ASP B 1 54 ? -2.556  1.222   0.059   1.00 21.95  ? 103 ASP B C   1 
ATOM   984  O O   . ASP B 1 54 ? -2.518  2.380   -0.411  1.00 23.47  ? 103 ASP B O   1 
ATOM   985  C CB  . ASP B 1 54 ? -2.201  0.890   2.494   1.00 25.26  ? 103 ASP B CB  1 
ATOM   986  C CG  . ASP B 1 54 ? -2.719  1.305   3.849   1.00 47.13  ? 103 ASP B CG  1 
ATOM   987  O OD1 . ASP B 1 54 ? -3.896  1.701   3.920   1.00 46.58  ? 103 ASP B OD1 1 
ATOM   988  O OD2 . ASP B 1 54 ? -1.937  1.219   4.818   1.00 48.83  ? 103 ASP B OD2 1 
ATOM   989  N N   . TYR B 1 55 ? -1.984  0.185   -0.514  1.00 19.31  ? 104 TYR B N   1 
ATOM   990  C CA  . TYR B 1 55 ? -1.291  0.268   -1.822  1.00 21.07  ? 104 TYR B CA  1 
ATOM   991  C C   . TYR B 1 55 ? -2.278  0.790   -2.858  1.00 23.11  ? 104 TYR B C   1 
ATOM   992  O O   . TYR B 1 55 ? -1.993  1.827   -3.533  1.00 22.01  ? 104 TYR B O   1 
ATOM   993  C CB  . TYR B 1 55 ? -0.713  -1.080  -2.217  1.00 19.74  ? 104 TYR B CB  1 
ATOM   994  C CG  . TYR B 1 55 ? -0.528  -1.245  -3.692  1.00 21.28  ? 104 TYR B CG  1 
ATOM   995  C CD1 . TYR B 1 55 ? 0.292   -0.365  -4.368  1.00 21.89  ? 104 TYR B CD1 1 
ATOM   996  C CD2 . TYR B 1 55 ? -1.132  -2.278  -4.384  1.00 25.49  ? 104 TYR B CD2 1 
ATOM   997  C CE1 . TYR B 1 55 ? 0.461   -0.472  -5.733  1.00 26.70  ? 104 TYR B CE1 1 
ATOM   998  C CE2 . TYR B 1 55 ? -0.955  -2.409  -5.752  1.00 30.20  ? 104 TYR B CE2 1 
ATOM   999  C CZ  . TYR B 1 55 ? -0.141  -1.509  -6.417  1.00 28.80  ? 104 TYR B CZ  1 
ATOM   1000 O OH  . TYR B 1 55 ? 0.096   -1.608  -7.761  1.00 35.06  ? 104 TYR B OH  1 
ATOM   1001 N N   . LEU B 1 56 ? -3.453  0.169   -2.937  1.00 24.02  ? 105 LEU B N   1 
ATOM   1002 C CA  . LEU B 1 56 ? -4.415  0.513   -4.030  1.00 27.32  ? 105 LEU B CA  1 
ATOM   1003 C C   . LEU B 1 56 ? -4.913  1.940   -3.852  1.00 24.52  ? 105 LEU B C   1 
ATOM   1004 O O   . LEU B 1 56 ? -5.032  2.646   -4.872  1.00 23.30  ? 105 LEU B O   1 
ATOM   1005 C CB  . LEU B 1 56 ? -5.602  -0.453  -4.058  1.00 24.49  ? 105 LEU B CB  1 
ATOM   1006 C CG  . LEU B 1 56 ? -5.282  -1.866  -4.525  1.00 26.37  ? 105 LEU B CG  1 
ATOM   1007 C CD1 . LEU B 1 56 ? -6.536  -2.726  -4.468  1.00 27.87  ? 105 LEU B CD1 1 
ATOM   1008 C CD2 . LEU B 1 56 ? -4.677  -1.875  -5.928  1.00 30.21  ? 105 LEU B CD2 1 
ATOM   1009 N N   . LYS B 1 57 ? -5.161  2.391   -2.620  1.00 23.84  ? 106 LYS B N   1 
ATOM   1010 C CA  . LYS B 1 57 ? -5.668  3.755   -2.345  1.00 22.78  ? 106 LYS B CA  1 
ATOM   1011 C C   . LYS B 1 57 ? -4.622  4.795   -2.745  1.00 22.79  ? 106 LYS B C   1 
ATOM   1012 O O   . LYS B 1 57 ? -4.982  5.858   -3.326  1.00 24.00  ? 106 LYS B O   1 
ATOM   1013 C CB  . LYS B 1 57 ? -5.994  3.956   -0.864  1.00 29.78  ? 106 LYS B CB  1 
ATOM   1014 C CG  . LYS B 1 57 ? -7.324  3.366   -0.411  1.00 74.77  ? 106 LYS B CG  1 
ATOM   1015 C CD  . LYS B 1 57 ? -8.503  3.688   -1.319  1.00 90.11  ? 106 LYS B CD  1 
ATOM   1016 C CE  . LYS B 1 57 ? -8.678  5.171   -1.566  1.00 55.64  ? 106 LYS B CE  1 
ATOM   1017 N NZ  . LYS B 1 57 ? -9.997  5.491   -2.153  1.00 64.44  ? 106 LYS B NZ  1 
ATOM   1018 N N   . PHE B 1 58 ? -3.361  4.535   -2.412  1.00 19.61  ? 107 PHE B N   1 
ATOM   1019 C CA  . PHE B 1 58 ? -2.295  5.517   -2.680  1.00 20.24  ? 107 PHE B CA  1 
ATOM   1020 C C   . PHE B 1 58 ? -1.979  5.471   -4.159  1.00 24.17  ? 107 PHE B C   1 
ATOM   1021 O O   . PHE B 1 58 ? -1.555  6.474   -4.697  1.00 23.73  ? 107 PHE B O   1 
ATOM   1022 C CB  . PHE B 1 58 ? -1.092  5.344   -1.755  1.00 22.33  ? 107 PHE B CB  1 
ATOM   1023 C CG  . PHE B 1 58 ? -1.309  5.955   -0.398  1.00 19.93  ? 107 PHE B CG  1 
ATOM   1024 C CD1 . PHE B 1 58 ? -1.906  5.219   0.619   1.00 27.60  ? 107 PHE B CD1 1 
ATOM   1025 C CD2 . PHE B 1 58 ? -0.979  7.278   -0.154  1.00 38.95  ? 107 PHE B CD2 1 
ATOM   1026 C CE1 . PHE B 1 58 ? -2.126  5.794   1.864   1.00 33.82  ? 107 PHE B CE1 1 
ATOM   1027 C CE2 . PHE B 1 58 ? -1.197  7.849   1.091   1.00 44.05  ? 107 PHE B CE2 1 
ATOM   1028 C CZ  . PHE B 1 58 ? -1.768  7.104   2.099   1.00 45.29  ? 107 PHE B CZ  1 
ATOM   1029 N N   . LYS B 1 59 ? -2.141  4.316   -4.787  1.00 24.16  ? 108 LYS B N   1 
ATOM   1030 C CA  . LYS B 1 59 ? -1.955  4.228   -6.247  1.00 24.63  ? 108 LYS B CA  1 
ATOM   1031 C C   . LYS B 1 59 ? -3.035  5.087   -6.902  1.00 25.53  ? 108 LYS B C   1 
ATOM   1032 O O   . LYS B 1 59 ? -2.718  5.861   -7.823  1.00 27.80  ? 108 LYS B O   1 
ATOM   1033 C CB  . LYS B 1 59 ? -2.072  2.790   -6.705  1.00 21.44  ? 108 LYS B CB  1 
ATOM   1034 C CG  . LYS B 1 59 ? -1.901  2.651   -8.211  1.00 27.25  ? 108 LYS B CG  1 
ATOM   1035 C CD  . LYS B 1 59 ? -1.649  1.238   -8.635  1.00 30.61  ? 108 LYS B CD  1 
ATOM   1036 C CE  . LYS B 1 59 ? -2.903  0.401   -8.696  1.00 50.90  ? 108 LYS B CE  1 
ATOM   1037 N NZ  . LYS B 1 59 ? -3.466  0.401   -10.065 1.00 64.65  ? 108 LYS B NZ  1 
ATOM   1038 N N   . GLU B 1 60 ? -4.280  4.912   -6.482  1.00 22.01  ? 109 GLU B N   1 
ATOM   1039 C CA  . GLU B 1 60 ? -5.412  5.712   -7.034  1.00 30.02  ? 109 GLU B CA  1 
ATOM   1040 C C   . GLU B 1 60 ? -5.145  7.206   -6.860  1.00 26.05  ? 109 GLU B C   1 
ATOM   1041 O O   . GLU B 1 60 ? -5.457  7.970   -7.823  1.00 28.56  ? 109 GLU B O   1 
ATOM   1042 C CB  . GLU B 1 60 ? -6.730  5.272   -6.406  1.00 35.43  ? 109 GLU B CB  1 
ATOM   1043 C CG  . GLU B 1 60 ? -7.272  4.011   -7.067  1.00 52.38  ? 109 GLU B CG  1 
ATOM   1044 C CD  . GLU B 1 60 ? -8.219  3.161   -6.239  1.00 65.42  ? 109 GLU B CD  1 
ATOM   1045 O OE1 . GLU B 1 60 ? -8.909  3.716   -5.371  1.00 52.49  ? 109 GLU B OE1 1 
ATOM   1046 O OE2 . GLU B 1 60 ? -8.268  1.941   -6.486  1.00 57.33  ? 109 GLU B OE2 1 
ATOM   1047 N N   . LYS B 1 61 ? -4.637  7.643   -5.704  1.00 25.95  ? 110 LYS B N   1 
ATOM   1048 C CA  . LYS B 1 61 ? -4.333  9.068   -5.415  1.00 24.84  ? 110 LYS B CA  1 
ATOM   1049 C C   . LYS B 1 61 ? -3.244  9.538   -6.403  1.00 27.31  ? 110 LYS B C   1 
ATOM   1050 O O   . LYS B 1 61 ? -3.360  10.636  -6.988  1.00 27.94  ? 110 LYS B O   1 
ATOM   1051 C CB  . LYS B 1 61 ? -3.871  9.278   -3.972  1.00 30.72  ? 110 LYS B CB  1 
ATOM   1052 C CG  . LYS B 1 61 ? -4.978  9.302   -2.919  1.00 38.79  ? 110 LYS B CG  1 
ATOM   1053 C CD  . LYS B 1 61 ? -4.454  9.578   -1.506  1.00 50.31  ? 110 LYS B CD  1 
ATOM   1054 C CE  . LYS B 1 61 ? -5.542  9.607   -0.453  1.00 73.18  ? 110 LYS B CE  1 
ATOM   1055 N NZ  . LYS B 1 61 ? -5.052  10.173  0.827   1.00 80.00  ? 110 LYS B NZ  1 
ATOM   1056 N N   . PHE B 1 62 ? -2.220  8.711   -6.588  1.00 22.55  ? 111 PHE B N   1 
ATOM   1057 C CA  . PHE B 1 62 ? -1.078  8.972   -7.503  1.00 22.55  ? 111 PHE B CA  1 
ATOM   1058 C C   . PHE B 1 62 ? -1.588  9.128   -8.940  1.00 25.08  ? 111 PHE B C   1 
ATOM   1059 O O   . PHE B 1 62 ? -1.260  10.142  -9.611  1.00 31.49  ? 111 PHE B O   1 
ATOM   1060 C CB  . PHE B 1 62 ? -0.077  7.821   -7.371  1.00 32.04  ? 111 PHE B CB  1 
ATOM   1061 C CG  . PHE B 1 62 ? 0.972   7.686   -8.446  1.00 33.75  ? 111 PHE B CG  1 
ATOM   1062 C CD1 . PHE B 1 62 ? 1.957   8.646   -8.617  1.00 39.41  ? 111 PHE B CD1 1 
ATOM   1063 C CD2 . PHE B 1 62 ? 1.006   6.546   -9.242  1.00 31.30  ? 111 PHE B CD2 1 
ATOM   1064 C CE1 . PHE B 1 62 ? 2.934   8.477   -9.589  1.00 47.98  ? 111 PHE B CE1 1 
ATOM   1065 C CE2 . PHE B 1 62 ? 1.995   6.378   -10.200 1.00 63.24  ? 111 PHE B CE2 1 
ATOM   1066 C CZ  . PHE B 1 62 ? 2.968   7.336   -10.354 1.00 41.09  ? 111 PHE B CZ  1 
ATOM   1067 N N   . GLU B 1 63 ? -2.372  8.177   -9.416  1.00 24.45  ? 112 GLU B N   1 
ATOM   1068 C CA  . GLU B 1 63 ? -2.833  8.208   -10.836 1.00 26.97  ? 112 GLU B CA  1 
ATOM   1069 C C   . GLU B 1 63 ? -3.844  9.341   -10.993 1.00 31.16  ? 112 GLU B C   1 
ATOM   1070 O O   . GLU B 1 63 ? -3.715  10.083  -11.977 1.00 31.18  ? 112 GLU B O   1 
ATOM   1071 C CB  . GLU B 1 63 ? -3.352  6.839   -11.244 1.00 33.19  ? 112 GLU B CB  1 
ATOM   1072 C CG  . GLU B 1 63 ? -2.234  5.827   -11.152 1.00 31.90  ? 112 GLU B CG  1 
ATOM   1073 C CD  . GLU B 1 63 ? -2.452  4.586   -11.969 1.00 43.20  ? 112 GLU B CD  1 
ATOM   1074 O OE1 . GLU B 1 63 ? -3.484  3.944   -11.750 1.00 44.51  ? 112 GLU B OE1 1 
ATOM   1075 O OE2 . GLU B 1 63 ? -1.582  4.285   -12.810 1.00 51.36  ? 112 GLU B OE2 1 
ATOM   1076 N N   . ALA B 1 64 ? -4.748  9.556   -10.027 1.00 27.24  ? 113 ALA B N   1 
ATOM   1077 C CA  . ALA B 1 64 ? -5.646  10.747  -10.048 1.00 37.01  ? 113 ALA B CA  1 
ATOM   1078 C C   . ALA B 1 64 ? -4.856  12.060  -10.249 1.00 26.83  ? 113 ALA B C   1 
ATOM   1079 O O   . ALA B 1 64 ? -5.293  12.884  -11.095 1.00 33.47  ? 113 ALA B O   1 
ATOM   1080 C CB  . ALA B 1 64 ? -6.507  10.823  -8.808  1.00 35.25  ? 113 ALA B CB  1 
ATOM   1081 N N   . GLY B 1 65 ? -3.784  12.311  -9.486  1.00 27.00  ? 114 GLY B N   1 
ATOM   1082 C CA  . GLY B 1 65 ? -2.969  13.541  -9.558  1.00 27.42  ? 114 GLY B CA  1 
ATOM   1083 C C   . GLY B 1 65 ? -2.364  13.739  -10.950 1.00 29.45  ? 114 GLY B C   1 
ATOM   1084 O O   . GLY B 1 65 ? -2.125  14.895  -11.359 1.00 32.86  ? 114 GLY B O   1 
ATOM   1085 N N   . GLN B 1 66 ? -2.065  12.627  -11.621 1.00 24.51  ? 115 GLN B N   1 
ATOM   1086 C CA  . GLN B 1 66 ? -1.446  12.632  -12.975 1.00 23.64  ? 115 GLN B CA  1 
ATOM   1087 C C   . GLN B 1 66 ? -2.510  12.949  -14.023 1.00 28.39  ? 115 GLN B C   1 
ATOM   1088 O O   . GLN B 1 66 ? -2.199  13.651  -15.027 1.00 27.93  ? 115 GLN B O   1 
ATOM   1089 C CB  . GLN B 1 66 ? -0.741  11.304  -13.219 1.00 26.14  ? 115 GLN B CB  1 
ATOM   1090 C CG  . GLN B 1 66 ? 0.367   11.050  -12.207 1.00 37.36  ? 115 GLN B CG  1 
ATOM   1091 C CD  . GLN B 1 66 ? 1.414   12.124  -12.297 1.00 29.99  ? 115 GLN B CD  1 
ATOM   1092 O OE1 . GLN B 1 66 ? 1.683   12.877  -11.365 1.00 42.38  ? 115 GLN B OE1 1 
ATOM   1093 N NE2 . GLN B 1 66 ? 2.007   12.212  -13.471 1.00 34.63  ? 115 GLN B NE2 1 
ATOM   1094 N N   . PHE B 1 67 ? -3.703  12.387  -13.861 1.00 26.81  ? 116 PHE B N   1 
ATOM   1095 C CA  . PHE B 1 67 ? -4.811  12.574  -14.836 1.00 33.98  ? 116 PHE B CA  1 
ATOM   1096 C C   . PHE B 1 67 ? -5.405  13.971  -14.727 1.00 35.06  ? 116 PHE B C   1 
ATOM   1097 O O   . PHE B 1 67 ? -5.728  14.541  -15.778 1.00 45.26  ? 116 PHE B O   1 
ATOM   1098 C CB  . PHE B 1 67 ? -5.916  11.547  -14.633 1.00 33.95  ? 116 PHE B CB  1 
ATOM   1099 C CG  . PHE B 1 67 ? -5.752  10.311  -15.462 1.00 36.34  ? 116 PHE B CG  1 
ATOM   1100 C CD1 . PHE B 1 67 ? -5.799  10.393  -16.845 1.00 48.99  ? 116 PHE B CD1 1 
ATOM   1101 C CD2 . PHE B 1 67 ? -5.624  9.064   -14.867 1.00 82.62  ? 116 PHE B CD2 1 
ATOM   1102 C CE1 . PHE B 1 67 ? -5.691  9.249   -17.618 1.00 59.10  ? 116 PHE B CE1 1 
ATOM   1103 C CE2 . PHE B 1 67 ? -5.515  7.921   -15.643 1.00 53.76  ? 116 PHE B CE2 1 
ATOM   1104 C CZ  . PHE B 1 67 ? -5.545  8.018   -17.015 1.00 147.12 ? 116 PHE B CZ  1 
ATOM   1105 N N   . GLU B 1 68 ? -5.507  14.519  -13.516 1.00 30.75  ? 117 GLU B N   1 
ATOM   1106 C CA  . GLU B 1 68 ? -6.079  15.857  -13.246 1.00 41.23  ? 117 GLU B CA  1 
ATOM   1107 C C   . GLU B 1 68 ? -5.033  16.738  -12.564 1.00 35.52  ? 117 GLU B C   1 
ATOM   1108 O O   . GLU B 1 68 ? -5.143  17.042  -11.370 1.00 40.85  ? 117 GLU B O   1 
ATOM   1109 C CB  . GLU B 1 68 ? -7.371  15.740  -12.426 1.00 52.02  ? 117 GLU B CB  1 
ATOM   1110 C CG  . GLU B 1 68 ? -8.608  15.587  -13.299 1.00 57.39  ? 117 GLU B CG  1 
ATOM   1111 C CD  . GLU B 1 68 ? -9.961  15.657  -12.604 1.00 87.39  ? 117 GLU B CD  1 
ATOM   1112 O OE1 . GLU B 1 68 ? -10.099 15.009  -11.551 1.00 66.78  ? 117 GLU B OE1 1 
ATOM   1113 O OE2 . GLU B 1 68 ? -10.892 16.337  -13.135 1.00 49.79  ? 117 GLU B OE2 1 
ATOM   1114 N N   . PRO B 1 69 ? -4.041  17.259  -13.327 1.00 32.37  ? 118 PRO B N   1 
ATOM   1115 C CA  . PRO B 1 69 ? -3.273  18.425  -12.883 1.00 46.07  ? 118 PRO B CA  1 
ATOM   1116 C C   . PRO B 1 69 ? -4.217  19.595  -12.541 1.00 52.33  ? 118 PRO B C   1 
ATOM   1117 O O   . PRO B 1 69 ? -5.223  19.758  -13.257 1.00 33.42  ? 118 PRO B O   1 
ATOM   1118 C CB  . PRO B 1 69 ? -2.378  18.781  -14.091 1.00 45.81  ? 118 PRO B CB  1 
ATOM   1119 C CG  . PRO B 1 69 ? -2.361  17.528  -14.942 1.00 41.18  ? 118 PRO B CG  1 
ATOM   1120 C CD  . PRO B 1 69 ? -3.689  16.848  -14.699 1.00 35.49  ? 118 PRO B CD  1 
ATOM   1121 N N   . SER B 1 70 ? -3.892  20.367  -11.488 1.00 59.75  ? 119 SER B N   1 
ATOM   1122 C CA  . SER B 1 70 ? -4.760  21.405  -10.851 1.00 84.49  ? 119 SER B CA  1 
ATOM   1123 C C   . SER B 1 70 ? -4.598  22.763  -11.552 1.00 61.90  ? 119 SER B C   1 
ATOM   1124 O O   . SER B 1 70 ? -3.681  22.919  -12.367 1.00 55.95  ? 119 SER B O   1 
ATOM   1125 C CB  . SER B 1 70 ? -4.472  21.524  -9.369  1.00 52.36  ? 119 SER B CB  1 
ATOM   1126 O OG  . SER B 1 70 ? -3.331  22.342  -9.134  1.00 68.30  ? 119 SER B OG  1 
HETATM 1127 S S   . SO4 C 2 .  ? 27.107  -0.278  8.996   1.00 66.54  ? 201 SO4 A S   1 
HETATM 1128 O O1  . SO4 C 2 .  ? 26.709  0.179   7.679   1.00 62.72  ? 201 SO4 A O1  1 
HETATM 1129 O O2  . SO4 C 2 .  ? 26.449  0.570   10.019  1.00 34.95  ? 201 SO4 A O2  1 
HETATM 1130 O O3  . SO4 C 2 .  ? 28.541  -0.149  9.125   1.00 58.25  ? 201 SO4 A O3  1 
HETATM 1131 O O4  . SO4 C 2 .  ? 26.756  -1.698  9.117   1.00 41.07  ? 201 SO4 A O4  1 
HETATM 1132 O O   . HOH D 3 .  ? 7.613   1.164   2.895   1.00 35.19  ? 301 HOH A O   1 
HETATM 1133 O O   . HOH D 3 .  ? 21.511  -4.260  8.657   1.00 27.68  ? 302 HOH A O   1 
HETATM 1134 O O   . HOH D 3 .  ? 5.706   7.014   3.388   1.00 30.54  ? 303 HOH A O   1 
HETATM 1135 O O   . HOH D 3 .  ? 0.272   12.165  -8.941  1.00 35.54  ? 304 HOH A O   1 
HETATM 1136 O O   . HOH D 3 .  ? 19.292  7.772   -8.571  1.00 36.28  ? 305 HOH A O   1 
HETATM 1137 O O   . HOH D 3 .  ? 10.878  -1.254  3.232   1.00 29.94  ? 306 HOH A O   1 
HETATM 1138 O O   . HOH D 3 .  ? 5.257   -4.936  4.869   1.00 35.36  ? 307 HOH A O   1 
HETATM 1139 O O   . HOH D 3 .  ? 13.201  14.460  -10.402 1.00 35.51  ? 308 HOH A O   1 
HETATM 1140 O O   . HOH D 3 .  ? 13.239  -4.485  -5.373  1.00 42.76  ? 309 HOH A O   1 
HETATM 1141 O O   . HOH D 3 .  ? 2.285   -0.252  -8.547  1.00 39.44  ? 310 HOH A O   1 
HETATM 1142 O O   . HOH D 3 .  ? 22.897  -1.043  -5.297  1.00 49.68  ? 311 HOH A O   1 
HETATM 1143 O O   . HOH D 3 .  ? 4.292   -15.643 9.576   1.00 40.29  ? 312 HOH A O   1 
HETATM 1144 O O   . HOH D 3 .  ? 15.894  4.577   4.401   1.00 26.49  ? 313 HOH A O   1 
HETATM 1145 O O   . HOH D 3 .  ? 13.165  -1.220  -8.512  1.00 30.09  ? 314 HOH A O   1 
HETATM 1146 O O   . HOH D 3 .  ? 22.851  0.061   -2.831  1.00 43.30  ? 315 HOH A O   1 
HETATM 1147 O O   . HOH D 3 .  ? 0.869   -1.151  1.733   1.00 22.10  ? 316 HOH A O   1 
HETATM 1148 O O   . HOH D 3 .  ? 17.830  9.476   -10.353 1.00 30.48  ? 317 HOH A O   1 
HETATM 1149 O O   . HOH D 3 .  ? 11.631  2.733   3.656   1.00 39.94  ? 318 HOH A O   1 
HETATM 1150 O O   . HOH D 3 .  ? 15.568  -0.302  9.586   1.00 32.53  ? 319 HOH A O   1 
HETATM 1151 O O   . HOH D 3 .  ? 21.444  1.175   -4.897  1.00 24.04  ? 320 HOH A O   1 
HETATM 1152 O O   . HOH D 3 .  ? 17.888  6.993   -4.453  1.00 21.32  ? 321 HOH A O   1 
HETATM 1153 O O   . HOH D 3 .  ? -0.227  8.792   -3.266  1.00 31.12  ? 322 HOH A O   1 
HETATM 1154 O O   . HOH D 3 .  ? 10.098  2.597   -0.517  1.00 19.26  ? 323 HOH A O   1 
HETATM 1155 O O   . HOH D 3 .  ? 6.339   -9.669  -3.752  1.00 27.39  ? 324 HOH A O   1 
HETATM 1156 O O   . HOH D 3 .  ? 24.902  -4.881  1.940   1.00 30.14  ? 325 HOH A O   1 
HETATM 1157 O O   . HOH D 3 .  ? 17.438  9.585   5.168   1.00 37.23  ? 326 HOH A O   1 
HETATM 1158 O O   . HOH D 3 .  ? 6.787   14.997  -16.201 1.00 41.17  ? 327 HOH A O   1 
HETATM 1159 O O   . HOH D 3 .  ? 3.011   15.495  -3.669  1.00 39.94  ? 328 HOH A O   1 
HETATM 1160 O O   . HOH D 3 .  ? 22.599  4.654   5.670   1.00 27.80  ? 329 HOH A O   1 
HETATM 1161 O O   . HOH D 3 .  ? 19.613  8.202   -6.140  1.00 33.85  ? 330 HOH A O   1 
HETATM 1162 O O   . HOH D 3 .  ? 13.915  -1.031  7.920   1.00 36.80  ? 331 HOH A O   1 
HETATM 1163 O O   . HOH D 3 .  ? 22.317  5.164   1.106   1.00 26.69  ? 332 HOH A O   1 
HETATM 1164 O O   . HOH D 3 .  ? 5.490   17.170  -3.324  1.00 48.63  ? 333 HOH A O   1 
HETATM 1165 O O   . HOH D 3 .  ? 19.730  0.942   -9.641  1.00 42.14  ? 334 HOH A O   1 
HETATM 1166 O O   . HOH D 3 .  ? 15.058  2.482   9.860   1.00 30.28  ? 335 HOH A O   1 
HETATM 1167 O O   . HOH D 3 .  ? 10.326  1.342   2.070   1.00 26.41  ? 336 HOH A O   1 
HETATM 1168 O O   . HOH D 3 .  ? 15.105  6.206   6.496   1.00 41.07  ? 337 HOH A O   1 
HETATM 1169 O O   . HOH E 3 .  ? -14.803 -16.936 7.429   1.00 28.03  ? 201 HOH B O   1 
HETATM 1170 O O   . HOH E 3 .  ? -16.936 -24.069 6.989   1.00 38.14  ? 202 HOH B O   1 
HETATM 1171 O O   . HOH E 3 .  ? -9.964  2.034   -3.668  1.00 49.69  ? 203 HOH B O   1 
HETATM 1172 O O   . HOH E 3 .  ? -17.398 -6.863  6.778   1.00 32.97  ? 204 HOH B O   1 
HETATM 1173 O O   . HOH E 3 .  ? -5.680  -0.612  4.897   1.00 46.53  ? 205 HOH B O   1 
HETATM 1174 O O   . HOH E 3 .  ? -8.555  -3.597  4.432   1.00 27.79  ? 206 HOH B O   1 
HETATM 1175 O O   . HOH E 3 .  ? -3.384  -5.358  9.452   1.00 37.73  ? 207 HOH B O   1 
HETATM 1176 O O   . HOH E 3 .  ? 4.592   -6.042  7.865   1.00 32.98  ? 208 HOH B O   1 
HETATM 1177 O O   . HOH E 3 .  ? -3.562  -16.297 9.684   1.00 35.55  ? 209 HOH B O   1 
HETATM 1178 O O   . HOH E 3 .  ? -19.532 -8.375  6.614   1.00 45.77  ? 210 HOH B O   1 
HETATM 1179 O O   . HOH E 3 .  ? -6.165  -16.170 12.508  1.00 39.86  ? 211 HOH B O   1 
HETATM 1180 O O   . HOH E 3 .  ? -20.164 -0.949  9.824   1.00 45.99  ? 212 HOH B O   1 
HETATM 1181 O O   . HOH E 3 .  ? 0.828   -8.273  12.846  1.00 39.72  ? 213 HOH B O   1 
HETATM 1182 O O   . HOH E 3 .  ? -15.141 8.945   15.295  1.00 53.03  ? 214 HOH B O   1 
HETATM 1183 O O   . HOH E 3 .  ? -7.684  7.728   -1.981  1.00 55.91  ? 215 HOH B O   1 
HETATM 1184 O O   . HOH E 3 .  ? 0.713   -0.572  4.401   1.00 30.14  ? 216 HOH B O   1 
# 
loop_
_atom_site_anisotrop.id 
_atom_site_anisotrop.type_symbol 
_atom_site_anisotrop.pdbx_label_atom_id 
_atom_site_anisotrop.pdbx_label_alt_id 
_atom_site_anisotrop.pdbx_label_comp_id 
_atom_site_anisotrop.pdbx_label_asym_id 
_atom_site_anisotrop.pdbx_label_seq_id 
_atom_site_anisotrop.pdbx_PDB_ins_code 
_atom_site_anisotrop.U[1][1] 
_atom_site_anisotrop.U[2][2] 
_atom_site_anisotrop.U[3][3] 
_atom_site_anisotrop.U[1][2] 
_atom_site_anisotrop.U[1][3] 
_atom_site_anisotrop.U[2][3] 
_atom_site_anisotrop.pdbx_auth_seq_id 
_atom_site_anisotrop.pdbx_auth_comp_id 
_atom_site_anisotrop.pdbx_auth_asym_id 
_atom_site_anisotrop.pdbx_auth_atom_id 
1   N N   . MET A 3  ? 0.4760 0.4808 0.4996 -0.0173 -0.0290 0.0599  52 MET A N   
2   C CA  . MET A 3  ? 0.4294 0.4558 0.4429 -0.0146 -0.0173 0.0532  52 MET A CA  
3   C C   . MET A 3  ? 0.6665 0.6984 0.6812 -0.0184 -0.0141 0.0524  52 MET A C   
4   O O   . MET A 3  ? 0.4578 0.4942 0.4697 -0.0137 -0.0088 0.0415  52 MET A O   
5   C CB  . MET A 3  ? 0.4920 0.5499 0.5014 -0.0137 -0.0142 0.0607  52 MET A CB  
6   C CG  . MET A 3  ? 0.4873 0.5667 0.4933 -0.0061 -0.0084 0.0446  52 MET A CG  
7   S SD  . MET A 3  ? 0.5426 0.6103 0.5519 0.0026  -0.0085 0.0246  52 MET A SD  
8   C CE  . MET A 3  ? 0.5116 0.6161 0.5172 0.0104  -0.0098 0.0223  52 MET A CE  
9   N N   . LYS A 4  ? 0.5461 0.5808 0.5688 -0.0273 -0.0189 0.0661  53 LYS A N   
10  C CA  . LYS A 4  ? 0.5113 0.5516 0.5365 -0.0309 -0.0169 0.0645  53 LYS A CA  
11  C C   . LYS A 4  ? 0.4310 0.4518 0.4553 -0.0249 -0.0172 0.0486  53 LYS A C   
12  O O   . LYS A 4  ? 0.4226 0.4519 0.4422 -0.0216 -0.0110 0.0420  53 LYS A O   
13  C CB  . LYS A 4  ? 0.4865 0.5290 0.5275 -0.0437 -0.0256 0.0832  53 LYS A CB  
14  N N   . GLU A 5  ? 0.4074 0.4096 0.4377 -0.0218 -0.0257 0.0425  54 GLU A N   
15  C CA  . GLU A 5  ? 0.4492 0.4490 0.4796 -0.0134 -0.0279 0.0266  54 GLU A CA  
16  C C   . GLU A 5  ? 0.4880 0.5007 0.5074 -0.0080 -0.0169 0.0242  54 GLU A C   
17  O O   . GLU A 5  ? 0.3889 0.4137 0.4068 -0.0047 -0.0132 0.0214  54 GLU A O   
18  C CB  . GLU A 5  ? 0.5120 0.5001 0.5514 -0.0057 -0.0408 0.0148  54 GLU A CB  
19  N N   . ARG A 6  ? 0.3963 0.4085 0.4123 -0.0080 -0.0133 0.0278  55 ARG A N   
20  C CA  . ARG A 6  ? 0.3388 0.3591 0.3539 -0.0050 -0.0077 0.0272  55 ARG A CA  
21  C C   . ARG A 6  ? 0.4646 0.4897 0.4836 -0.0070 -0.0044 0.0300  55 ARG A C   
22  O O   . ARG A 6  ? 0.3250 0.3564 0.3501 -0.0060 -0.0033 0.0337  55 ARG A O   
23  C CB  . ARG A 6  ? 0.4296 0.4469 0.4439 -0.0039 -0.0085 0.0265  55 ARG A CB  
24  C CG  . ARG A 6  ? 0.4017 0.4260 0.4219 -0.0024 -0.0063 0.0262  55 ARG A CG  
25  C CD  . ARG A 6  ? 0.3013 0.3241 0.3202 -0.0005 -0.0078 0.0228  55 ARG A CD  
26  N NE  . ARG A 6  ? 0.3710 0.3930 0.3850 0.0039  -0.0111 0.0199  55 ARG A NE  
27  C CZ  . ARG A 6  ? 0.2772 0.3116 0.2931 0.0077  -0.0110 0.0172  55 ARG A CZ  
28  N NH1 . ARG A 6  ? 0.3134 0.3622 0.3391 0.0040  -0.0076 0.0233  55 ARG A NH1 
29  N NH2 . ARG A 6  ? 0.3380 0.3738 0.3499 0.0152  -0.0164 0.0097  55 ARG A NH2 
30  N N   . GLN A 7  ? 0.3813 0.5233 0.3159 -0.0615 -0.0479 0.1790  56 GLN A N   
31  C CA  . GLN A 7  ? 0.4470 0.6013 0.3504 -0.0540 -0.0323 0.1589  56 GLN A CA  
32  C C   . GLN A 7  ? 0.3728 0.5188 0.3065 -0.0535 -0.0206 0.1491  56 GLN A C   
33  O O   . GLN A 7  ? 0.3463 0.4846 0.2692 -0.0453 -0.0145 0.1233  56 GLN A O   
34  C CB  . GLN A 7  ? 0.5041 0.6952 0.3743 -0.0513 -0.0210 0.1789  56 GLN A CB  
35  C CG  . GLN A 7  ? 0.7963 0.9888 0.6008 -0.0406 -0.0264 0.1632  56 GLN A CG  
36  C CD  . GLN A 7  ? 0.8630 1.0945 0.6361 -0.0377 -0.0176 0.1937  56 GLN A CD  
37  O OE1 . GLN A 7  ? 1.0833 1.3507 0.8594 -0.0312 0.0060  0.2103  56 GLN A OE1 
38  N NE2 . GLN A 7  ? 0.7362 0.9672 0.4865 -0.0439 -0.0368 0.2080  56 GLN A NE2 
39  N N   . VAL A 8  ? 0.3322 0.4727 0.3022 -0.0631 -0.0225 0.1692  57 VAL A N   
40  C CA  . VAL A 8  ? 0.3362 0.4627 0.3326 -0.0662 -0.0190 0.1611  57 VAL A CA  
41  C C   . VAL A 8  ? 0.3081 0.4017 0.3066 -0.0571 -0.0220 0.1307  57 VAL A C   
42  O O   . VAL A 8  ? 0.2920 0.3849 0.2906 -0.0534 -0.0147 0.1132  57 VAL A O   
43  C CB  . VAL A 8  ? 0.3818 0.4967 0.4106 -0.0816 -0.0296 0.1895  57 VAL A CB  
44  C CG1 . VAL A 8  ? 0.4603 0.5487 0.5099 -0.0869 -0.0351 0.1784  57 VAL A CG1 
45  C CG2 . VAL A 8  ? 0.4040 0.5657 0.4362 -0.0922 -0.0231 0.2265  57 VAL A CG2 
46  N N   . CYS A 9  ? 0.2996 0.3735 0.3030 -0.0525 -0.0310 0.1290  58 CYS A N   
47  C CA  . CYS A 9  ? 0.2819 0.3344 0.2918 -0.0420 -0.0308 0.1083  58 CYS A CA  
48  C C   . CYS A 9  ? 0.2658 0.3310 0.2569 -0.0394 -0.0268 0.0893  58 CYS A C   
49  O O   . CYS A 9  ? 0.2385 0.2945 0.2320 -0.0348 -0.0213 0.0727  58 CYS A O   
50  C CB  . CYS A 9  ? 0.2538 0.2973 0.2780 -0.0344 -0.0383 0.1189  58 CYS A CB  
51  S SG  . CYS A 9  ? 0.2824 0.3240 0.3177 -0.0208 -0.0341 0.1046  58 CYS A SG  
52  N N   . TRP A 10 ? 0.2887 0.3694 0.2566 -0.0422 -0.0324 0.0918  59 TRP A N   
53  C CA  . TRP A 10 ? 0.3718 0.4489 0.3140 -0.0392 -0.0349 0.0706  59 TRP A CA  
54  C C   . TRP A 10 ? 0.2715 0.3512 0.2018 -0.0320 -0.0198 0.0562  59 TRP A C   
55  O O   . TRP A 10 ? 0.2899 0.3561 0.2171 -0.0275 -0.0197 0.0387  59 TRP A O   
56  C CB  . TRP A 10 ? 0.4805 0.5624 0.3865 -0.0425 -0.0486 0.0726  59 TRP A CB  
57  C CG  . TRP A 10 ? 0.4968 0.5793 0.4235 -0.0507 -0.0675 0.0874  59 TRP A CG  
58  C CD1 . TRP A 10 ? 0.3914 0.4881 0.3287 -0.0549 -0.0753 0.1123  59 TRP A CD1 
59  C CD2 . TRP A 10 ? 0.4189 0.4942 0.3682 -0.0551 -0.0805 0.0846  59 TRP A CD2 
60  N NE1 . TRP A 10 ? 0.4178 0.5191 0.3842 -0.0593 -0.0912 0.1247  59 TRP A NE1 
61  C CE2 . TRP A 10 ? 0.3987 0.4906 0.3758 -0.0603 -0.0941 0.1100  59 TRP A CE2 
62  C CE3 . TRP A 10 ? 0.4660 0.5264 0.4185 -0.0557 -0.0829 0.0681  59 TRP A CE3 
63  C CZ2 . TRP A 10 ? 0.3638 0.4652 0.3757 -0.0662 -0.1084 0.1215  59 TRP A CZ2 
64  C CZ3 . TRP A 10 ? 0.4995 0.5655 0.4845 -0.0642 -0.0985 0.0800  59 TRP A CZ3 
65  C CH2 . TRP A 10 ? 0.4383 0.5284 0.4545 -0.0696 -0.1105 0.1076  59 TRP A CH2 
66  N N   . GLY A 11 ? 0.3014 0.4030 0.2292 -0.0314 -0.0085 0.0691  60 GLY A N   
67  C CA  . GLY A 11 ? 0.2841 0.4007 0.2095 -0.0228 0.0070  0.0630  60 GLY A CA  
68  C C   . GLY A 11 ? 0.2512 0.3540 0.2081 -0.0257 0.0071  0.0564  60 GLY A C   
69  O O   . GLY A 11 ? 0.2605 0.3643 0.2152 -0.0168 0.0141  0.0431  60 GLY A O   
70  N N   . ALA A 12 ? 0.2442 0.3328 0.2259 -0.0354 -0.0009 0.0662  61 ALA A N   
71  C CA  . ALA A 12 ? 0.2524 0.3214 0.2523 -0.0365 -0.0035 0.0582  61 ALA A CA  
72  C C   . ALA A 12 ? 0.2373 0.2903 0.2303 -0.0276 -0.0034 0.0384  61 ALA A C   
73  O O   . ALA A 12 ? 0.2416 0.2893 0.2389 -0.0242 -0.0010 0.0287  61 ALA A O   
74  C CB  . ALA A 12 ? 0.2493 0.2935 0.2638 -0.0435 -0.0144 0.0688  61 ALA A CB  
75  N N   . ARG A 13 ? 0.2187 0.2665 0.2060 -0.0262 -0.0086 0.0376  62 ARG A N   
76  C CA  . ARG A 13 ? 0.1993 0.2378 0.1873 -0.0222 -0.0114 0.0271  62 ARG A CA  
77  C C   . ARG A 13 ? 0.2165 0.2535 0.1880 -0.0183 -0.0094 0.0124  62 ARG A C   
78  O O   . ARG A 13 ? 0.2272 0.2558 0.2053 -0.0147 -0.0078 0.0047  62 ARG A O   
79  C CB  . ARG A 13 ? 0.2201 0.2615 0.2115 -0.0261 -0.0220 0.0359  62 ARG A CB  
80  C CG  . ARG A 13 ? 0.2643 0.3033 0.2710 -0.0258 -0.0265 0.0361  62 ARG A CG  
81  C CD  . ARG A 13 ? 0.3872 0.4156 0.3815 -0.0320 -0.0385 0.0265  62 ARG A CD  
82  N NE  . ARG A 13 ? 0.3885 0.4083 0.3533 -0.0380 -0.0529 0.0205  62 ARG A NE  
83  C CZ  . ARG A 13 ? 0.4046 0.4212 0.3683 -0.0498 -0.0748 0.0282  62 ARG A CZ  
84  N NH1 . ARG A 13 ? 0.4366 0.4695 0.4391 -0.0583 -0.0836 0.0494  62 ARG A NH1 
85  N NH2 . ARG A 13 ? 0.5342 0.5328 0.4549 -0.0521 -0.0894 0.0162  62 ARG A NH2 
86  N N   . ASP A 14 ? 0.2394 0.2831 0.1862 -0.0159 -0.0088 0.0097  63 ASP A N   
87  C CA  A ASP A 14 ? 0.2826 0.3180 0.2037 -0.0041 -0.0059 -0.0069 63 ASP A CA  
88  C CA  B ASP A 14 ? 0.2981 0.3330 0.2192 -0.0042 -0.0062 -0.0072 63 ASP A CA  
89  C C   . ASP A 14 ? 0.2472 0.2941 0.1848 0.0036  0.0071  -0.0082 63 ASP A C   
90  O O   . ASP A 14 ? 0.2520 0.2826 0.1873 0.0115  0.0056  -0.0203 63 ASP A O   
91  C CB  A ASP A 14 ? 0.3497 0.3937 0.2326 0.0039  -0.0029 -0.0085 63 ASP A CB  
92  C CB  B ASP A 14 ? 0.4018 0.4420 0.2817 0.0047  -0.0041 -0.0109 63 ASP A CB  
93  C CG  A ASP A 14 ? 0.3251 0.3514 0.1853 -0.0050 -0.0230 -0.0097 63 ASP A CG  
94  C CG  B ASP A 14 ? 0.4028 0.4215 0.2448 0.0244  -0.0023 -0.0328 63 ASP A CG  
95  O OD1 A ASP A 14 ? 0.3882 0.3986 0.2682 -0.0171 -0.0390 -0.0085 63 ASP A OD1 
96  O OD1 B ASP A 14 ? 0.4074 0.3918 0.2487 0.0234  -0.0157 -0.0466 63 ASP A OD1 
97  O OD2 A ASP A 14 ? 0.2827 0.3151 0.1079 0.0001  -0.0229 -0.0090 63 ASP A OD2 
98  O OD2 B ASP A 14 ? 0.4745 0.5100 0.2864 0.0430  0.0125  -0.0344 63 ASP A OD2 
99  N N   . GLU A 15 ? 0.2404 0.3127 0.1975 -0.0006 0.0151  0.0072  64 GLU A N   
100 C CA  . GLU A 15 ? 0.1980 0.2874 0.1753 0.0036  0.0229  0.0111  64 GLU A CA  
101 C C   . GLU A 15 ? 0.2048 0.2725 0.1959 -0.0004 0.0149  0.0041  64 GLU A C   
102 O O   . GLU A 15 ? 0.2251 0.2953 0.2232 0.0069  0.0172  0.0000  64 GLU A O   
103 C CB  . GLU A 15 ? 0.2348 0.3544 0.2356 -0.0071 0.0255  0.0346  64 GLU A CB  
104 C CG  . GLU A 15 ? 0.5101 0.6731 0.5163 0.0045  0.0414  0.0476  64 GLU A CG  
105 C CD  . GLU A 15 ? 0.3842 0.5824 0.4235 -0.0124 0.0401  0.0798  64 GLU A CD  
106 O OE1 . GLU A 15 ? 0.3459 0.5612 0.4184 -0.0203 0.0352  0.0925  64 GLU A OE1 
107 O OE2 . GLU A 15 ? 0.5132 0.7230 0.5450 -0.0181 0.0420  0.0944  64 GLU A OE2 
108 N N   . TYR A 16 ? 0.2156 0.2658 0.2106 -0.0092 0.0070  0.0058  65 TYR A N   
109 C CA  . TYR A 16 ? 0.2120 0.2449 0.2124 -0.0085 0.0028  0.0011  65 TYR A CA  
110 C C   . TYR A 16 ? 0.2211 0.2445 0.2168 -0.0024 0.0021  -0.0070 65 TYR A C   
111 O O   . TYR A 16 ? 0.2079 0.2276 0.2077 0.0016  0.0019  -0.0095 65 TYR A O   
112 C CB  . TYR A 16 ? 0.2018 0.2206 0.2019 -0.0108 -0.0007 0.0054  65 TYR A CB  
113 C CG  . TYR A 16 ? 0.1795 0.1842 0.1762 -0.0040 -0.0006 0.0022  65 TYR A CG  
114 C CD1 . TYR A 16 ? 0.2456 0.2428 0.2371 -0.0036 -0.0045 -0.0015 65 TYR A CD1 
115 C CD2 . TYR A 16 ? 0.1949 0.2001 0.1943 0.0023  0.0030  0.0066  65 TYR A CD2 
116 C CE1 . TYR A 16 ? 0.2390 0.2234 0.2171 0.0056  -0.0038 -0.0045 65 TYR A CE1 
117 C CE2 . TYR A 16 ? 0.2146 0.2152 0.2079 0.0130  0.0079  0.0080  65 TYR A CE2 
118 C CZ  . TYR A 16 ? 0.2373 0.2255 0.2151 0.0157  0.0052  0.0006  65 TYR A CZ  
119 O OH  . TYR A 16 ? 0.2795 0.2626 0.2411 0.0290  0.0103  0.0019  65 TYR A OH  
120 N N   . TRP A 17 ? 0.1971 0.2134 0.1846 -0.0040 -0.0025 -0.0090 66 TRP A N   
121 C CA  . TRP A 17 ? 0.2176 0.2164 0.2019 -0.0035 -0.0109 -0.0141 66 TRP A CA  
122 C C   . TRP A 17 ? 0.2321 0.2214 0.2046 0.0083  -0.0088 -0.0260 66 TRP A C   
123 O O   . TRP A 17 ? 0.2591 0.2321 0.2372 0.0103  -0.0146 -0.0274 66 TRP A O   
124 C CB  . TRP A 17 ? 0.1949 0.1834 0.1716 -0.0119 -0.0245 -0.0127 66 TRP A CB  
125 C CG  . TRP A 17 ? 0.2095 0.2110 0.2102 -0.0204 -0.0273 0.0049  66 TRP A CG  
126 C CD1 . TRP A 17 ? 0.2118 0.2280 0.2281 -0.0153 -0.0155 0.0148  66 TRP A CD1 
127 C CD2 . TRP A 17 ? 0.2359 0.2372 0.2460 -0.0322 -0.0436 0.0161  66 TRP A CD2 
128 N NE1 . TRP A 17 ? 0.1704 0.2009 0.2068 -0.0183 -0.0184 0.0325  66 TRP A NE1 
129 C CE2 . TRP A 17 ? 0.1901 0.2167 0.2293 -0.0314 -0.0365 0.0367  66 TRP A CE2 
130 C CE3 . TRP A 17 ? 0.2981 0.2779 0.2915 -0.0426 -0.0664 0.0108  66 TRP A CE3 
131 C CZ2 . TRP A 17 ? 0.2023 0.2453 0.2658 -0.0418 -0.0493 0.0576  66 TRP A CZ2 
132 C CZ3 . TRP A 17 ? 0.3006 0.2891 0.3146 -0.0584 -0.0852 0.0297  66 TRP A CZ3 
133 C CH2 . TRP A 17 ? 0.2349 0.2612 0.2900 -0.0584 -0.0756 0.0561  66 TRP A CH2 
134 N N   . LYS A 18 ? 0.2457 0.2476 0.2044 0.0184  0.0004  -0.0309 67 LYS A N   
135 C CA  . LYS A 18 ? 0.2242 0.2234 0.1730 0.0382  0.0073  -0.0401 67 LYS A CA  
136 C C   . LYS A 18 ? 0.2442 0.2595 0.2213 0.0397  0.0117  -0.0315 67 LYS A C   
137 O O   . LYS A 18 ? 0.2894 0.2906 0.2664 0.0523  0.0104  -0.0368 67 LYS A O   
138 C CB  . LYS A 18 ? 0.3145 0.3401 0.2477 0.0512  0.0218  -0.0389 67 LYS A CB  
139 C CG  . LYS A 18 ? 0.4474 0.4811 0.3718 0.0795  0.0354  -0.0445 67 LYS A CG  
140 C CD  . LYS A 18 ? 0.5148 0.4964 0.3970 0.0980  0.0263  -0.0686 67 LYS A CD  
141 C CE  . LYS A 18 ? 0.6314 0.6148 0.5048 0.1334  0.0410  -0.0752 67 LYS A CE  
142 N NZ  . LYS A 18 ? 0.8769 0.7926 0.6976 0.1531  0.0274  -0.1032 67 LYS A NZ  
143 N N   . CYS A 19 ? 0.1978 0.2351 0.1946 0.0270  0.0130  -0.0190 68 CYS A N   
144 C CA  . CYS A 19 ? 0.1985 0.2455 0.2155 0.0242  0.0100  -0.0109 68 CYS A CA  
145 C C   . CYS A 19 ? 0.2506 0.2734 0.2657 0.0231  0.0025  -0.0133 68 CYS A C   
146 O O   . CYS A 19 ? 0.2354 0.2581 0.2590 0.0300  0.0002  -0.0104 68 CYS A O   
147 C CB  . CYS A 19 ? 0.2095 0.2689 0.2362 0.0096  0.0057  -0.0011 68 CYS A CB  
148 S SG  . CYS A 19 ? 0.2306 0.2954 0.2709 0.0050  -0.0053 0.0067  68 CYS A SG  
149 N N   . LEU A 20 ? 0.2030 0.2111 0.2113 0.0153  -0.0012 -0.0135 69 LEU A N   
150 C CA  . LEU A 20 ? 0.2401 0.2351 0.2527 0.0132  -0.0067 -0.0073 69 LEU A CA  
151 C C   . LEU A 20 ? 0.2857 0.2593 0.2985 0.0193  -0.0138 -0.0115 69 LEU A C   
152 O O   . LEU A 20 ? 0.2804 0.2478 0.3016 0.0214  -0.0180 -0.0041 69 LEU A O   
153 C CB  . LEU A 20 ? 0.2344 0.2288 0.2488 0.0046  -0.0082 -0.0001 69 LEU A CB  
154 C CG  . LEU A 20 ? 0.2186 0.2245 0.2293 0.0050  -0.0012 0.0041  69 LEU A CG  
155 C CD1 . LEU A 20 ? 0.2155 0.2282 0.2347 0.0021  -0.0002 0.0156  69 LEU A CD1 
156 C CD2 . LEU A 20 ? 0.2401 0.2471 0.2427 0.0113  0.0015  0.0072  69 LEU A CD2 
157 N N   . ASP A 21 ? 0.2290 0.1845 0.2271 0.0225  -0.0181 -0.0232 70 ASP A N   
158 C CA  . ASP A 21 ? 0.2758 0.1948 0.2622 0.0329  -0.0284 -0.0332 70 ASP A CA  
159 C C   . ASP A 21 ? 0.3171 0.2442 0.3110 0.0523  -0.0199 -0.0338 70 ASP A C   
160 O O   . ASP A 21 ? 0.3210 0.2261 0.3230 0.0563  -0.0289 -0.0290 70 ASP A O   
161 C CB  . ASP A 21 ? 0.3546 0.2534 0.3080 0.0410  -0.0311 -0.0515 70 ASP A CB  
162 C CG  . ASP A 21 ? 0.5305 0.4130 0.4740 0.0225  -0.0475 -0.0512 70 ASP A CG  
163 O OD1 . ASP A 21 ? 0.4868 0.3680 0.4539 0.0035  -0.0596 -0.0351 70 ASP A OD1 
164 O OD2 . ASP A 21 ? 0.5722 0.4468 0.4846 0.0280  -0.0483 -0.0642 70 ASP A OD2 
165 N N   . GLU A 22 ? 0.2650 0.2268 0.2620 0.0632  -0.0046 -0.0342 71 GLU A N   
166 C CA  . GLU A 22 ? 0.2650 0.2457 0.2766 0.0833  0.0037  -0.0297 71 GLU A CA  
167 C C   . GLU A 22 ? 0.2771 0.2695 0.3129 0.0739  -0.0032 -0.0137 71 GLU A C   
168 O O   . GLU A 22 ? 0.2659 0.2601 0.3147 0.0891  -0.0036 -0.0082 71 GLU A O   
169 C CB  . GLU A 22 ? 0.3416 0.3718 0.3646 0.0892  0.0194  -0.0223 71 GLU A CB  
170 C CG  . GLU A 22 ? 0.3640 0.3940 0.3600 0.1059  0.0315  -0.0339 71 GLU A CG  
171 C CD  . GLU A 22 ? 0.6134 0.7005 0.6255 0.1066  0.0474  -0.0180 71 GLU A CD  
172 O OE1 . GLU A 22 ? 0.7769 0.8954 0.8213 0.0864  0.0430  0.0001  71 GLU A OE1 
173 O OE2 . GLU A 22 ? 0.7074 0.8055 0.6977 0.1270  0.0623  -0.0226 71 GLU A OE2 
174 N N   . ASN A 23 ? 0.2487 0.2471 0.2860 0.0530  -0.0079 -0.0064 72 ASN A N   
175 C CA  . ASN A 23 ? 0.2404 0.2484 0.2871 0.0458  -0.0143 0.0079  72 ASN A CA  
176 C C   . ASN A 23 ? 0.2363 0.2223 0.2791 0.0384  -0.0210 0.0155  72 ASN A C   
177 O O   . ASN A 23 ? 0.2444 0.2404 0.2845 0.0329  -0.0231 0.0283  72 ASN A O   
178 C CB  . ASN A 23 ? 0.2500 0.2794 0.2934 0.0340  -0.0146 0.0108  72 ASN A CB  
179 C CG  . ASN A 23 ? 0.2427 0.3016 0.3034 0.0370  -0.0130 0.0145  72 ASN A CG  
180 O OD1 . ASN A 23 ? 0.2577 0.3336 0.3361 0.0426  -0.0183 0.0253  72 ASN A OD1 
181 N ND2 . ASN A 23 ? 0.2078 0.2783 0.2689 0.0344  -0.0057 0.0108  72 ASN A ND2 
182 N N   . LEU A 24 ? 0.2879 0.2446 0.3289 0.0384  -0.0265 0.0111  73 LEU A N   
183 C CA  . LEU A 24 ? 0.2755 0.2132 0.3242 0.0279  -0.0373 0.0265  73 LEU A CA  
184 C C   . LEU A 24 ? 0.2704 0.2345 0.3199 0.0161  -0.0306 0.0416  73 LEU A C   
185 O O   . LEU A 24 ? 0.2565 0.2306 0.3135 0.0129  -0.0314 0.0638  73 LEU A O   
186 C CB  . LEU A 24 ? 0.3297 0.2563 0.3899 0.0360  -0.0450 0.0385  73 LEU A CB  
187 C CG  . LEU A 24 ? 0.4347 0.3246 0.4913 0.0539  -0.0517 0.0231  73 LEU A CG  
188 C CD1 . LEU A 24 ? 0.4881 0.3690 0.5590 0.0656  -0.0585 0.0362  73 LEU A CD1 
189 C CD2 . LEU A 24 ? 0.5010 0.3415 0.5462 0.0466  -0.0679 0.0137  73 LEU A CD2 
190 N N   . GLU A 25 ? 0.2519 0.2277 0.2923 0.0134  -0.0228 0.0318  74 GLU A N   
191 C CA  . GLU A 25 ? 0.2088 0.2054 0.2472 0.0089  -0.0142 0.0431  74 GLU A CA  
192 C C   . GLU A 25 ? 0.2165 0.2284 0.2369 0.0175  -0.0060 0.0471  74 GLU A C   
193 O O   . GLU A 25 ? 0.2873 0.3132 0.2993 0.0216  0.0037  0.0566  74 GLU A O   
194 C CB  . GLU A 25 ? 0.2384 0.2383 0.2983 -0.0014 -0.0198 0.0671  74 GLU A CB  
195 C CG  . GLU A 25 ? 0.3141 0.3320 0.3829 -0.0068 -0.0149 0.0751  74 GLU A CG  
196 C CD  . GLU A 25 ? 0.2839 0.2848 0.3455 -0.0117 -0.0221 0.0541  74 GLU A CD  
197 O OE1 . GLU A 25 ? 0.2746 0.2916 0.3401 -0.0132 -0.0172 0.0580  74 GLU A OE1 
198 O OE2 . GLU A 25 ? 0.2951 0.2666 0.3474 -0.0121 -0.0334 0.0372  74 GLU A OE2 
199 N N   . ASP A 26 ? 0.2098 0.2191 0.2208 0.0218  -0.0102 0.0375  75 ASP A N   
200 C CA  . ASP A 26 ? 0.2436 0.2575 0.2274 0.0272  -0.0100 0.0357  75 ASP A CA  
201 C C   . ASP A 26 ? 0.2431 0.2505 0.2151 0.0248  -0.0098 0.0195  75 ASP A C   
202 O O   . ASP A 26 ? 0.2581 0.2664 0.2394 0.0192  -0.0171 0.0117  75 ASP A O   
203 C CB  . ASP A 26 ? 0.2617 0.2778 0.2454 0.0282  -0.0212 0.0387  75 ASP A CB  
204 C CG  . ASP A 26 ? 0.2497 0.2620 0.1971 0.0306  -0.0288 0.0353  75 ASP A CG  
205 O OD1 . ASP A 26 ? 0.2981 0.3001 0.2153 0.0361  -0.0225 0.0284  75 ASP A OD1 
206 O OD2 . ASP A 26 ? 0.2847 0.3015 0.2323 0.0290  -0.0425 0.0405  75 ASP A OD2 
207 N N   . ALA A 27 ? 0.2783 0.2824 0.2344 0.0303  -0.0011 0.0189  76 ALA A N   
208 C CA  . ALA A 27 ? 0.2837 0.2755 0.2295 0.0290  -0.0021 0.0063  76 ALA A CA  
209 C C   . ALA A 27 ? 0.2864 0.2593 0.2078 0.0262  -0.0174 -0.0039 76 ALA A C   
210 O O   . ALA A 27 ? 0.2860 0.2480 0.2091 0.0181  -0.0252 -0.0108 76 ALA A O   
211 C CB  . ALA A 27 ? 0.2966 0.2884 0.2293 0.0420  0.0111  0.0108  76 ALA A CB  
212 N N   . SER A 28 ? 0.2878 0.2555 0.1864 0.0301  -0.0256 -0.0023 77 SER A N   
213 C CA  . SER A 28 ? 0.3124 0.2574 0.1849 0.0234  -0.0486 -0.0108 77 SER A CA  
214 C C   . SER A 28 ? 0.3278 0.2914 0.2414 0.0045  -0.0622 -0.0052 77 SER A C   
215 O O   . SER A 28 ? 0.3732 0.3234 0.2787 -0.0080 -0.0860 -0.0065 77 SER A O   
216 C CB  . SER A 28 ? 0.3475 0.2845 0.1825 0.0314  -0.0576 -0.0087 77 SER A CB  
217 O OG  . SER A 28 ? 0.3507 0.3163 0.2153 0.0266  -0.0595 0.0064  77 SER A OG  
218 N N   . GLN A 29 ? 0.2854 0.2785 0.2389 0.0046  -0.0494 0.0031  78 GLN A N   
219 C CA  . GLN A 29 ? 0.2200 0.2399 0.2125 -0.0048 -0.0548 0.0114  78 GLN A CA  
220 C C   . GLN A 29 ? 0.2537 0.2773 0.2592 -0.0115 -0.0493 0.0093  78 GLN A C   
221 O O   . GLN A 29 ? 0.2600 0.3121 0.2968 -0.0183 -0.0515 0.0205  78 GLN A O   
222 C CB  . GLN A 29 ? 0.2313 0.2731 0.2507 0.0060  -0.0429 0.0182  78 GLN A CB  
223 C CG  . GLN A 29 ? 0.2878 0.3314 0.3040 0.0115  -0.0503 0.0268  78 GLN A CG  
224 C CD  . GLN A 29 ? 0.2794 0.3440 0.3136 0.0052  -0.0687 0.0394  78 GLN A CD  
225 O OE1 . GLN A 29 ? 0.2853 0.3604 0.3310 -0.0081 -0.0809 0.0429  78 GLN A OE1 
226 N NE2 . GLN A 29 ? 0.3127 0.3843 0.3513 0.0120  -0.0744 0.0503  78 GLN A NE2 
531 N N   . PRO B 1  ? 0.4775 0.4982 0.5468 0.0038  -0.0378 0.0191  50 PRO B N   
532 C CA  . PRO B 1  ? 0.3587 0.3679 0.3891 -0.0010 -0.0331 0.0178  50 PRO B CA  
533 C C   . PRO B 1  ? 0.3807 0.3765 0.4078 -0.0040 -0.0153 0.0168  50 PRO B C   
534 O O   . PRO B 1  ? 0.3712 0.3688 0.4142 -0.0031 -0.0059 0.0122  50 PRO B O   
535 C CB  . PRO B 1  ? 0.5117 0.5282 0.5413 -0.0074 -0.0384 0.0062  50 PRO B CB  
536 C CG  . PRO B 1  ? 0.4061 0.4361 0.4790 -0.0082 -0.0449 0.0039  50 PRO B CG  
537 C CD  . PRO B 1  ? 0.4465 0.4787 0.5410 -0.0029 -0.0347 0.0122  50 PRO B CD  
538 N N   . SER B 2  ? 0.4239 0.4091 0.4317 -0.0075 -0.0106 0.0186  51 SER B N   
539 C CA  . SER B 2  ? 0.3675 0.3413 0.3788 -0.0119 0.0001  0.0120  51 SER B CA  
540 C C   . SER B 2  ? 0.3647 0.3461 0.3698 -0.0163 0.0013  0.0006  51 SER B C   
541 O O   . SER B 2  ? 0.3098 0.3008 0.3128 -0.0177 -0.0035 0.0021  51 SER B O   
542 C CB  . SER B 2  ? 0.3253 0.2910 0.3309 -0.0163 0.0045  0.0184  51 SER B CB  
543 O OG  . SER B 2  ? 0.3285 0.3041 0.3198 -0.0204 0.0039  0.0149  51 SER B OG  
544 N N   . MET B 3  ? 0.3378 0.3148 0.3413 -0.0180 0.0050  -0.0106 52 MET B N   
545 C CA  . MET B 3  ? 0.3210 0.3067 0.3092 -0.0202 0.0028  -0.0168 52 MET B CA  
546 C C   . MET B 3  ? 0.3076 0.2972 0.2965 -0.0250 -0.0046 -0.0119 52 MET B C   
547 O O   . MET B 3  ? 0.3297 0.3265 0.3164 -0.0251 -0.0083 -0.0060 52 MET B O   
548 C CB  . MET B 3  ? 0.3608 0.3433 0.3411 -0.0201 0.0011  -0.0351 52 MET B CB  
549 C CG  . MET B 3  ? 0.5284 0.5223 0.4862 -0.0207 -0.0081 -0.0372 52 MET B CG  
550 S SD  . MET B 3  ? 0.9067 0.9142 0.8295 -0.0125 0.0025  -0.0334 52 MET B SD  
551 C CE  . MET B 3  ? 0.5185 0.5309 0.4606 -0.0148 0.0094  -0.0052 52 MET B CE  
552 N N   . LYS B 4  ? 0.2719 0.2568 0.2703 -0.0285 -0.0042 -0.0128 53 LYS B N   
553 C CA  . LYS B 4  ? 0.2748 0.2665 0.2796 -0.0309 -0.0065 -0.0119 53 LYS B CA  
554 C C   . LYS B 4  ? 0.2915 0.2876 0.2924 -0.0278 -0.0081 -0.0083 53 LYS B C   
555 O O   . LYS B 4  ? 0.2700 0.2707 0.2811 -0.0277 -0.0133 -0.0107 53 LYS B O   
556 C CB  . LYS B 4  ? 0.2700 0.2599 0.2875 -0.0346 0.0025  -0.0106 53 LYS B CB  
557 C CG  . LYS B 4  ? 0.3333 0.3342 0.3631 -0.0355 0.0051  -0.0140 53 LYS B CG  
558 C CD  . LYS B 4  ? 0.5048 0.5087 0.5536 -0.0398 0.0203  -0.0105 53 LYS B CD  
559 C CE  . LYS B 4  ? 0.8911 0.9014 0.9196 -0.0355 0.0361  -0.0040 53 LYS B CE  
560 N NZ  . LYS B 4  ? 0.8878 0.9093 0.9425 -0.0394 0.0568  -0.0009 53 LYS B NZ  
561 N N   . GLU B 5  ? 0.2779 0.2723 0.2706 -0.0248 -0.0066 -0.0043 54 GLU B N   
562 C CA  . GLU B 5  ? 0.2936 0.2945 0.2856 -0.0219 -0.0138 -0.0080 54 GLU B CA  
563 C C   . GLU B 5  ? 0.2682 0.2714 0.2804 -0.0233 -0.0196 -0.0078 54 GLU B C   
564 O O   . GLU B 5  ? 0.2809 0.2864 0.3093 -0.0239 -0.0261 -0.0148 54 GLU B O   
565 C CB  . GLU B 5  ? 0.3493 0.3508 0.3290 -0.0168 -0.0173 -0.0021 54 GLU B CB  
566 C CG  . GLU B 5  ? 0.3551 0.3573 0.3110 -0.0145 -0.0105 0.0020  54 GLU B CG  
567 C CD  . GLU B 5  ? 0.6305 0.6340 0.5671 -0.0069 -0.0172 0.0149  54 GLU B CD  
568 O OE1 . GLU B 5  ? 0.5843 0.5810 0.5362 -0.0047 -0.0198 0.0259  54 GLU B OE1 
569 O OE2 . GLU B 5  ? 0.5756 0.5888 0.4825 -0.0015 -0.0212 0.0121  54 GLU B OE2 
570 N N   . ARG B 6  ? 0.3100 0.3128 0.3247 -0.0236 -0.0148 0.0000  55 ARG B N   
571 C CA  . ARG B 6  ? 0.2906 0.2980 0.3237 -0.0251 -0.0128 0.0083  55 ARG B CA  
572 C C   . ARG B 6  ? 0.2543 0.2595 0.2907 -0.0271 -0.0154 0.0131  55 ARG B C   
573 O O   . ARG B 6  ? 0.2508 0.2555 0.3156 -0.0291 -0.0183 0.0201  55 ARG B O   
574 C CB  . ARG B 6  ? 0.2398 0.2512 0.2656 -0.0226 -0.0007 0.0144  55 ARG B CB  
575 C CG  . ARG B 6  ? 0.2995 0.3135 0.3367 -0.0184 0.0012  0.0115  55 ARG B CG  
576 C CD  . ARG B 6  ? 0.4588 0.4817 0.5069 -0.0142 0.0169  0.0149  55 ARG B CD  
577 N NE  . ARG B 6  ? 0.5254 0.5453 0.5442 -0.0108 0.0283  0.0079  55 ARG B NE  
578 C CZ  . ARG B 6  ? 0.7554 0.7659 0.7682 -0.0063 0.0293  -0.0056 55 ARG B CZ  
579 N NH1 . ARG B 6  ? 0.6112 0.6129 0.6419 -0.0045 0.0212  -0.0050 55 ARG B NH1 
580 N NH2 . ARG B 6  ? 0.5673 0.5764 0.5563 -0.0031 0.0366  -0.0196 55 ARG B NH2 
581 N N   . GLN B 7  ? 0.2505 0.2896 0.2648 -0.0221 -0.0488 -0.0270 56 GLN B N   
582 C CA  . GLN B 7  ? 0.2718 0.3232 0.2922 -0.0203 -0.0584 -0.0219 56 GLN B CA  
583 C C   . GLN B 7  ? 0.2133 0.2980 0.2683 -0.0162 -0.0458 -0.0150 56 GLN B C   
584 O O   . GLN B 7  ? 0.2648 0.3556 0.3238 -0.0072 -0.0439 -0.0127 56 GLN B O   
585 C CB  . GLN B 7  ? 0.3374 0.3876 0.3665 -0.0326 -0.0845 -0.0169 56 GLN B CB  
586 C CG  . GLN B 7  ? 0.3312 0.3342 0.3085 -0.0362 -0.0984 -0.0261 56 GLN B CG  
587 C CD  . GLN B 7  ? 0.4528 0.4339 0.3915 -0.0285 -0.0983 -0.0285 56 GLN B CD  
588 O OE1 . GLN B 7  ? 0.4517 0.4477 0.4057 -0.0280 -0.1117 -0.0188 56 GLN B OE1 
589 N NE2 . GLN B 7  ? 0.4545 0.3980 0.3449 -0.0228 -0.0823 -0.0402 56 GLN B NE2 
590 N N   . VAL B 8  ? 0.2192 0.3203 0.2952 -0.0228 -0.0364 -0.0116 57 VAL B N   
591 C CA  . VAL B 8  ? 0.2159 0.3396 0.3145 -0.0188 -0.0181 -0.0075 57 VAL B CA  
592 C C   . VAL B 8  ? 0.2239 0.3324 0.2974 -0.0094 -0.0048 -0.0129 57 VAL B C   
593 O O   . VAL B 8  ? 0.2286 0.3435 0.3095 -0.0004 0.0054  -0.0127 57 VAL B O   
594 C CB  . VAL B 8  ? 0.2369 0.3729 0.3503 -0.0311 -0.0076 -0.0024 57 VAL B CB  
595 C CG1 . VAL B 8  ? 0.2998 0.4456 0.4189 -0.0274 0.0194  -0.0015 57 VAL B CG1 
596 C CG2 . VAL B 8  ? 0.2399 0.3951 0.3885 -0.0419 -0.0219 0.0063  57 VAL B CG2 
597 N N   . CYS B 9  ? 0.2517 0.3403 0.3026 -0.0118 -0.0062 -0.0164 58 CYS B N   
598 C CA  . CYS B 9  ? 0.2103 0.2852 0.2450 -0.0059 0.0014  -0.0182 58 CYS B CA  
599 C C   . CYS B 9  ? 0.2479 0.3196 0.2766 0.0051  0.0007  -0.0194 58 CYS B C   
600 O O   . CYS B 9  ? 0.2281 0.2987 0.2550 0.0116  0.0076  -0.0187 58 CYS B O   
601 C CB  . CYS B 9  ? 0.2173 0.2767 0.2460 -0.0104 -0.0019 -0.0178 58 CYS B CB  
602 S SG  . CYS B 9  ? 0.2415 0.2890 0.2653 -0.0041 0.0034  -0.0159 58 CYS B SG  
603 N N   . TRP B 10 ? 0.2241 0.2877 0.2429 0.0064  -0.0077 -0.0212 59 TRP B N   
604 C CA  . TRP B 10 ? 0.2572 0.3094 0.2583 0.0136  -0.0099 -0.0206 59 TRP B CA  
605 C C   . TRP B 10 ? 0.2726 0.3386 0.2913 0.0184  -0.0173 -0.0153 59 TRP B C   
606 O O   . TRP B 10 ? 0.2345 0.2937 0.2470 0.0258  -0.0157 -0.0124 59 TRP B O   
607 C CB  . TRP B 10 ? 0.2727 0.3020 0.2446 0.0112  -0.0162 -0.0245 59 TRP B CB  
608 C CG  . TRP B 10 ? 0.2960 0.3102 0.2587 0.0115  -0.0024 -0.0298 59 TRP B CG  
609 C CD1 . TRP B 10 ? 0.3146 0.3313 0.2896 0.0151  0.0127  -0.0275 59 TRP B CD1 
610 C CD2 . TRP B 10 ? 0.3541 0.3459 0.2988 0.0091  -0.0022 -0.0374 59 TRP B CD2 
611 N NE1 . TRP B 10 ? 0.4095 0.4136 0.3867 0.0165  0.0237  -0.0313 59 TRP B NE1 
612 C CE2 . TRP B 10 ? 0.3446 0.3307 0.2996 0.0144  0.0172  -0.0392 59 TRP B CE2 
613 C CE3 . TRP B 10 ? 0.3669 0.3389 0.2877 0.0029  -0.0176 -0.0424 59 TRP B CE3 
614 C CZ2 . TRP B 10 ? 0.4505 0.4128 0.3966 0.0170  0.0268  -0.0473 59 TRP B CZ2 
615 C CZ3 . TRP B 10 ? 0.4106 0.3530 0.3115 0.0033  -0.0107 -0.0520 59 TRP B CZ3 
616 C CH2 . TRP B 10 ? 0.5277 0.4659 0.4427 0.0118  0.0133  -0.0552 59 TRP B CH2 
617 N N   . GLY B 11 ? 0.2165 0.3028 0.2648 0.0147  -0.0253 -0.0120 60 GLY B N   
618 C CA  . GLY B 11 ? 0.2481 0.3523 0.3306 0.0214  -0.0311 -0.0049 60 GLY B CA  
619 C C   . GLY B 11 ? 0.2307 0.3417 0.3265 0.0307  -0.0089 -0.0070 60 GLY B C   
620 O O   . GLY B 11 ? 0.2880 0.3995 0.3983 0.0415  -0.0090 -0.0039 60 GLY B O   
621 N N   . ALA B 12 ? 0.2137 0.3221 0.2983 0.0256  0.0080  -0.0124 61 ALA B N   
622 C CA  . ALA B 12 ? 0.2315 0.3325 0.3111 0.0310  0.0291  -0.0165 61 ALA B CA  
623 C C   . ALA B 12 ? 0.2777 0.3532 0.3285 0.0363  0.0271  -0.0186 61 ALA B C   
624 O O   . ALA B 12 ? 0.2560 0.3221 0.3090 0.0464  0.0361  -0.0203 61 ALA B O   
625 C CB  . ALA B 12 ? 0.2502 0.3461 0.3137 0.0191  0.0412  -0.0194 61 ALA B CB  
626 N N   . ARG B 13 ? 0.2620 0.3270 0.2928 0.0306  0.0170  -0.0174 62 ARG B N   
627 C CA  . ARG B 13 ? 0.2361 0.2814 0.2475 0.0334  0.0150  -0.0154 62 ARG B CA  
628 C C   . ARG B 13 ? 0.2511 0.2951 0.2685 0.0433  0.0071  -0.0110 62 ARG B C   
629 O O   . ARG B 13 ? 0.2911 0.3201 0.3027 0.0492  0.0090  -0.0094 62 ARG B O   
630 C CB  . ARG B 13 ? 0.2095 0.2493 0.2091 0.0267  0.0122  -0.0138 62 ARG B CB  
631 C CG  . ARG B 13 ? 0.2378 0.2621 0.2252 0.0271  0.0146  -0.0090 62 ARG B CG  
632 C CD  . ARG B 13 ? 0.3967 0.4118 0.3676 0.0309  0.0117  -0.0049 62 ARG B CD  
633 N NE  . ARG B 13 ? 0.3629 0.3773 0.3214 0.0300  0.0057  -0.0073 62 ARG B NE  
634 C CZ  . ARG B 13 ? 0.3282 0.3333 0.2706 0.0262  0.0126  -0.0105 62 ARG B CZ  
635 N NH1 . ARG B 13 ? 0.3491 0.3534 0.3000 0.0246  0.0279  -0.0107 62 ARG B NH1 
636 N NH2 . ARG B 13 ? 0.3085 0.3015 0.2271 0.0241  0.0029  -0.0132 62 ARG B NH2 
637 N N   . ASP B 14 ? 0.2452 0.2986 0.2703 0.0430  -0.0060 -0.0075 63 ASP B N   
638 C CA  . ASP B 14 ? 0.2832 0.3305 0.3114 0.0491  -0.0220 0.0005  63 ASP B CA  
639 C C   . ASP B 14 ? 0.2894 0.3474 0.3562 0.0618  -0.0176 0.0020  63 ASP B C   
640 O O   . ASP B 14 ? 0.3442 0.3862 0.4080 0.0696  -0.0232 0.0068  63 ASP B O   
641 C CB  . ASP B 14 ? 0.3087 0.3577 0.3344 0.0427  -0.0433 0.0051  63 ASP B CB  
642 C CG  . ASP B 14 ? 0.3094 0.3326 0.2842 0.0335  -0.0451 0.0025  63 ASP B CG  
643 O OD1 . ASP B 14 ? 0.4154 0.4266 0.3688 0.0333  -0.0284 -0.0004 63 ASP B OD1 
644 O OD2 . ASP B 14 ? 0.4298 0.4448 0.3909 0.0263  -0.0620 0.0037  63 ASP B OD2 
645 N N   . GLU B 15 ? 0.3322 0.4125 0.4322 0.0642  -0.0044 -0.0020 64 GLU B N   
646 C CA  . GLU B 15 ? 0.3562 0.4470 0.5000 0.0793  0.0077  -0.0014 64 GLU B CA  
647 C C   . GLU B 15 ? 0.2947 0.3557 0.4101 0.0861  0.0249  -0.0096 64 GLU B C   
648 O O   . GLU B 15 ? 0.3755 0.4276 0.5114 0.1008  0.0272  -0.0083 64 GLU B O   
649 C CB  . GLU B 15 ? 0.3237 0.4429 0.5061 0.0791  0.0266  -0.0037 64 GLU B CB  
650 C CG  . GLU B 15 ? 0.5641 0.7138 0.7889 0.0727  0.0064  0.0074  64 GLU B CG  
651 C CD  . GLU B 15 ? 0.5414 0.7088 0.8290 0.0850  -0.0095 0.0205  64 GLU B CD  
652 O OE1 . GLU B 15 ? 0.5595 0.7500 0.8869 0.0778  -0.0329 0.0325  64 GLU B OE1 
653 O OE2 . GLU B 15 ? 0.6121 0.7678 0.9108 0.1010  -0.0011 0.0195  64 GLU B OE2 
654 N N   . TYR B 16 ? 0.3446 0.3881 0.4173 0.0751  0.0336  -0.0168 65 TYR B N   
655 C CA  . TYR B 16 ? 0.3041 0.3115 0.3410 0.0754  0.0431  -0.0234 65 TYR B CA  
656 C C   . TYR B 16 ? 0.3535 0.3414 0.3787 0.0782  0.0267  -0.0163 65 TYR B C   
657 O O   . TYR B 16 ? 0.3940 0.3573 0.4167 0.0882  0.0296  -0.0181 65 TYR B O   
658 C CB  . TYR B 16 ? 0.3571 0.3523 0.3581 0.0587  0.0462  -0.0275 65 TYR B CB  
659 C CG  . TYR B 16 ? 0.3559 0.3097 0.3180 0.0540  0.0477  -0.0316 65 TYR B CG  
660 C CD1 . TYR B 16 ? 0.4664 0.3901 0.4099 0.0613  0.0646  -0.0416 65 TYR B CD1 
661 C CD2 . TYR B 16 ? 0.4077 0.3486 0.3529 0.0421  0.0322  -0.0248 65 TYR B CD2 
662 C CE1 . TYR B 16 ? 0.4348 0.3096 0.3326 0.0540  0.0609  -0.0458 65 TYR B CE1 
663 C CE2 . TYR B 16 ? 0.4097 0.3111 0.3241 0.0348  0.0267  -0.0255 65 TYR B CE2 
664 C CZ  . TYR B 16 ? 0.4580 0.3225 0.3433 0.0396  0.0382  -0.0365 65 TYR B CZ  
665 O OH  . TYR B 16 ? 0.5872 0.4018 0.4316 0.0300  0.0293  -0.0382 65 TYR B OH  
666 N N   . TRP B 17 ? 0.2918 0.2867 0.3081 0.0695  0.0115  -0.0081 66 TRP B N   
667 C CA  . TRP B 17 ? 0.2627 0.2373 0.2624 0.0690  -0.0012 0.0012  66 TRP B CA  
668 C C   . TRP B 17 ? 0.2914 0.2632 0.3149 0.0830  -0.0132 0.0078  66 TRP B C   
669 O O   . TRP B 17 ? 0.4296 0.3747 0.4427 0.0869  -0.0202 0.0134  66 TRP B O   
670 C CB  . TRP B 17 ? 0.3304 0.3092 0.3106 0.0576  -0.0075 0.0074  66 TRP B CB  
671 C CG  . TRP B 17 ? 0.2518 0.2277 0.2187 0.0463  0.0022  0.0059  66 TRP B CG  
672 C CD1 . TRP B 17 ? 0.3615 0.3350 0.3303 0.0414  0.0091  0.0002  66 TRP B CD1 
673 C CD2 . TRP B 17 ? 0.2836 0.2583 0.2366 0.0376  0.0060  0.0114  66 TRP B CD2 
674 N NE1 . TRP B 17 ? 0.2797 0.2542 0.2469 0.0303  0.0112  0.0046  66 TRP B NE1 
675 C CE2 . TRP B 17 ? 0.2997 0.2782 0.2619 0.0296  0.0136  0.0106  66 TRP B CE2 
676 C CE3 . TRP B 17 ? 0.3827 0.3482 0.3131 0.0352  0.0048  0.0180  66 TRP B CE3 
677 C CZ2 . TRP B 17 ? 0.3487 0.3299 0.3141 0.0227  0.0232  0.0164  66 TRP B CZ2 
678 C CZ3 . TRP B 17 ? 0.4627 0.4252 0.3824 0.0277  0.0197  0.0211  66 TRP B CZ3 
679 C CH2 . TRP B 17 ? 0.3811 0.3553 0.3264 0.0231  0.0304  0.0206  66 TRP B CH2 
680 N N   . LYS B 18 ? 0.3403 0.3377 0.3974 0.0880  -0.0206 0.0106  67 LYS B N   
681 C CA  A LYS B 18 ? 0.3714 0.3727 0.4680 0.1008  -0.0380 0.0207  67 LYS B CA  
682 C CA  B LYS B 18 ? 0.3714 0.3727 0.4680 0.1008  -0.0380 0.0207  67 LYS B CA  
683 C C   . LYS B 18 ? 0.3137 0.3046 0.4374 0.1186  -0.0204 0.0138  67 LYS B C   
684 O O   . LYS B 18 ? 0.4413 0.4113 0.5752 0.1290  -0.0327 0.0213  67 LYS B O   
685 C CB  A LYS B 18 ? 0.3839 0.4182 0.5195 0.0991  -0.0500 0.0260  67 LYS B CB  
686 C CB  B LYS B 18 ? 0.3839 0.4182 0.5195 0.0991  -0.0500 0.0260  67 LYS B CB  
687 N N   . CYS B 19 ? 0.4872 0.4830 0.6116 0.1209  0.0085  -0.0006 68 CYS B N   
688 C CA  . CYS B 19 ? 0.4291 0.4008 0.5580 0.1361  0.0330  -0.0122 68 CYS B CA  
689 C C   . CYS B 19 ? 0.6224 0.5475 0.7070 0.1340  0.0245  -0.0127 68 CYS B C   
690 O O   . CYS B 19 ? 0.5174 0.4194 0.6193 0.1504  0.0248  -0.0126 68 CYS B O   
691 C CB  . CYS B 19 ? 0.4582 0.4267 0.5662 0.1322  0.0649  -0.0279 68 CYS B CB  
692 S SG  . CYS B 19 ? 0.5725 0.5060 0.6862 0.1546  0.1018  -0.0439 68 CYS B SG  
693 N N   . LEU B 20 ? 0.5148 0.4267 0.5508 0.1146  0.0176  -0.0120 69 LEU B N   
694 C CA  . LEU B 20 ? 0.4824 0.3518 0.4804 0.1083  0.0091  -0.0100 69 LEU B CA  
695 C C   . LEU B 20 ? 0.4516 0.3141 0.4601 0.1119  -0.0142 0.0062  69 LEU B C   
696 O O   . LEU B 20 ? 0.6482 0.4728 0.6456 0.1167  -0.0198 0.0078  69 LEU B O   
697 C CB  . LEU B 20 ? 0.4269 0.2929 0.3888 0.0858  0.0053  -0.0079 69 LEU B CB  
698 C CG  . LEU B 20 ? 0.5126 0.3743 0.4525 0.0756  0.0187  -0.0194 69 LEU B CG  
699 C CD1 . LEU B 20 ? 0.4338 0.2973 0.3569 0.0544  0.0079  -0.0111 69 LEU B CD1 
700 C CD2 . LEU B 20 ? 0.6122 0.4259 0.5232 0.0808  0.0295  -0.0324 69 LEU B CD2 
701 N N   . ASP B 21 ? 0.5078 0.3969 0.5295 0.1080  -0.0293 0.0183  70 ASP B N   
702 C CA  . ASP B 21 ? 0.4992 0.3729 0.5150 0.1063  -0.0548 0.0362  70 ASP B CA  
703 C C   . ASP B 21 ? 0.9192 0.7791 0.9754 0.1273  -0.0649 0.0401  70 ASP B C   
704 O O   . ASP B 21 ? 0.7082 0.5304 0.7514 0.1297  -0.0768 0.0477  70 ASP B O   
705 C CB  . ASP B 21 ? 0.6005 0.4968 0.6184 0.0994  -0.0720 0.0468  70 ASP B CB  
706 C CG  . ASP B 21 ? 0.6516 0.5514 0.6256 0.0797  -0.0674 0.0482  70 ASP B CG  
707 O OD1 . ASP B 21 ? 0.7649 0.6520 0.7133 0.0704  -0.0543 0.0464  70 ASP B OD1 
708 O OD2 . ASP B 21 ? 0.7889 0.7030 0.7582 0.0742  -0.0764 0.0509  70 ASP B OD2 
709 N N   . GLU B 22 ? 0.5811 0.4718 0.6909 0.1417  -0.0602 0.0368  71 GLU B N   
710 C CA  . GLU B 22 ? 0.8752 0.7696 1.0517 0.1653  -0.0680 0.0428  71 GLU B CA  
711 C C   . GLU B 22 ? 1.0047 0.8637 1.1861 0.1836  -0.0463 0.0295  71 GLU B C   
712 O O   . GLU B 22 ? 1.0279 0.8666 1.2442 0.2004  -0.0606 0.0384  71 GLU B O   
713 C CB  . GLU B 22 ? 0.5780 0.5209 0.8164 0.1737  -0.0568 0.0399  71 GLU B CB  
714 N N   . ASN B 23 ? 0.5524 0.3992 0.6971 0.1797  -0.0156 0.0095  72 ASN B N   
715 C CA  . ASN B 23 ? 0.7376 0.5407 0.8674 0.1939  0.0110  -0.0089 72 ASN B CA  
716 C C   . ASN B 23 ? 0.8306 0.5813 0.8922 0.1775  -0.0018 -0.0091 72 ASN B C   
717 O O   . ASN B 23 ? 0.7875 0.4937 0.8080 0.1778  0.0169  -0.0265 72 ASN B O   
718 C CB  . ASN B 23 ? 0.9339 0.7513 1.0590 0.1955  0.0494  -0.0285 72 ASN B CB  
719 C CG  . ASN B 23 ? 1.1974 0.9615 1.2923 0.2086  0.0822  -0.0506 72 ASN B CG  
720 O OD1 . ASN B 23 ? 1.1740 0.9316 1.3152 0.2353  0.1057  -0.0578 72 ASN B OD1 
721 N ND2 . ASN B 23 ? 0.8822 0.6049 0.8994 0.1892  0.0843  -0.0611 72 ASN B ND2 
722 N N   . LEU B 24 ? 0.6267 0.3777 0.6727 0.1617  -0.0322 0.0104  73 LEU B N   
723 C CA  . LEU B 24 ? 0.6805 0.3886 0.6763 0.1442  -0.0480 0.0179  73 LEU B CA  
724 C C   . LEU B 24 ? 0.6149 0.3020 0.5636 0.1285  -0.0330 0.0035  73 LEU B C   
725 O O   . LEU B 24 ? 0.6458 0.2815 0.5622 0.1237  -0.0379 0.0000  73 LEU B O   
726 C CB  . LEU B 24 ? 0.7311 0.3925 0.7379 0.1593  -0.0629 0.0239  73 LEU B CB  
727 C CG  . LEU B 24 ? 0.9404 0.6249 1.0038 0.1756  -0.0815 0.0398  73 LEU B CG  
728 C CD1 . LEU B 24 ? 0.7494 0.3873 0.8311 0.1920  -0.0993 0.0479  73 LEU B CD1 
729 C CD2 . LEU B 24 ? 0.9277 0.6420 0.9782 0.1551  -0.1054 0.0609  73 LEU B CD2 
730 N N   . GLU B 25 ? 0.6450 0.3697 0.5882 0.1163  -0.0222 -0.0007 74 GLU B N   
731 C CA  . GLU B 25 ? 0.7350 0.4475 0.6385 0.0970  -0.0151 -0.0093 74 GLU B CA  
732 C C   . GLU B 25 ? 0.7323 0.3967 0.6041 0.1041  0.0022  -0.0307 74 GLU B C   
733 O O   . GLU B 25 ? 0.7333 0.3656 0.5603 0.0848  -0.0030 -0.0346 74 GLU B O   
734 C CB  . GLU B 25 ? 0.6379 0.3278 0.5147 0.0734  -0.0345 0.0045  74 GLU B CB  
735 C CG  . GLU B 25 ? 0.7182 0.4397 0.6104 0.0630  -0.0461 0.0256  74 GLU B CG  
736 C CD  . GLU B 25 ? 0.7265 0.4976 0.6305 0.0550  -0.0370 0.0270  74 GLU B CD  
737 O OE1 . GLU B 25 ? 0.8100 0.5865 0.7066 0.0405  -0.0338 0.0253  74 GLU B OE1 
738 O OE2 . GLU B 25 ? 0.7019 0.5022 0.6227 0.0631  -0.0357 0.0301  74 GLU B OE2 
739 N N   . ASP B 26 ? 0.8918 0.5474 0.7834 0.1295  0.0232  -0.0440 75 ASP B N   
740 C CA  . ASP B 26 ? 1.0973 0.7052 0.9445 0.1335  0.0494  -0.0673 75 ASP B CA  
741 C C   . ASP B 26 ? 0.9505 0.5984 0.7966 0.1252  0.0676  -0.0728 75 ASP B C   
742 O O   . ASP B 26 ? 0.7209 0.4168 0.6187 0.1408  0.0853  -0.0728 75 ASP B O   
743 C CB  . ASP B 26 ? 1.3050 0.8739 1.1646 0.1633  0.0725  -0.0821 75 ASP B CB  
744 C CG  . ASP B 26 ? 1.6210 1.1072 1.4030 0.1610  0.0913  -0.1057 75 ASP B CG  
745 O OD1 . ASP B 26 ? 1.1570 0.6198 0.8760 0.1341  0.0838  -0.1092 75 ASP B OD1 
746 O OD2 . ASP B 26 ? 1.9567 1.3963 1.7389 0.1853  0.1116  -0.1198 75 ASP B OD2 
747 N N   . ALA B 27 ? 0.6613 0.2900 0.4555 0.0994  0.0579  -0.0737 76 ALA B N   
748 C CA  . ALA B 27 ? 0.8737 0.5351 0.6605 0.0842  0.0639  -0.0737 76 ALA B CA  
749 C C   . ALA B 27 ? 0.9678 0.5859 0.7010 0.0843  0.0931  -0.0937 76 ALA B C   
750 O O   . ALA B 27 ? 0.7739 0.4143 0.4982 0.0724  0.1002  -0.0936 76 ALA B O   
751 C CB  . ALA B 27 ? 0.8469 0.5091 0.6144 0.0559  0.0336  -0.0600 76 ALA B CB  
752 N N   . SER B 28 ? 0.9914 0.5422 0.6817 0.0950  0.1086  -0.1099 77 SER B N   
753 C CA  . SER B 28 ? 1.0098 0.5123 0.6452 0.1008  0.1487  -0.1323 77 SER B CA  
754 C C   . SER B 28 ? 0.9183 0.4651 0.6259 0.1339  0.1899  -0.1380 77 SER B C   
755 O O   . SER B 28 ? 1.4180 0.9352 1.0985 0.1447  0.2343  -0.1560 77 SER B O   
756 C CB  . SER B 28 ? 1.1097 0.5104 0.6572 0.0950  0.1465  -0.1481 77 SER B CB  
757 O OG  . SER B 28 ? 1.0466 0.4274 0.6236 0.1184  0.1467  -0.1510 77 SER B OG  
758 N N   . GLN B 29 ? 0.9668 0.5840 0.7645 0.1468  0.1747  -0.1211 78 GLN B N   
759 C CA  . GLN B 29 ? 0.7656 0.4399 0.6544 0.1744  0.2000  -0.1182 78 GLN B CA  
760 C C   . GLN B 29 ? 0.7388 0.4900 0.6756 0.1643  0.1954  -0.1045 78 GLN B C   
761 O O   . GLN B 29 ? 0.8056 0.6101 0.8237 0.1819  0.2083  -0.0975 78 GLN B O   
762 C CB  . GLN B 29 ? 0.7445 0.4340 0.6931 0.1909  0.1732  -0.1047 78 GLN B CB  
763 C CG  . GLN B 29 ? 0.9390 0.5541 0.8347 0.1911  0.1583  -0.1113 78 GLN B CG  
764 C CD  . GLN B 29 ? 1.1126 0.6605 0.9775 0.2123  0.1983  -0.1353 78 GLN B CD  
765 O OE1 . GLN B 29 ? 0.9969 0.5458 0.9217 0.2426  0.2137  -0.1371 78 GLN B OE1 
766 N NE2 . GLN B 29 ? 0.9982 0.4810 0.7667 0.1959  0.2136  -0.1535 78 GLN B NE2 
767 N N   . CYS B 30 ? 0.7590 0.5165 0.6547 0.1367  0.1737  -0.0985 79 CYS B N   
768 C CA  . CYS B 30 ? 0.5792 0.4034 0.5177 0.1264  0.1621  -0.0848 79 CYS B CA  
769 C C   . CYS B 30 ? 0.7351 0.5427 0.6137 0.1028  0.1691  -0.0900 79 CYS B C   
770 O O   . CYS B 30 ? 0.6786 0.5178 0.5639 0.0864  0.1472  -0.0792 79 CYS B O   
771 C CB  . CYS B 30 ? 0.6563 0.5081 0.6156 0.1175  0.1204  -0.0678 79 CYS B CB  
772 S SG  . CYS B 30 ? 0.5247 0.3838 0.5362 0.1379  0.1006  -0.0569 79 CYS B SG  
773 N N   . LYS B 31 ? 0.7110 0.4624 0.5264 0.1007  0.1979  -0.1061 80 LYS B N   
774 C CA  . LYS B 31 ? 0.7910 0.5098 0.5322 0.0745  0.2005  -0.1099 80 LYS B CA  
775 C C   . LYS B 31 ? 0.7318 0.5064 0.5126 0.0704  0.2170  -0.1030 80 LYS B C   
776 O O   . LYS B 31 ? 0.7029 0.4823 0.4579 0.0470  0.1967  -0.0951 80 LYS B O   
777 C CB  . LYS B 31 ? 0.7941 0.4285 0.4486 0.0747  0.2315  -0.1303 80 LYS B CB  
778 N N   . LYS B 32 ? 0.7447 0.5633 0.5965 0.0920  0.2481  -0.1030 81 LYS B N   
779 C CA  . LYS B 32 ? 0.7139 0.5908 0.6170 0.0876  0.2623  -0.0936 81 LYS B CA  
780 C C   . LYS B 32 ? 0.6480 0.5758 0.5919 0.0762  0.2175  -0.0767 81 LYS B C   
781 O O   . LYS B 32 ? 0.5872 0.5253 0.5122 0.0551  0.2072  -0.0704 81 LYS B O   
782 C CB  . LYS B 32 ? 0.6338 0.5509 0.6225 0.1140  0.2997  -0.0933 81 LYS B CB  
783 N N   . LEU B 33 ? 0.4926 0.4466 0.4870 0.0890  0.1923  -0.0694 82 LEU B N   
784 C CA  . LEU B 33 ? 0.4968 0.4873 0.5168 0.0789  0.1531  -0.0559 82 LEU B CA  
785 C C   . LEU B 33 ? 0.4410 0.4000 0.3990 0.0584  0.1294  -0.0556 82 LEU B C   
786 O O   . LEU B 33 ? 0.3629 0.3460 0.3306 0.0464  0.1094  -0.0474 82 LEU B O   
787 C CB  . LEU B 33 ? 0.4128 0.4227 0.4822 0.0955  0.1334  -0.0485 82 LEU B CB  
788 C CG  . LEU B 33 ? 0.4646 0.5193 0.6161 0.1113  0.1426  -0.0408 82 LEU B CG  
789 C CD1 . LEU B 33 ? 0.4000 0.4582 0.5905 0.1278  0.1212  -0.0331 82 LEU B CD1 
790 C CD2 . LEU B 33 ? 0.5006 0.6005 0.6875 0.0985  0.1285  -0.0295 82 LEU B CD2 
791 N N   . ARG B 34 ? 0.4418 0.3477 0.3428 0.0541  0.1286  -0.0632 83 ARG B N   
792 C CA  . ARG B 34 ? 0.4486 0.3286 0.3036 0.0319  0.1025  -0.0587 83 ARG B CA  
793 C C   . ARG B 34 ? 0.4998 0.3770 0.3277 0.0137  0.1077  -0.0576 83 ARG B C   
794 O O   . ARG B 34 ? 0.5116 0.3980 0.3401 -0.0015 0.0834  -0.0483 83 ARG B O   
795 C CB  . ARG B 34 ? 0.6167 0.4340 0.4142 0.0274  0.0968  -0.0654 83 ARG B CB  
796 C CG  . ARG B 34 ? 0.5636 0.3528 0.3225 0.0025  0.0662  -0.0573 83 ARG B CG  
797 C CD  . ARG B 34 ? 0.5281 0.3468 0.3302 0.0016  0.0391  -0.0436 83 ARG B CD  
798 N NE  . ARG B 34 ? 0.4717 0.2820 0.2643 -0.0206 0.0126  -0.0322 83 ARG B NE  
799 C CZ  . ARG B 34 ? 0.4907 0.3239 0.3217 -0.0252 -0.0075 -0.0184 83 ARG B CZ  
800 N NH1 . ARG B 34 ? 0.4694 0.3322 0.3382 -0.0112 -0.0029 -0.0153 83 ARG B NH1 
801 N NH2 . ARG B 34 ? 0.4402 0.2683 0.2755 -0.0437 -0.0304 -0.0064 83 ARG B NH2 
802 N N   . SER B 35 ? 0.5287 0.3853 0.3278 0.0141  0.1400  -0.0667 84 SER B N   
803 C CA  . SER B 35 ? 0.5414 0.3913 0.3087 -0.0056 0.1473  -0.0637 84 SER B CA  
804 C C   . SER B 35 ? 0.4553 0.3663 0.2856 -0.0068 0.1379  -0.0525 84 SER B C   
805 O O   . SER B 35 ? 0.5620 0.4711 0.3765 -0.0256 0.1194  -0.0444 84 SER B O   
806 C CB  . SER B 35 ? 0.7476 0.5703 0.4794 -0.0029 0.1931  -0.0747 84 SER B CB  
807 O OG  . SER B 35 ? 0.8795 0.6251 0.5225 -0.0117 0.1964  -0.0857 84 SER B OG  
808 N N   . SER B 36 ? 0.4609 0.4193 0.3589 0.0119  0.1484  -0.0512 85 SER B N   
809 C CA  A SER B 36 ? 0.3985 0.4088 0.3525 0.0093  0.1356  -0.0406 85 SER B CA  
810 C CA  B SER B 36 ? 0.3891 0.3998 0.3438 0.0095  0.1355  -0.0406 85 SER B CA  
811 C C   . SER B 36 ? 0.3824 0.3950 0.3345 0.0016  0.0985  -0.0345 85 SER B C   
812 O O   . SER B 36 ? 0.3705 0.3925 0.3244 -0.0121 0.0851  -0.0282 85 SER B O   
813 C CB  A SER B 36 ? 0.4128 0.4660 0.4375 0.0281  0.1449  -0.0380 85 SER B CB  
814 C CB  B SER B 36 ? 0.3960 0.4501 0.4219 0.0283  0.1428  -0.0376 85 SER B CB  
815 O OG  A SER B 36 ? 0.4158 0.5089 0.4852 0.0229  0.1234  -0.0276 85 SER B OG  
816 O OG  B SER B 36 ? 0.3979 0.4562 0.4423 0.0378  0.1822  -0.0416 85 SER B OG  
817 N N   . PHE B 37 ? 0.3594 0.3594 0.3067 0.0095  0.0848  -0.0361 86 PHE B N   
818 C CA  . PHE B 37 ? 0.3413 0.3442 0.2925 0.0040  0.0577  -0.0299 86 PHE B CA  
819 C C   . PHE B 37 ? 0.3553 0.3335 0.2740 -0.0151 0.0447  -0.0257 86 PHE B C   
820 O O   . PHE B 37 ? 0.3447 0.3375 0.2816 -0.0214 0.0304  -0.0196 86 PHE B O   
821 C CB  . PHE B 37 ? 0.3372 0.3291 0.2886 0.0147  0.0517  -0.0306 86 PHE B CB  
822 C CG  . PHE B 37 ? 0.2720 0.2610 0.2251 0.0097  0.0324  -0.0238 86 PHE B CG  
823 C CD1 . PHE B 37 ? 0.2984 0.3105 0.2743 0.0081  0.0241  -0.0193 86 PHE B CD1 
824 C CD2 . PHE B 37 ? 0.3568 0.3167 0.2894 0.0062  0.0252  -0.0220 86 PHE B CD2 
825 C CE1 . PHE B 37 ? 0.3073 0.3168 0.2896 0.0060  0.0151  -0.0133 86 PHE B CE1 
826 C CE2 . PHE B 37 ? 0.3536 0.3156 0.2992 0.0015  0.0117  -0.0131 86 PHE B CE2 
827 C CZ  . PHE B 37 ? 0.2968 0.2859 0.2693 0.0030  0.0104  -0.0091 86 PHE B CZ  
# 
